data_8BOQ
#
_entry.id   8BOQ
#
_cell.length_a   109.969
_cell.length_b   151.048
_cell.length_c   158.863
_cell.angle_alpha   90.000
_cell.angle_beta   90.000
_cell.angle_gamma   90.000
#
_symmetry.space_group_name_H-M   'P 21 21 21'
#
loop_
_entity.id
_entity.type
_entity.pdbx_description
1 polymer 'Nitrogenase protein alpha chain'
2 polymer 'Fe-only nitrogenase, beta subunit'
3 polymer 'Nitrogenase iron-iron protein delta chain'
4 non-polymer 'FeFe cofactor'
5 non-polymer '3-HYDROXY-3-CARBOXY-ADIPIC ACID'
6 non-polymer 'FE(8)-S(7) CLUSTER'
7 non-polymer 'OXYGEN ATOM'
8 non-polymer 'HYDROSULFURIC ACID'
9 non-polymer 'MAGNESIUM ION'
10 water water
#
loop_
_entity_poly.entity_id
_entity_poly.type
_entity_poly.pdbx_seq_one_letter_code
_entity_poly.pdbx_strand_id
1 'polypeptide(L)'
;PHHEFECSKVIPERKKHAVIKGKGETLADALPQGYLNTIPGSISERGCAYCGAKHVIGTPMKDVIHISHGPVGCTYDTWQ
TKRYISDNDNFQLKYTYATDVKEKHIVFGAEKLLKQNIIEAFKAFPQIKRMTIYQTCATALIGDDINAIAEEVMEEMPEV
DIFVCNSPGFAGPSQSGGHHKINIAWINQKVGTVEPEITGDHVINYVGEYNIQGDQEVMVDYFKRMGIQVLSTFTGNGSY
DGLRAMHRAHLNVLECARSAEYICNELRVRYGIPRLDIDGFGFKPLADSLRKIGMFFGIEDRAKAIIDEEVARWKPELDW
YKERLMGKKVCLWPGGSKLWHWAHVIEEEMGLKVVSVYTKFGHQGDMEKGIARCGEGTLAIDDPNELEGLEALEMLKPDI
ILTGKRPGEVAKKVRVPYLNAHAYHNGPYKGFEGWVRFARDIYNAIYSPIHQLSGIDITKDNAPEWGNGFRTRQMLSDGN
LSDAVRNSETLRQYTGGYDSVSKLREREYPAFERK
;
A,D
2 'polypeptide(L)'
;TCEVKEKGRVGTINPIFTCQPAGAQFVSIGIKDCIGIVHGGQGCVMFVRLIFSQHYKESFELASSSLHEDGAVFGACGRV
EEAVDVLLSRYPDVKVVPIITTCSTEIIGDDVDGVIKKLNEGLLKEKFPDREVHLIAMHTPSFVGSMISGYDVAVRDVVR
HFAKREAPNDKINLLTGWVNPGDVKELKHLLGEMDIEANVLFEIESFDSPILPDGSAVSHGNTTIEDLIDTGNARATFAL
NRYEGTKAAEYLQKKFEIPAIIGPTPIGIRNTDIFLQNLKKATGKPIPQSLAHERGVAIDALADLTHMFLAEKRVAIYGA
PDLVIGLAEFCLDLEMKPVLLLLGDDNSKYVDDPRIKALQENVDYGMEIVTNADFWELENRIKNEGLELDLILGHSKGRF
ISIDYNIPMLRVGFPTYDRAGLFRYPTVGYGGAIWLAEQMANTLFADMEHKKNKEWVLNVW
;
B,E
3 'polypeptide(L)'
;VEAPVHPMDARIDELTDYIMKNCLWQFHSRSWDRERQNAEILKKTKELLCGEPVDLSTSHDRCYWVDAVCLADDYREHYP
WINSMSKEEIGSLMQGLKDRMDYLTITGSLNEELSDKHY
;
C,F
#
loop_
_chem_comp.id
_chem_comp.type
_chem_comp.name
_chem_comp.formula
CLF non-polymer 'FE(8)-S(7) CLUSTER' 'Fe8 S7'
H2S non-polymer 'HYDROSULFURIC ACID' 'H2 S'
HCA non-polymer '3-HYDROXY-3-CARBOXY-ADIPIC ACID' 'C7 H10 O7'
MG non-polymer 'MAGNESIUM ION' 'Mg 2'
O non-polymer 'OXYGEN ATOM' O
S5Q non-polymer 'FeFe cofactor' 'C Fe8 S9 -4'
#
# COMPACT_ATOMS: atom_id res chain seq x y z
N PRO A 1 21.82 -20.20 -45.60
CA PRO A 1 21.82 -21.66 -45.38
C PRO A 1 21.22 -22.04 -44.02
N HIS A 2 20.88 -23.32 -43.86
CA HIS A 2 20.36 -23.83 -42.61
C HIS A 2 21.40 -23.67 -41.52
N HIS A 3 20.95 -23.67 -40.26
CA HIS A 3 21.84 -23.48 -39.12
C HIS A 3 21.51 -24.50 -38.04
N GLU A 4 22.58 -25.12 -37.51
CA GLU A 4 22.48 -26.07 -36.40
C GLU A 4 22.98 -25.37 -35.14
N PHE A 5 22.28 -25.64 -34.02
CA PHE A 5 22.69 -25.14 -32.72
C PHE A 5 23.52 -26.22 -32.04
N GLU A 6 24.58 -25.82 -31.33
CA GLU A 6 25.28 -26.78 -30.49
C GLU A 6 24.28 -27.61 -29.70
N CYS A 7 23.34 -26.95 -29.01
CA CYS A 7 22.47 -27.61 -28.03
C CYS A 7 21.48 -28.58 -28.68
N SER A 8 21.32 -28.50 -30.01
CA SER A 8 20.36 -29.33 -30.74
C SER A 8 21.06 -30.29 -31.73
N LYS A 9 22.38 -30.42 -31.67
CA LYS A 9 23.10 -31.41 -32.49
C LYS A 9 22.50 -32.80 -32.25
N VAL A 10 22.19 -33.12 -30.99
CA VAL A 10 21.63 -34.42 -30.65
C VAL A 10 20.21 -34.63 -31.19
N ILE A 11 19.54 -33.57 -31.68
CA ILE A 11 18.24 -33.71 -32.31
C ILE A 11 18.31 -33.02 -33.67
N PRO A 12 18.97 -33.67 -34.66
CA PRO A 12 19.40 -32.98 -35.88
C PRO A 12 18.24 -32.55 -36.78
N GLU A 13 17.04 -33.08 -36.49
CA GLU A 13 15.82 -32.65 -37.17
C GLU A 13 15.65 -31.14 -37.02
N ARG A 14 16.24 -30.55 -35.96
CA ARG A 14 16.09 -29.12 -35.67
C ARG A 14 16.79 -28.26 -36.72
N LYS A 15 17.80 -28.82 -37.40
CA LYS A 15 18.60 -28.04 -38.34
C LYS A 15 17.70 -27.54 -39.47
N LYS A 16 16.59 -28.23 -39.72
CA LYS A 16 15.66 -27.89 -40.80
C LYS A 16 14.81 -26.68 -40.46
N HIS A 17 14.79 -26.29 -39.18
CA HIS A 17 13.91 -25.24 -38.69
C HIS A 17 14.62 -23.92 -38.48
N ALA A 18 15.91 -23.83 -38.89
CA ALA A 18 16.63 -22.57 -38.74
C ALA A 18 17.44 -22.27 -39.99
N VAL A 19 17.42 -21.00 -40.42
CA VAL A 19 18.32 -20.56 -41.48
C VAL A 19 18.91 -19.20 -41.12
N ILE A 20 20.18 -19.02 -41.51
CA ILE A 20 20.81 -17.71 -41.61
C ILE A 20 20.70 -17.20 -43.04
N LYS A 21 20.12 -16.00 -43.21
CA LYS A 21 19.94 -15.44 -44.54
C LYS A 21 21.31 -15.14 -45.14
N GLY A 22 21.73 -15.98 -46.09
CA GLY A 22 23.08 -15.95 -46.61
C GLY A 22 23.26 -14.89 -47.69
N LYS A 23 24.52 -14.55 -47.97
CA LYS A 23 24.83 -13.56 -48.99
C LYS A 23 24.22 -14.04 -50.32
N GLY A 24 23.38 -13.21 -50.93
CA GLY A 24 22.85 -13.48 -52.25
C GLY A 24 21.77 -14.57 -52.27
N GLU A 25 21.42 -15.14 -51.12
CA GLU A 25 20.38 -16.16 -51.05
C GLU A 25 19.01 -15.53 -51.27
N THR A 26 18.13 -16.26 -51.95
CA THR A 26 16.74 -15.87 -52.10
C THR A 26 15.84 -16.87 -51.37
N LEU A 27 14.53 -16.61 -51.41
CA LEU A 27 13.53 -17.48 -50.80
C LEU A 27 13.50 -18.87 -51.45
N ALA A 28 14.05 -18.99 -52.67
CA ALA A 28 14.07 -20.26 -53.38
C ALA A 28 15.29 -21.08 -52.97
N ASP A 29 16.23 -20.49 -52.22
CA ASP A 29 17.45 -21.18 -51.80
C ASP A 29 17.27 -21.89 -50.46
N ALA A 30 16.67 -21.20 -49.46
CA ALA A 30 16.52 -21.77 -48.12
C ALA A 30 15.29 -21.18 -47.41
N LEU A 31 14.57 -22.06 -46.69
CA LEU A 31 13.41 -21.66 -45.91
C LEU A 31 13.23 -22.68 -44.80
N PRO A 32 13.01 -22.26 -43.52
CA PRO A 32 12.86 -23.21 -42.42
C PRO A 32 11.59 -24.02 -42.64
N GLN A 33 11.58 -25.23 -42.09
CA GLN A 33 10.36 -25.97 -41.95
C GLN A 33 9.48 -25.18 -40.98
N GLY A 34 8.16 -25.46 -41.04
CA GLY A 34 7.18 -24.79 -40.21
C GLY A 34 5.89 -25.61 -40.13
N TYR A 35 5.15 -25.45 -39.04
CA TYR A 35 3.88 -26.14 -38.80
C TYR A 35 4.06 -27.65 -38.82
N LEU A 36 5.15 -28.15 -38.21
CA LEU A 36 5.33 -29.58 -38.00
C LEU A 36 5.06 -29.90 -36.54
N ASN A 37 5.12 -31.19 -36.20
CA ASN A 37 4.95 -31.64 -34.83
C ASN A 37 6.09 -31.10 -33.98
N THR A 38 5.83 -31.04 -32.67
CA THR A 38 6.82 -30.61 -31.70
C THR A 38 7.63 -31.82 -31.24
N ILE A 39 8.91 -31.57 -30.93
CA ILE A 39 9.80 -32.56 -30.34
C ILE A 39 9.53 -32.63 -28.85
N PRO A 40 9.06 -33.78 -28.32
CA PRO A 40 8.85 -33.90 -26.89
C PRO A 40 10.15 -33.64 -26.11
N GLY A 41 10.05 -32.96 -24.96
CA GLY A 41 11.15 -32.83 -24.02
C GLY A 41 12.14 -31.73 -24.42
N SER A 42 11.84 -31.04 -25.54
CA SER A 42 12.71 -30.00 -26.06
C SER A 42 12.67 -28.71 -25.24
N ILE A 43 11.57 -28.51 -24.49
CA ILE A 43 11.24 -27.23 -23.87
C ILE A 43 11.04 -26.14 -24.93
N SER A 44 10.31 -26.52 -25.98
CA SER A 44 9.62 -25.67 -26.94
C SER A 44 8.81 -24.58 -26.22
N GLU A 45 8.73 -23.43 -26.89
CA GLU A 45 7.94 -22.29 -26.44
C GLU A 45 6.43 -22.44 -26.70
N ARG A 46 6.00 -23.52 -27.37
CA ARG A 46 4.66 -23.65 -27.93
C ARG A 46 3.59 -23.88 -26.87
N GLY A 47 2.37 -23.45 -27.23
CA GLY A 47 1.14 -23.71 -26.50
C GLY A 47 0.24 -24.69 -27.26
N CYS A 48 -1.02 -24.85 -26.80
CA CYS A 48 -1.95 -25.81 -27.37
C CYS A 48 -2.91 -25.15 -28.35
N ALA A 49 -3.75 -25.97 -29.00
CA ALA A 49 -4.68 -25.48 -30.01
C ALA A 49 -5.94 -24.86 -29.36
N TYR A 50 -6.19 -25.11 -28.07
CA TYR A 50 -7.21 -24.40 -27.33
C TYR A 50 -6.76 -22.95 -27.14
N CYS A 51 -5.46 -22.78 -26.85
CA CYS A 51 -4.85 -21.47 -26.73
C CYS A 51 -5.12 -20.68 -28.00
N GLY A 52 -4.91 -21.29 -29.16
CA GLY A 52 -4.96 -20.57 -30.42
C GLY A 52 -6.38 -20.12 -30.75
N ALA A 53 -7.33 -21.00 -30.43
CA ALA A 53 -8.72 -20.79 -30.74
C ALA A 53 -9.36 -19.89 -29.68
N LYS A 54 -9.34 -20.35 -28.42
CA LYS A 54 -10.04 -19.68 -27.33
C LYS A 54 -9.25 -18.48 -26.80
N HIS A 55 -7.98 -18.68 -26.42
CA HIS A 55 -7.27 -17.64 -25.68
C HIS A 55 -6.89 -16.48 -26.62
N VAL A 56 -6.54 -16.79 -27.86
CA VAL A 56 -6.04 -15.73 -28.73
C VAL A 56 -7.21 -15.07 -29.52
N ILE A 57 -8.07 -15.88 -30.16
CA ILE A 57 -9.00 -15.33 -31.13
C ILE A 57 -10.41 -15.14 -30.54
N GLY A 58 -10.86 -16.08 -29.72
CA GLY A 58 -12.23 -16.13 -29.24
C GLY A 58 -12.53 -15.06 -28.18
N THR A 59 -11.70 -15.08 -27.11
CA THR A 59 -11.97 -14.34 -25.89
C THR A 59 -12.04 -12.81 -26.12
N PRO A 60 -11.31 -12.21 -27.06
CA PRO A 60 -11.40 -10.77 -27.26
C PRO A 60 -12.80 -10.17 -27.51
N MET A 61 -13.74 -10.97 -28.03
CA MET A 61 -15.10 -10.53 -28.29
C MET A 61 -15.70 -10.04 -26.97
N LYS A 62 -16.23 -8.80 -26.98
CA LYS A 62 -16.41 -8.02 -25.76
C LYS A 62 -17.78 -8.20 -25.10
N ASP A 63 -18.69 -8.92 -25.75
CA ASP A 63 -20.10 -8.96 -25.37
C ASP A 63 -20.59 -10.41 -25.37
N VAL A 64 -19.73 -11.30 -24.86
CA VAL A 64 -19.86 -12.73 -25.04
C VAL A 64 -19.40 -13.42 -23.75
N ILE A 65 -20.21 -14.37 -23.30
CA ILE A 65 -19.79 -15.30 -22.28
C ILE A 65 -18.92 -16.38 -22.89
N HIS A 66 -17.63 -16.37 -22.52
CA HIS A 66 -16.63 -17.27 -23.07
C HIS A 66 -16.47 -18.49 -22.15
N ILE A 67 -17.17 -19.58 -22.47
CA ILE A 67 -17.20 -20.72 -21.58
C ILE A 67 -16.45 -21.90 -22.21
N SER A 68 -15.50 -22.40 -21.41
CA SER A 68 -14.66 -23.50 -21.82
C SER A 68 -15.29 -24.73 -21.20
N HIS A 69 -15.66 -25.67 -22.07
CA HIS A 69 -16.28 -26.91 -21.65
C HIS A 69 -15.16 -27.88 -21.31
N GLY A 70 -14.95 -28.06 -20.01
CA GLY A 70 -13.86 -28.87 -19.52
C GLY A 70 -13.63 -28.66 -18.03
N PRO A 71 -12.49 -29.16 -17.51
CA PRO A 71 -12.13 -28.95 -16.11
C PRO A 71 -11.70 -27.50 -15.93
N VAL A 72 -11.65 -27.04 -14.67
CA VAL A 72 -11.48 -25.60 -14.47
C VAL A 72 -10.08 -25.18 -14.92
N GLY A 73 -9.09 -26.08 -14.97
CA GLY A 73 -7.70 -25.68 -15.18
C GLY A 73 -7.47 -24.89 -16.47
N CYS A 74 -8.04 -25.35 -17.57
CA CYS A 74 -7.84 -24.70 -18.87
C CYS A 74 -8.30 -23.24 -18.78
N THR A 75 -9.41 -23.03 -18.06
CA THR A 75 -9.98 -21.71 -17.89
C THR A 75 -9.10 -20.84 -16.99
N TYR A 76 -8.72 -21.35 -15.81
CA TYR A 76 -7.89 -20.56 -14.89
C TYR A 76 -6.62 -20.10 -15.61
N ASP A 77 -6.06 -21.00 -16.43
CA ASP A 77 -4.75 -20.84 -17.01
C ASP A 77 -4.74 -19.82 -18.14
N THR A 78 -5.94 -19.46 -18.63
CA THR A 78 -6.08 -18.45 -19.67
C THR A 78 -6.69 -17.14 -19.17
N TRP A 79 -6.92 -17.03 -17.86
CA TRP A 79 -7.58 -15.88 -17.25
C TRP A 79 -6.56 -14.92 -16.65
N GLN A 80 -6.65 -13.65 -17.02
CA GLN A 80 -5.83 -12.55 -16.53
C GLN A 80 -4.37 -12.73 -16.93
N THR A 81 -4.18 -13.18 -18.18
CA THR A 81 -2.86 -13.25 -18.80
C THR A 81 -2.78 -12.48 -20.12
N LYS A 82 -3.85 -11.77 -20.50
CA LYS A 82 -3.93 -11.07 -21.78
C LYS A 82 -4.37 -9.62 -21.57
N ARG A 83 -4.01 -8.76 -22.52
CA ARG A 83 -4.31 -7.34 -22.45
C ARG A 83 -5.18 -6.90 -23.65
N TYR A 84 -6.02 -7.80 -24.17
CA TYR A 84 -7.05 -7.35 -25.10
C TYR A 84 -8.18 -6.64 -24.34
N ILE A 85 -8.23 -5.32 -24.54
CA ILE A 85 -9.21 -4.49 -23.85
C ILE A 85 -10.42 -4.25 -24.74
N SER A 86 -11.48 -3.68 -24.15
CA SER A 86 -12.71 -3.39 -24.86
C SER A 86 -13.40 -2.19 -24.23
N ASP A 87 -14.34 -1.60 -25.00
CA ASP A 87 -15.15 -0.49 -24.55
C ASP A 87 -16.48 -1.05 -24.04
N ASN A 88 -16.51 -2.34 -23.70
CA ASN A 88 -17.56 -2.93 -22.88
C ASN A 88 -17.05 -3.17 -21.44
N ASP A 89 -16.33 -2.20 -20.89
CA ASP A 89 -15.82 -2.26 -19.51
C ASP A 89 -15.03 -3.56 -19.27
N ASN A 90 -14.23 -3.98 -20.25
CA ASN A 90 -13.33 -5.13 -20.16
C ASN A 90 -14.06 -6.36 -19.63
N PHE A 91 -15.29 -6.54 -20.11
CA PHE A 91 -16.07 -7.70 -19.69
C PHE A 91 -15.26 -8.98 -19.93
N GLN A 92 -14.57 -9.02 -21.08
CA GLN A 92 -13.90 -10.20 -21.60
C GLN A 92 -12.64 -10.51 -20.78
N LEU A 93 -12.13 -9.54 -20.02
CA LEU A 93 -11.04 -9.78 -19.08
C LEU A 93 -11.55 -10.16 -17.69
N LYS A 94 -12.72 -9.64 -17.31
CA LYS A 94 -13.12 -9.73 -15.91
C LYS A 94 -13.92 -10.99 -15.60
N TYR A 95 -14.57 -11.58 -16.62
CA TYR A 95 -15.47 -12.70 -16.42
C TYR A 95 -15.07 -13.85 -17.32
N THR A 96 -14.88 -15.04 -16.72
CA THR A 96 -14.60 -16.27 -17.45
C THR A 96 -15.36 -17.42 -16.80
N TYR A 97 -15.60 -18.47 -17.60
CA TYR A 97 -16.51 -19.53 -17.25
C TYR A 97 -15.89 -20.89 -17.60
N ALA A 98 -16.04 -21.86 -16.70
CA ALA A 98 -15.64 -23.24 -16.93
C ALA A 98 -16.75 -24.17 -16.47
N THR A 99 -16.93 -25.31 -17.17
CA THR A 99 -18.01 -26.22 -16.81
C THR A 99 -17.66 -27.04 -15.56
N ASP A 100 -16.37 -27.17 -15.23
CA ASP A 100 -15.96 -27.92 -14.04
C ASP A 100 -16.38 -29.38 -14.18
N VAL A 101 -15.92 -29.98 -15.28
CA VAL A 101 -16.03 -31.41 -15.54
C VAL A 101 -15.27 -32.21 -14.48
N LYS A 102 -15.93 -33.24 -13.97
CA LYS A 102 -15.41 -34.07 -12.89
C LYS A 102 -15.27 -35.53 -13.37
N GLU A 103 -14.86 -36.40 -12.46
CA GLU A 103 -14.58 -37.79 -12.81
C GLU A 103 -15.83 -38.48 -13.34
N LYS A 104 -16.97 -38.27 -12.68
CA LYS A 104 -18.19 -38.96 -13.07
C LYS A 104 -18.59 -38.63 -14.50
N HIS A 105 -18.15 -37.48 -15.04
CA HIS A 105 -18.47 -37.11 -16.41
C HIS A 105 -17.59 -37.84 -17.44
N ILE A 106 -16.53 -38.52 -16.99
CA ILE A 106 -15.62 -39.18 -17.92
C ILE A 106 -16.32 -40.40 -18.51
N VAL A 107 -16.91 -41.24 -17.64
CA VAL A 107 -17.67 -42.41 -18.08
C VAL A 107 -18.91 -41.96 -18.85
N PHE A 108 -19.74 -41.10 -18.23
CA PHE A 108 -21.10 -40.87 -18.68
C PHE A 108 -21.23 -39.64 -19.60
N GLY A 109 -20.16 -38.88 -19.84
CA GLY A 109 -20.28 -37.63 -20.58
C GLY A 109 -20.74 -36.47 -19.70
N ALA A 110 -20.70 -35.26 -20.26
CA ALA A 110 -20.90 -34.04 -19.49
C ALA A 110 -21.87 -33.11 -20.19
N GLU A 111 -22.84 -33.69 -20.92
CA GLU A 111 -23.74 -32.91 -21.75
C GLU A 111 -24.75 -32.17 -20.88
N LYS A 112 -25.25 -32.82 -19.84
CA LYS A 112 -26.20 -32.19 -18.95
C LYS A 112 -25.49 -31.05 -18.21
N LEU A 113 -24.34 -31.36 -17.61
CA LEU A 113 -23.47 -30.36 -17.00
C LEU A 113 -23.28 -29.15 -17.91
N LEU A 114 -22.89 -29.38 -19.15
CA LEU A 114 -22.74 -28.28 -20.10
C LEU A 114 -24.00 -27.41 -20.10
N LYS A 115 -25.18 -28.04 -20.22
CA LYS A 115 -26.43 -27.32 -20.35
C LYS A 115 -26.74 -26.55 -19.07
N GLN A 116 -26.57 -27.20 -17.91
CA GLN A 116 -26.83 -26.52 -16.67
C GLN A 116 -25.95 -25.28 -16.55
N ASN A 117 -24.68 -25.39 -17.00
CA ASN A 117 -23.74 -24.28 -16.96
C ASN A 117 -24.24 -23.10 -17.79
N ILE A 118 -24.73 -23.38 -18.99
CA ILE A 118 -25.16 -22.35 -19.92
C ILE A 118 -26.30 -21.53 -19.33
N ILE A 119 -27.25 -22.21 -18.70
CA ILE A 119 -28.42 -21.59 -18.10
C ILE A 119 -27.97 -20.74 -16.90
N GLU A 120 -27.12 -21.32 -16.04
CA GLU A 120 -26.54 -20.62 -14.90
C GLU A 120 -25.84 -19.33 -15.32
N ALA A 121 -25.05 -19.40 -16.40
CA ALA A 121 -24.26 -18.25 -16.86
C ALA A 121 -25.15 -17.15 -17.42
N PHE A 122 -26.20 -17.50 -18.20
CA PHE A 122 -27.06 -16.48 -18.76
C PHE A 122 -27.86 -15.80 -17.65
N LYS A 123 -28.17 -16.58 -16.60
CA LYS A 123 -28.91 -16.11 -15.43
C LYS A 123 -28.07 -15.10 -14.65
N ALA A 124 -26.79 -15.41 -14.40
CA ALA A 124 -25.90 -14.54 -13.67
C ALA A 124 -25.55 -13.27 -14.45
N PHE A 125 -25.63 -13.33 -15.79
CA PHE A 125 -25.23 -12.21 -16.64
C PHE A 125 -26.37 -11.88 -17.60
N PRO A 126 -27.46 -11.30 -17.08
CA PRO A 126 -28.66 -11.03 -17.87
C PRO A 126 -28.49 -10.00 -18.99
N GLN A 127 -27.45 -9.15 -18.90
CA GLN A 127 -27.15 -8.21 -19.96
C GLN A 127 -26.47 -8.87 -21.15
N ILE A 128 -26.02 -10.14 -21.01
CA ILE A 128 -25.23 -10.79 -22.06
C ILE A 128 -26.10 -11.88 -22.69
N LYS A 129 -26.23 -11.83 -24.02
CA LYS A 129 -27.15 -12.73 -24.71
C LYS A 129 -26.40 -13.55 -25.77
N ARG A 130 -25.06 -13.45 -25.75
CA ARG A 130 -24.19 -14.17 -26.68
C ARG A 130 -23.20 -15.02 -25.90
N MET A 131 -22.77 -16.12 -26.53
CA MET A 131 -21.95 -17.14 -25.86
C MET A 131 -21.16 -17.93 -26.91
N THR A 132 -19.90 -18.22 -26.56
CA THR A 132 -19.07 -19.20 -27.25
C THR A 132 -18.61 -20.29 -26.28
N ILE A 133 -18.79 -21.54 -26.73
CA ILE A 133 -18.40 -22.71 -25.97
C ILE A 133 -17.16 -23.29 -26.62
N TYR A 134 -16.09 -23.42 -25.82
CA TYR A 134 -14.83 -23.91 -26.32
C TYR A 134 -14.59 -25.31 -25.77
N GLN A 135 -14.31 -26.24 -26.69
CA GLN A 135 -13.93 -27.59 -26.33
C GLN A 135 -12.48 -27.60 -25.80
N THR A 136 -12.19 -28.54 -24.88
CA THR A 136 -10.88 -28.70 -24.28
C THR A 136 -10.41 -30.15 -24.48
N CYS A 137 -9.19 -30.48 -24.06
CA CYS A 137 -8.73 -31.87 -24.16
C CYS A 137 -9.77 -32.85 -23.60
N ALA A 138 -10.31 -32.60 -22.41
CA ALA A 138 -11.11 -33.62 -21.74
C ALA A 138 -12.45 -33.84 -22.45
N THR A 139 -13.10 -32.77 -22.90
CA THR A 139 -14.44 -32.89 -23.48
C THR A 139 -14.38 -33.43 -24.92
N ALA A 140 -13.29 -33.12 -25.65
CA ALA A 140 -13.06 -33.77 -26.93
C ALA A 140 -13.01 -35.28 -26.73
N LEU A 141 -12.23 -35.73 -25.74
CA LEU A 141 -11.91 -37.13 -25.58
C LEU A 141 -13.13 -37.90 -25.09
N ILE A 142 -14.03 -37.25 -24.32
CA ILE A 142 -15.19 -37.98 -23.80
C ILE A 142 -16.32 -37.93 -24.82
N GLY A 143 -16.27 -36.97 -25.75
CA GLY A 143 -17.08 -37.03 -26.96
C GLY A 143 -18.44 -36.33 -26.82
N ASP A 144 -18.61 -35.43 -25.87
CA ASP A 144 -19.84 -34.66 -25.79
C ASP A 144 -20.08 -33.91 -27.10
N ASP A 145 -21.36 -33.85 -27.50
CA ASP A 145 -21.77 -33.15 -28.71
C ASP A 145 -22.16 -31.73 -28.32
N ILE A 146 -21.22 -30.80 -28.47
CA ILE A 146 -21.42 -29.46 -27.95
C ILE A 146 -22.41 -28.73 -28.83
N ASN A 147 -22.29 -28.96 -30.17
CA ASN A 147 -23.14 -28.29 -31.15
C ASN A 147 -24.60 -28.58 -30.85
N ALA A 148 -24.94 -29.85 -30.55
CA ALA A 148 -26.31 -30.26 -30.26
C ALA A 148 -26.87 -29.52 -29.04
N ILE A 149 -26.03 -29.39 -28.00
CA ILE A 149 -26.50 -28.84 -26.75
C ILE A 149 -26.74 -27.34 -26.93
N ALA A 150 -25.88 -26.67 -27.71
CA ALA A 150 -26.07 -25.27 -28.04
C ALA A 150 -27.37 -25.05 -28.81
N GLU A 151 -27.60 -25.87 -29.84
CA GLU A 151 -28.82 -25.81 -30.62
C GLU A 151 -30.01 -25.98 -29.67
N GLU A 152 -29.89 -26.95 -28.78
CA GLU A 152 -30.95 -27.30 -27.84
C GLU A 152 -31.32 -26.09 -26.98
N VAL A 153 -30.33 -25.27 -26.63
CA VAL A 153 -30.54 -24.12 -25.77
C VAL A 153 -31.03 -22.95 -26.62
N MET A 154 -30.54 -22.84 -27.85
CA MET A 154 -31.02 -21.79 -28.72
C MET A 154 -32.50 -22.00 -29.08
N GLU A 155 -32.94 -23.24 -29.31
CA GLU A 155 -34.37 -23.57 -29.42
C GLU A 155 -35.14 -22.99 -28.24
N GLU A 156 -34.71 -23.32 -27.03
CA GLU A 156 -35.46 -23.04 -25.81
C GLU A 156 -35.42 -21.55 -25.49
N MET A 157 -34.35 -20.87 -25.90
CA MET A 157 -34.10 -19.48 -25.54
C MET A 157 -33.80 -18.69 -26.82
N PRO A 158 -34.82 -18.22 -27.54
CA PRO A 158 -34.61 -17.57 -28.84
C PRO A 158 -33.93 -16.20 -28.79
N GLU A 159 -33.73 -15.68 -27.57
CA GLU A 159 -33.08 -14.39 -27.36
C GLU A 159 -31.54 -14.51 -27.35
N VAL A 160 -30.99 -15.73 -27.21
CA VAL A 160 -29.55 -15.96 -27.14
C VAL A 160 -29.05 -16.57 -28.45
N ASP A 161 -27.77 -16.34 -28.75
CA ASP A 161 -27.08 -17.04 -29.83
C ASP A 161 -25.77 -17.62 -29.28
N ILE A 162 -25.52 -18.91 -29.57
CA ILE A 162 -24.36 -19.64 -29.07
C ILE A 162 -23.52 -20.17 -30.23
N PHE A 163 -22.21 -19.89 -30.13
CA PHE A 163 -21.22 -20.34 -31.09
C PHE A 163 -20.44 -21.52 -30.49
N VAL A 164 -20.05 -22.50 -31.32
CA VAL A 164 -19.30 -23.65 -30.84
C VAL A 164 -17.96 -23.77 -31.56
N CYS A 165 -16.89 -23.80 -30.74
CA CYS A 165 -15.50 -23.92 -31.16
C CYS A 165 -14.90 -25.23 -30.62
N ASN A 166 -14.72 -26.22 -31.51
CA ASN A 166 -14.25 -27.54 -31.12
C ASN A 166 -12.75 -27.65 -31.42
N SER A 167 -11.92 -27.01 -30.58
CA SER A 167 -10.48 -26.92 -30.83
C SER A 167 -9.72 -27.28 -29.57
N PRO A 168 -9.65 -28.59 -29.21
CA PRO A 168 -8.98 -29.03 -27.98
C PRO A 168 -7.47 -28.90 -28.11
N GLY A 169 -6.77 -28.90 -26.97
CA GLY A 169 -5.34 -28.58 -26.95
C GLY A 169 -4.49 -29.46 -27.87
N PHE A 170 -4.83 -30.76 -27.94
CA PHE A 170 -4.01 -31.74 -28.67
C PHE A 170 -4.33 -31.75 -30.18
N ALA A 171 -5.26 -30.91 -30.62
CA ALA A 171 -5.69 -30.87 -32.00
C ALA A 171 -4.68 -30.08 -32.81
N GLY A 172 -3.55 -30.72 -33.10
CA GLY A 172 -2.50 -30.07 -33.85
C GLY A 172 -1.28 -29.77 -33.00
N PRO A 173 -0.20 -29.26 -33.64
CA PRO A 173 1.10 -29.11 -32.97
C PRO A 173 1.28 -27.87 -32.11
N SER A 174 0.37 -26.88 -32.26
CA SER A 174 0.53 -25.55 -31.69
C SER A 174 -0.81 -24.81 -31.64
N GLN A 175 -0.69 -23.51 -31.33
N GLN A 175 -0.74 -23.50 -31.34
CA GLN A 175 -1.70 -22.48 -31.47
CA GLN A 175 -1.84 -22.58 -31.50
C GLN A 175 -2.41 -22.55 -32.84
C GLN A 175 -2.50 -22.75 -32.87
N SER A 176 -1.66 -22.84 -33.91
CA SER A 176 -2.07 -22.55 -35.28
C SER A 176 -3.33 -23.33 -35.71
N GLY A 177 -3.41 -24.60 -35.35
CA GLY A 177 -4.57 -25.38 -35.69
C GLY A 177 -5.84 -24.80 -35.08
N GLY A 178 -5.69 -24.15 -33.92
CA GLY A 178 -6.80 -23.50 -33.28
C GLY A 178 -7.28 -22.27 -34.06
N HIS A 179 -6.31 -21.53 -34.64
CA HIS A 179 -6.61 -20.40 -35.49
C HIS A 179 -7.54 -20.85 -36.63
N HIS A 180 -7.08 -21.85 -37.40
CA HIS A 180 -7.83 -22.38 -38.52
C HIS A 180 -9.23 -22.80 -38.10
N LYS A 181 -9.32 -23.66 -37.09
CA LYS A 181 -10.59 -24.19 -36.60
C LYS A 181 -11.59 -23.07 -36.31
N ILE A 182 -11.21 -22.04 -35.51
CA ILE A 182 -12.20 -21.06 -35.09
C ILE A 182 -12.59 -20.14 -36.26
N ASN A 183 -11.69 -19.87 -37.22
CA ASN A 183 -12.02 -19.10 -38.40
C ASN A 183 -13.14 -19.82 -39.19
N ILE A 184 -12.96 -21.11 -39.43
CA ILE A 184 -13.84 -21.88 -40.31
C ILE A 184 -15.17 -22.13 -39.62
N ALA A 185 -15.18 -22.45 -38.31
CA ALA A 185 -16.42 -22.58 -37.56
C ALA A 185 -17.23 -21.27 -37.62
N TRP A 186 -16.56 -20.12 -37.49
CA TRP A 186 -17.25 -18.85 -37.45
C TRP A 186 -17.95 -18.59 -38.78
N ILE A 187 -17.25 -18.75 -39.89
CA ILE A 187 -17.83 -18.41 -41.17
C ILE A 187 -18.95 -19.41 -41.50
N ASN A 188 -18.77 -20.68 -41.13
CA ASN A 188 -19.76 -21.70 -41.39
C ASN A 188 -20.99 -21.49 -40.51
N GLN A 189 -20.79 -21.27 -39.19
CA GLN A 189 -21.93 -21.26 -38.28
C GLN A 189 -22.63 -19.90 -38.30
N LYS A 190 -21.87 -18.79 -38.47
CA LYS A 190 -22.35 -17.50 -37.99
C LYS A 190 -22.34 -16.41 -39.06
N VAL A 191 -21.34 -16.35 -39.94
CA VAL A 191 -21.33 -15.26 -40.91
C VAL A 191 -22.58 -15.41 -41.78
N GLY A 192 -23.18 -14.29 -42.18
CA GLY A 192 -24.37 -14.30 -43.00
C GLY A 192 -25.67 -14.33 -42.18
N THR A 193 -25.57 -14.43 -40.84
CA THR A 193 -26.77 -14.69 -40.06
C THR A 193 -27.32 -13.40 -39.47
N VAL A 194 -26.75 -12.25 -39.83
CA VAL A 194 -27.24 -10.97 -39.33
C VAL A 194 -27.12 -9.95 -40.45
N GLU A 195 -28.23 -9.24 -40.75
CA GLU A 195 -28.21 -8.12 -41.67
C GLU A 195 -27.88 -6.88 -40.85
N PRO A 196 -26.77 -6.18 -41.17
CA PRO A 196 -26.36 -4.99 -40.44
C PRO A 196 -27.10 -3.76 -40.93
N GLU A 197 -27.20 -2.78 -40.04
CA GLU A 197 -27.44 -1.40 -40.42
C GLU A 197 -26.15 -0.82 -41.01
N ILE A 198 -26.26 -0.29 -42.23
CA ILE A 198 -25.17 0.33 -42.97
C ILE A 198 -25.30 1.84 -42.81
N THR A 199 -24.19 2.52 -42.48
CA THR A 199 -24.22 3.91 -42.09
C THR A 199 -23.21 4.72 -42.89
N GLY A 200 -22.70 4.14 -43.97
CA GLY A 200 -21.70 4.81 -44.78
C GLY A 200 -21.55 4.12 -46.12
N ASP A 201 -20.94 4.85 -47.06
CA ASP A 201 -20.72 4.37 -48.41
C ASP A 201 -19.57 3.37 -48.40
N HIS A 202 -18.69 3.45 -47.38
CA HIS A 202 -17.42 2.73 -47.39
C HIS A 202 -17.33 1.79 -46.19
N VAL A 203 -17.47 0.48 -46.46
CA VAL A 203 -17.61 -0.51 -45.40
C VAL A 203 -16.46 -1.52 -45.43
N ILE A 204 -15.79 -1.72 -44.28
CA ILE A 204 -14.74 -2.72 -44.15
C ILE A 204 -15.05 -3.68 -43.02
N ASN A 205 -14.50 -4.89 -43.17
CA ASN A 205 -14.10 -5.74 -42.06
C ASN A 205 -12.64 -5.44 -41.76
N TYR A 206 -12.32 -5.17 -40.49
CA TYR A 206 -10.95 -5.18 -39.97
C TYR A 206 -10.69 -6.56 -39.34
N VAL A 207 -9.78 -7.30 -39.98
CA VAL A 207 -9.58 -8.72 -39.75
C VAL A 207 -8.17 -8.96 -39.24
N GLY A 208 -8.07 -9.77 -38.19
CA GLY A 208 -6.78 -10.16 -37.62
C GLY A 208 -6.21 -9.03 -36.78
N GLU A 209 -7.01 -8.67 -35.77
CA GLU A 209 -6.65 -7.58 -34.88
C GLU A 209 -7.29 -7.89 -33.54
N TYR A 210 -6.48 -7.92 -32.46
CA TYR A 210 -6.98 -8.41 -31.18
C TYR A 210 -6.95 -7.36 -30.07
N ASN A 211 -6.57 -6.10 -30.42
CA ASN A 211 -6.74 -4.95 -29.53
C ASN A 211 -5.86 -5.06 -28.28
N ILE A 212 -4.62 -5.55 -28.43
CA ILE A 212 -3.72 -5.58 -27.30
C ILE A 212 -3.42 -4.13 -26.90
N GLN A 213 -3.74 -3.81 -25.65
CA GLN A 213 -3.53 -2.48 -25.07
C GLN A 213 -4.17 -1.36 -25.90
N GLY A 214 -5.09 -1.64 -26.83
CA GLY A 214 -5.84 -0.61 -27.52
C GLY A 214 -5.47 -0.45 -28.99
N ASP A 215 -4.76 -1.44 -29.56
CA ASP A 215 -4.26 -1.39 -30.92
C ASP A 215 -5.40 -1.14 -31.92
N GLN A 216 -6.53 -1.81 -31.69
CA GLN A 216 -7.68 -1.76 -32.58
C GLN A 216 -8.30 -0.36 -32.57
N GLU A 217 -8.40 0.22 -31.37
CA GLU A 217 -8.97 1.54 -31.13
C GLU A 217 -8.11 2.61 -31.81
N VAL A 218 -6.80 2.41 -31.79
CA VAL A 218 -5.88 3.27 -32.52
C VAL A 218 -6.25 3.26 -34.01
N MET A 219 -6.46 2.06 -34.55
CA MET A 219 -6.56 1.93 -36.00
C MET A 219 -7.94 2.37 -36.48
N VAL A 220 -8.95 2.04 -35.69
CA VAL A 220 -10.34 2.39 -35.96
C VAL A 220 -10.50 3.89 -35.82
N ASP A 221 -9.61 4.54 -35.05
CA ASP A 221 -9.59 5.98 -34.97
C ASP A 221 -9.34 6.53 -36.36
N TYR A 222 -8.29 6.04 -37.01
CA TYR A 222 -7.89 6.53 -38.32
C TYR A 222 -9.01 6.31 -39.34
N PHE A 223 -9.61 5.11 -39.30
CA PHE A 223 -10.63 4.68 -40.24
C PHE A 223 -11.85 5.60 -40.14
N LYS A 224 -12.23 5.93 -38.88
CA LYS A 224 -13.37 6.79 -38.60
C LYS A 224 -13.05 8.24 -38.99
N ARG A 225 -11.79 8.63 -38.92
CA ARG A 225 -11.38 9.96 -39.37
C ARG A 225 -11.44 10.08 -40.90
N MET A 226 -11.63 8.94 -41.59
CA MET A 226 -11.80 8.86 -43.04
C MET A 226 -13.26 8.63 -43.40
N GLY A 227 -14.16 8.56 -42.41
CA GLY A 227 -15.56 8.24 -42.70
C GLY A 227 -15.76 6.84 -43.27
N ILE A 228 -15.03 5.85 -42.71
CA ILE A 228 -15.22 4.46 -43.04
C ILE A 228 -16.06 3.84 -41.93
N GLN A 229 -17.10 3.11 -42.34
CA GLN A 229 -17.81 2.24 -41.41
C GLN A 229 -16.97 0.98 -41.23
N VAL A 230 -16.52 0.75 -39.99
CA VAL A 230 -15.91 -0.51 -39.64
C VAL A 230 -17.06 -1.42 -39.25
N LEU A 231 -17.41 -2.34 -40.14
CA LEU A 231 -18.55 -3.20 -39.92
C LEU A 231 -18.26 -4.20 -38.80
N SER A 232 -16.99 -4.61 -38.71
N SER A 232 -17.01 -4.65 -38.71
CA SER A 232 -16.54 -5.72 -37.89
CA SER A 232 -16.64 -5.68 -37.77
C SER A 232 -15.07 -5.55 -37.58
C SER A 232 -15.12 -5.72 -37.60
N THR A 233 -14.68 -5.99 -36.36
CA THR A 233 -13.29 -6.32 -36.10
C THR A 233 -13.26 -7.76 -35.62
N PHE A 234 -12.48 -8.56 -36.37
CA PHE A 234 -12.18 -9.94 -36.02
C PHE A 234 -10.86 -9.97 -35.24
N THR A 235 -10.85 -10.04 -33.89
CA THR A 235 -11.97 -10.02 -32.97
C THR A 235 -11.78 -8.96 -31.86
N GLY A 236 -10.70 -8.17 -31.92
CA GLY A 236 -10.35 -7.24 -30.85
C GLY A 236 -11.38 -6.12 -30.73
N ASN A 237 -11.97 -5.98 -29.53
CA ASN A 237 -12.98 -4.97 -29.27
C ASN A 237 -14.19 -5.21 -30.15
N GLY A 238 -14.36 -6.47 -30.59
CA GLY A 238 -15.35 -6.85 -31.57
C GLY A 238 -16.67 -7.29 -30.93
N SER A 239 -17.74 -7.13 -31.71
CA SER A 239 -19.07 -7.48 -31.28
C SER A 239 -19.48 -8.77 -31.99
N TYR A 240 -19.98 -9.74 -31.21
CA TYR A 240 -20.43 -11.03 -31.72
C TYR A 240 -21.36 -10.85 -32.91
N ASP A 241 -22.44 -10.04 -32.74
CA ASP A 241 -23.42 -9.83 -33.80
C ASP A 241 -22.84 -8.98 -34.93
N GLY A 242 -21.89 -8.08 -34.65
CA GLY A 242 -21.18 -7.35 -35.70
C GLY A 242 -20.48 -8.30 -36.67
N LEU A 243 -19.86 -9.36 -36.12
CA LEU A 243 -19.03 -10.31 -36.82
C LEU A 243 -19.90 -11.31 -37.59
N ARG A 244 -21.18 -11.41 -37.23
CA ARG A 244 -22.13 -12.19 -38.02
C ARG A 244 -22.59 -11.46 -39.28
N ALA A 245 -22.11 -10.23 -39.52
CA ALA A 245 -22.50 -9.46 -40.69
C ALA A 245 -21.30 -9.20 -41.59
N MET A 246 -20.24 -10.01 -41.44
CA MET A 246 -18.99 -9.84 -42.17
C MET A 246 -19.20 -9.96 -43.69
N HIS A 247 -20.24 -10.72 -44.08
CA HIS A 247 -20.56 -10.96 -45.49
C HIS A 247 -20.97 -9.71 -46.26
N ARG A 248 -21.23 -8.59 -45.56
CA ARG A 248 -21.67 -7.35 -46.18
C ARG A 248 -20.53 -6.35 -46.35
N ALA A 249 -19.30 -6.68 -45.93
CA ALA A 249 -18.22 -5.71 -46.05
C ALA A 249 -17.88 -5.50 -47.52
N HIS A 250 -17.30 -4.35 -47.83
CA HIS A 250 -16.80 -4.04 -49.18
C HIS A 250 -15.36 -4.51 -49.39
N LEU A 251 -14.59 -4.55 -48.28
CA LEU A 251 -13.16 -4.83 -48.28
C LEU A 251 -12.80 -5.53 -46.96
N ASN A 252 -11.98 -6.58 -47.06
CA ASN A 252 -11.34 -7.20 -45.91
C ASN A 252 -9.93 -6.63 -45.80
N VAL A 253 -9.73 -5.86 -44.72
CA VAL A 253 -8.45 -5.29 -44.31
C VAL A 253 -7.82 -6.21 -43.26
N LEU A 254 -6.76 -6.93 -43.67
CA LEU A 254 -6.16 -8.01 -42.91
C LEU A 254 -4.84 -7.56 -42.34
N GLU A 255 -4.73 -7.48 -41.01
CA GLU A 255 -3.45 -7.18 -40.38
C GLU A 255 -2.74 -8.49 -40.04
N CYS A 256 -3.29 -9.28 -39.10
CA CYS A 256 -2.66 -10.54 -38.76
C CYS A 256 -3.14 -11.62 -39.73
N ALA A 257 -2.36 -11.77 -40.81
CA ALA A 257 -2.58 -12.79 -41.81
C ALA A 257 -2.43 -14.20 -41.23
N ARG A 258 -1.48 -14.41 -40.31
CA ARG A 258 -1.30 -15.75 -39.73
C ARG A 258 -2.64 -16.24 -39.16
N SER A 259 -3.30 -15.42 -38.31
CA SER A 259 -4.42 -15.90 -37.52
C SER A 259 -5.74 -15.86 -38.29
N ALA A 260 -5.83 -14.99 -39.30
CA ALA A 260 -7.13 -14.70 -39.88
C ALA A 260 -7.16 -14.74 -41.43
N GLU A 261 -6.10 -15.21 -42.11
CA GLU A 261 -6.18 -15.35 -43.55
C GLU A 261 -7.26 -16.35 -43.96
N TYR A 262 -7.49 -17.36 -43.11
CA TYR A 262 -8.44 -18.42 -43.42
C TYR A 262 -9.82 -17.82 -43.72
N ILE A 263 -10.30 -16.94 -42.83
CA ILE A 263 -11.63 -16.36 -42.99
C ILE A 263 -11.65 -15.35 -44.14
N CYS A 264 -10.57 -14.59 -44.38
CA CYS A 264 -10.57 -13.67 -45.51
C CYS A 264 -10.66 -14.42 -46.85
N ASN A 265 -9.96 -15.57 -46.91
CA ASN A 265 -9.88 -16.37 -48.12
C ASN A 265 -11.26 -16.93 -48.45
N GLU A 266 -11.95 -17.47 -47.42
CA GLU A 266 -13.29 -18.01 -47.59
C GLU A 266 -14.34 -16.92 -47.82
N LEU A 267 -14.13 -15.72 -47.27
CA LEU A 267 -15.01 -14.58 -47.52
C LEU A 267 -14.92 -14.12 -48.98
N ARG A 268 -13.74 -14.26 -49.60
CA ARG A 268 -13.57 -13.96 -51.02
C ARG A 268 -14.32 -15.01 -51.84
N VAL A 269 -14.04 -16.29 -51.59
CA VAL A 269 -14.70 -17.37 -52.29
C VAL A 269 -16.22 -17.28 -52.10
N ARG A 270 -16.72 -17.02 -50.89
CA ARG A 270 -18.16 -17.15 -50.66
C ARG A 270 -18.96 -15.92 -51.09
N TYR A 271 -18.33 -14.73 -51.06
CA TYR A 271 -19.05 -13.46 -51.21
C TYR A 271 -18.31 -12.46 -52.07
N GLY A 272 -17.14 -12.84 -52.59
CA GLY A 272 -16.41 -11.98 -53.52
C GLY A 272 -15.85 -10.73 -52.86
N ILE A 273 -15.67 -10.76 -51.52
CA ILE A 273 -15.03 -9.64 -50.82
C ILE A 273 -13.51 -9.75 -51.04
N PRO A 274 -12.83 -8.71 -51.59
CA PRO A 274 -11.39 -8.75 -51.80
C PRO A 274 -10.62 -8.61 -50.49
N ARG A 275 -9.41 -9.21 -50.51
CA ARG A 275 -8.49 -9.26 -49.37
C ARG A 275 -7.37 -8.26 -49.65
N LEU A 276 -7.25 -7.24 -48.77
CA LEU A 276 -6.09 -6.36 -48.78
C LEU A 276 -5.30 -6.53 -47.46
N ASP A 277 -4.01 -6.85 -47.59
CA ASP A 277 -3.12 -7.08 -46.47
C ASP A 277 -2.43 -5.77 -46.13
N ILE A 278 -2.39 -5.47 -44.82
CA ILE A 278 -1.82 -4.23 -44.30
C ILE A 278 -0.87 -4.50 -43.13
N ASP A 279 -0.09 -3.46 -42.81
CA ASP A 279 0.77 -3.37 -41.63
C ASP A 279 0.25 -2.27 -40.73
N GLY A 280 0.14 -2.57 -39.43
CA GLY A 280 -0.34 -1.60 -38.43
C GLY A 280 0.78 -0.83 -37.72
N PHE A 281 2.05 -1.11 -38.08
CA PHE A 281 3.18 -0.64 -37.30
C PHE A 281 4.16 0.09 -38.21
N GLY A 282 4.74 1.16 -37.66
CA GLY A 282 5.72 1.97 -38.38
C GLY A 282 5.03 3.01 -39.25
N PHE A 283 5.76 4.10 -39.54
CA PHE A 283 5.20 5.25 -40.24
C PHE A 283 4.90 4.94 -41.71
N LYS A 284 5.88 4.40 -42.43
CA LYS A 284 5.69 4.09 -43.83
C LYS A 284 4.68 2.95 -44.01
N PRO A 285 4.84 1.77 -43.39
CA PRO A 285 3.88 0.69 -43.60
C PRO A 285 2.45 1.11 -43.26
N LEU A 286 2.30 1.96 -42.23
CA LEU A 286 0.98 2.44 -41.85
C LEU A 286 0.48 3.49 -42.85
N ALA A 287 1.33 4.45 -43.23
CA ALA A 287 0.96 5.43 -44.26
C ALA A 287 0.49 4.74 -45.54
N ASP A 288 1.30 3.79 -46.04
CA ASP A 288 0.95 3.00 -47.22
C ASP A 288 -0.40 2.32 -47.00
N SER A 289 -0.57 1.65 -45.85
CA SER A 289 -1.82 0.94 -45.56
C SER A 289 -3.03 1.87 -45.68
N LEU A 290 -2.95 3.05 -45.07
CA LEU A 290 -4.09 3.96 -45.00
C LEU A 290 -4.33 4.58 -46.37
N ARG A 291 -3.25 4.91 -47.09
CA ARG A 291 -3.38 5.47 -48.43
C ARG A 291 -4.18 4.52 -49.33
N LYS A 292 -3.85 3.23 -49.26
CA LYS A 292 -4.46 2.21 -50.09
C LYS A 292 -5.95 2.10 -49.77
N ILE A 293 -6.30 2.08 -48.48
CA ILE A 293 -7.69 1.97 -48.10
C ILE A 293 -8.47 3.20 -48.57
N GLY A 294 -7.82 4.36 -48.49
CA GLY A 294 -8.33 5.63 -49.01
C GLY A 294 -8.60 5.53 -50.50
N MET A 295 -7.54 5.27 -51.29
CA MET A 295 -7.69 5.09 -52.73
C MET A 295 -8.83 4.13 -53.04
N PHE A 296 -8.80 2.97 -52.42
CA PHE A 296 -9.82 1.97 -52.70
C PHE A 296 -11.22 2.57 -52.69
N PHE A 297 -11.48 3.47 -51.73
CA PHE A 297 -12.82 4.03 -51.54
C PHE A 297 -12.93 5.40 -52.20
N GLY A 298 -11.84 5.84 -52.86
CA GLY A 298 -11.82 7.12 -53.53
C GLY A 298 -11.83 8.27 -52.55
N ILE A 299 -11.20 8.07 -51.38
CA ILE A 299 -11.13 9.08 -50.33
C ILE A 299 -9.68 9.21 -49.87
N GLU A 300 -8.75 9.19 -50.83
CA GLU A 300 -7.32 9.20 -50.55
C GLU A 300 -6.87 10.52 -49.93
N ASP A 301 -7.59 11.62 -50.20
CA ASP A 301 -7.20 12.92 -49.66
C ASP A 301 -7.34 12.91 -48.14
N ARG A 302 -8.36 12.19 -47.65
CA ARG A 302 -8.66 12.08 -46.22
C ARG A 302 -7.55 11.30 -45.51
N ALA A 303 -7.10 10.20 -46.13
CA ALA A 303 -5.98 9.42 -45.66
C ALA A 303 -4.72 10.28 -45.57
N LYS A 304 -4.46 11.08 -46.60
CA LYS A 304 -3.23 11.88 -46.68
C LYS A 304 -3.25 12.95 -45.60
N ALA A 305 -4.43 13.44 -45.25
CA ALA A 305 -4.54 14.47 -44.23
C ALA A 305 -4.12 13.88 -42.88
N ILE A 306 -4.64 12.68 -42.56
CA ILE A 306 -4.29 11.97 -41.33
C ILE A 306 -2.78 11.72 -41.31
N ILE A 307 -2.28 11.14 -42.39
CA ILE A 307 -0.87 10.78 -42.44
C ILE A 307 -0.01 12.02 -42.19
N ASP A 308 -0.30 13.13 -42.87
CA ASP A 308 0.58 14.30 -42.78
C ASP A 308 0.56 14.86 -41.37
N GLU A 309 -0.64 14.93 -40.78
CA GLU A 309 -0.83 15.47 -39.45
C GLU A 309 -0.06 14.61 -38.43
N GLU A 310 -0.34 13.29 -38.44
CA GLU A 310 0.27 12.35 -37.50
C GLU A 310 1.79 12.36 -37.61
N VAL A 311 2.35 12.34 -38.82
CA VAL A 311 3.79 12.28 -39.02
C VAL A 311 4.44 13.58 -38.53
N ALA A 312 3.71 14.70 -38.67
CA ALA A 312 4.23 16.00 -38.27
C ALA A 312 4.29 16.04 -36.75
N ARG A 313 3.25 15.48 -36.12
CA ARG A 313 3.13 15.47 -34.66
C ARG A 313 4.23 14.60 -34.03
N TRP A 314 4.55 13.43 -34.62
CA TRP A 314 5.28 12.37 -33.94
C TRP A 314 6.69 12.12 -34.49
N LYS A 315 6.96 12.43 -35.77
CA LYS A 315 8.26 12.11 -36.33
C LYS A 315 9.40 12.76 -35.54
N PRO A 316 9.28 14.02 -35.08
CA PRO A 316 10.33 14.63 -34.28
C PRO A 316 10.67 13.88 -32.98
N GLU A 317 9.74 13.03 -32.52
CA GLU A 317 9.92 12.22 -31.31
C GLU A 317 10.49 10.84 -31.70
N LEU A 318 9.99 10.24 -32.78
CA LEU A 318 10.56 8.99 -33.23
C LEU A 318 12.04 9.16 -33.51
N ASP A 319 12.42 10.27 -34.15
CA ASP A 319 13.78 10.48 -34.61
C ASP A 319 14.72 10.77 -33.45
N TRP A 320 14.21 11.35 -32.35
CA TRP A 320 15.03 11.50 -31.15
C TRP A 320 15.57 10.13 -30.72
N TYR A 321 14.67 9.14 -30.65
CA TYR A 321 15.01 7.78 -30.26
C TYR A 321 15.93 7.15 -31.32
N LYS A 322 15.59 7.30 -32.60
CA LYS A 322 16.39 6.71 -33.66
C LYS A 322 17.87 7.05 -33.48
N GLU A 323 18.17 8.32 -33.24
CA GLU A 323 19.53 8.80 -33.06
C GLU A 323 20.28 8.04 -31.94
N ARG A 324 19.56 7.68 -30.86
CA ARG A 324 20.19 7.03 -29.72
C ARG A 324 20.23 5.50 -29.87
N LEU A 325 19.36 4.93 -30.71
CA LEU A 325 19.21 3.49 -30.91
C LEU A 325 20.01 2.96 -32.11
N MET A 326 20.58 3.88 -32.91
CA MET A 326 21.18 3.52 -34.19
C MET A 326 22.21 2.42 -33.97
N GLY A 327 22.03 1.27 -34.63
CA GLY A 327 23.03 0.21 -34.62
C GLY A 327 22.87 -0.81 -33.49
N LYS A 328 21.99 -0.54 -32.52
CA LYS A 328 21.67 -1.48 -31.46
C LYS A 328 21.05 -2.74 -32.05
N LYS A 329 21.38 -3.91 -31.50
CA LYS A 329 20.92 -5.19 -32.02
C LYS A 329 19.65 -5.66 -31.30
N VAL A 330 18.74 -6.27 -32.06
CA VAL A 330 17.46 -6.71 -31.53
C VAL A 330 17.06 -8.05 -32.14
N CYS A 331 16.44 -8.89 -31.30
CA CYS A 331 15.79 -10.11 -31.72
C CYS A 331 14.28 -9.88 -31.66
N LEU A 332 13.61 -10.07 -32.80
CA LEU A 332 12.15 -10.05 -32.87
C LEU A 332 11.65 -11.47 -32.62
N TRP A 333 11.30 -11.74 -31.36
CA TRP A 333 10.98 -13.08 -30.88
C TRP A 333 9.56 -13.14 -30.33
N PRO A 334 8.56 -12.70 -31.11
CA PRO A 334 7.15 -12.93 -30.80
C PRO A 334 6.78 -14.35 -31.22
N GLY A 335 5.48 -14.68 -31.18
CA GLY A 335 5.02 -15.98 -31.64
C GLY A 335 4.78 -16.03 -33.16
N GLY A 336 4.35 -14.92 -33.77
CA GLY A 336 3.77 -14.98 -35.10
C GLY A 336 4.03 -13.71 -35.92
N SER A 337 2.93 -13.18 -36.49
CA SER A 337 2.87 -12.03 -37.41
C SER A 337 3.79 -10.87 -37.06
N LYS A 338 3.90 -10.51 -35.78
CA LYS A 338 4.71 -9.36 -35.40
C LYS A 338 6.15 -9.44 -35.94
N LEU A 339 6.73 -10.64 -36.06
CA LEU A 339 8.12 -10.78 -36.52
C LEU A 339 8.30 -10.15 -37.90
N TRP A 340 7.33 -10.35 -38.82
CA TRP A 340 7.46 -9.80 -40.16
C TRP A 340 6.84 -8.42 -40.30
N HIS A 341 5.85 -8.10 -39.48
CA HIS A 341 5.37 -6.72 -39.43
C HIS A 341 6.54 -5.79 -39.11
N TRP A 342 7.39 -6.16 -38.14
CA TRP A 342 8.41 -5.23 -37.66
C TRP A 342 9.73 -5.30 -38.44
N ALA A 343 9.99 -6.39 -39.16
CA ALA A 343 11.37 -6.80 -39.47
C ALA A 343 12.17 -5.71 -40.19
N HIS A 344 11.56 -5.08 -41.20
CA HIS A 344 12.25 -4.11 -42.04
C HIS A 344 12.15 -2.70 -41.45
N VAL A 345 10.91 -2.30 -41.11
CA VAL A 345 10.60 -0.93 -40.70
C VAL A 345 11.27 -0.60 -39.36
N ILE A 346 11.45 -1.59 -38.48
CA ILE A 346 12.12 -1.28 -37.22
C ILE A 346 13.57 -0.87 -37.50
N GLU A 347 14.25 -1.47 -38.48
CA GLU A 347 15.61 -1.07 -38.82
C GLU A 347 15.59 0.32 -39.45
N GLU A 348 14.67 0.53 -40.41
CA GLU A 348 14.62 1.78 -41.16
C GLU A 348 14.34 2.97 -40.26
N GLU A 349 13.33 2.85 -39.39
CA GLU A 349 12.76 4.00 -38.71
C GLU A 349 13.28 4.14 -37.27
N MET A 350 13.83 3.07 -36.67
CA MET A 350 14.35 3.13 -35.31
C MET A 350 15.87 2.98 -35.27
N GLY A 351 16.48 2.51 -36.37
CA GLY A 351 17.93 2.38 -36.46
C GLY A 351 18.47 1.06 -35.90
N LEU A 352 17.58 0.14 -35.49
CA LEU A 352 18.02 -1.14 -34.91
C LEU A 352 18.54 -2.08 -36.00
N LYS A 353 19.46 -2.99 -35.63
CA LYS A 353 19.90 -4.10 -36.48
C LYS A 353 19.21 -5.38 -36.02
N VAL A 354 18.31 -5.93 -36.85
CA VAL A 354 17.62 -7.18 -36.55
C VAL A 354 18.57 -8.34 -36.75
N VAL A 355 18.89 -9.07 -35.68
CA VAL A 355 19.89 -10.11 -35.76
C VAL A 355 19.23 -11.48 -35.73
N SER A 356 17.96 -11.55 -35.31
CA SER A 356 17.22 -12.80 -35.26
C SER A 356 15.72 -12.52 -35.29
N VAL A 357 14.96 -13.45 -35.88
CA VAL A 357 13.52 -13.49 -35.75
C VAL A 357 13.13 -14.92 -35.42
N TYR A 358 12.07 -15.12 -34.63
CA TYR A 358 11.55 -16.48 -34.51
C TYR A 358 10.03 -16.49 -34.52
N THR A 359 9.49 -17.68 -34.79
CA THR A 359 8.07 -17.94 -34.69
C THR A 359 7.87 -19.23 -33.90
N LYS A 360 6.92 -19.23 -32.96
CA LYS A 360 6.57 -20.41 -32.20
C LYS A 360 5.73 -21.36 -33.07
N PHE A 361 4.75 -20.80 -33.80
CA PHE A 361 3.72 -21.61 -34.44
C PHE A 361 3.53 -21.23 -35.92
N GLY A 362 4.38 -20.34 -36.45
CA GLY A 362 4.15 -19.78 -37.77
C GLY A 362 4.31 -20.83 -38.86
N HIS A 363 3.77 -20.52 -40.05
CA HIS A 363 3.86 -21.40 -41.21
C HIS A 363 5.09 -20.98 -42.00
N GLN A 364 5.38 -21.71 -43.08
CA GLN A 364 6.50 -21.34 -43.92
C GLN A 364 6.22 -19.96 -44.52
N GLY A 365 4.94 -19.63 -44.73
CA GLY A 365 4.54 -18.30 -45.20
C GLY A 365 5.03 -17.16 -44.30
N ASP A 366 5.13 -17.41 -42.99
CA ASP A 366 5.56 -16.37 -42.05
C ASP A 366 7.07 -16.18 -42.12
N MET A 367 7.81 -17.27 -42.36
CA MET A 367 9.25 -17.19 -42.57
C MET A 367 9.59 -16.61 -43.95
N GLU A 368 8.75 -16.86 -44.96
CA GLU A 368 8.90 -16.17 -46.24
C GLU A 368 8.93 -14.66 -46.00
N LYS A 369 7.88 -14.15 -45.32
CA LYS A 369 7.71 -12.72 -45.10
C LYS A 369 8.85 -12.18 -44.24
N GLY A 370 9.23 -12.94 -43.20
CA GLY A 370 10.28 -12.53 -42.27
C GLY A 370 11.68 -12.44 -42.91
N ILE A 371 12.06 -13.48 -43.63
CA ILE A 371 13.33 -13.53 -44.36
C ILE A 371 13.33 -12.50 -45.49
N ALA A 372 12.23 -12.42 -46.24
CA ALA A 372 12.07 -11.40 -47.26
C ALA A 372 12.36 -9.99 -46.73
N ARG A 373 11.92 -9.72 -45.49
CA ARG A 373 12.01 -8.39 -44.91
C ARG A 373 13.30 -8.11 -44.12
N CYS A 374 13.98 -9.12 -43.56
N CYS A 374 14.00 -9.17 -43.67
CA CYS A 374 15.17 -8.78 -42.78
CA CYS A 374 15.17 -9.02 -42.81
C CYS A 374 16.39 -8.67 -43.69
C CYS A 374 16.46 -8.93 -43.64
N GLY A 375 17.52 -8.32 -43.06
CA GLY A 375 18.80 -8.26 -43.72
C GLY A 375 19.52 -9.61 -43.74
N GLU A 376 20.53 -9.71 -44.62
CA GLU A 376 21.47 -10.82 -44.64
C GLU A 376 22.12 -10.92 -43.26
N GLY A 377 22.45 -12.15 -42.87
CA GLY A 377 23.06 -12.45 -41.59
C GLY A 377 22.03 -12.84 -40.54
N THR A 378 20.74 -12.51 -40.78
CA THR A 378 19.70 -12.70 -39.79
C THR A 378 19.42 -14.19 -39.57
N LEU A 379 19.30 -14.59 -38.31
CA LEU A 379 18.99 -15.95 -37.94
C LEU A 379 17.48 -16.09 -37.72
N ALA A 380 16.84 -16.94 -38.53
CA ALA A 380 15.40 -17.17 -38.45
C ALA A 380 15.15 -18.58 -37.94
N ILE A 381 14.29 -18.70 -36.92
CA ILE A 381 14.07 -19.96 -36.21
C ILE A 381 12.58 -20.27 -36.17
N ASP A 382 12.23 -21.52 -36.53
CA ASP A 382 10.90 -22.05 -36.35
C ASP A 382 10.88 -22.98 -35.13
N ASP A 383 9.82 -22.84 -34.33
CA ASP A 383 9.59 -23.64 -33.12
C ASP A 383 10.83 -23.65 -32.22
N PRO A 384 11.33 -22.48 -31.74
CA PRO A 384 12.45 -22.44 -30.81
C PRO A 384 12.13 -23.12 -29.48
N ASN A 385 13.18 -23.71 -28.88
CA ASN A 385 13.18 -24.18 -27.51
C ASN A 385 14.16 -23.30 -26.71
N GLU A 386 14.12 -23.46 -25.38
CA GLU A 386 14.78 -22.55 -24.46
C GLU A 386 16.30 -22.53 -24.68
N LEU A 387 16.92 -23.72 -24.77
CA LEU A 387 18.36 -23.81 -24.93
C LEU A 387 18.80 -23.07 -26.18
N GLU A 388 18.00 -23.18 -27.26
CA GLU A 388 18.35 -22.53 -28.52
C GLU A 388 18.31 -21.01 -28.39
N GLY A 389 17.28 -20.52 -27.67
CA GLY A 389 17.17 -19.10 -27.38
C GLY A 389 18.38 -18.59 -26.61
N LEU A 390 18.74 -19.31 -25.54
CA LEU A 390 19.90 -19.00 -24.74
C LEU A 390 21.19 -18.99 -25.59
N GLU A 391 21.37 -20.03 -26.43
CA GLU A 391 22.55 -20.10 -27.26
C GLU A 391 22.61 -18.93 -28.26
N ALA A 392 21.44 -18.55 -28.81
CA ALA A 392 21.38 -17.42 -29.73
C ALA A 392 21.73 -16.11 -29.05
N LEU A 393 21.37 -15.95 -27.77
CA LEU A 393 21.74 -14.76 -27.01
C LEU A 393 23.26 -14.65 -26.86
N GLU A 394 23.93 -15.78 -26.57
CA GLU A 394 25.37 -15.82 -26.39
C GLU A 394 26.08 -15.53 -27.72
N MET A 395 25.55 -16.09 -28.81
CA MET A 395 26.19 -16.02 -30.11
C MET A 395 25.97 -14.65 -30.74
N LEU A 396 24.75 -14.10 -30.63
CA LEU A 396 24.41 -12.87 -31.33
C LEU A 396 24.63 -11.63 -30.46
N LYS A 397 24.51 -11.79 -29.14
CA LYS A 397 24.75 -10.72 -28.19
C LYS A 397 23.89 -9.51 -28.54
N PRO A 398 22.55 -9.64 -28.52
CA PRO A 398 21.67 -8.54 -28.90
C PRO A 398 21.61 -7.57 -27.73
N ASP A 399 21.29 -6.30 -28.03
CA ASP A 399 21.16 -5.26 -27.03
C ASP A 399 19.82 -5.35 -26.31
N ILE A 400 18.83 -5.97 -26.98
CA ILE A 400 17.47 -6.14 -26.48
C ILE A 400 16.79 -7.26 -27.25
N ILE A 401 15.86 -7.96 -26.59
CA ILE A 401 14.96 -8.81 -27.34
C ILE A 401 13.55 -8.34 -27.11
N LEU A 402 12.67 -8.65 -28.07
CA LEU A 402 11.25 -8.41 -27.96
C LEU A 402 10.56 -9.77 -27.94
N THR A 403 9.96 -10.14 -26.81
CA THR A 403 9.58 -11.52 -26.60
C THR A 403 8.49 -11.62 -25.53
N GLY A 404 8.14 -12.86 -25.20
CA GLY A 404 7.16 -13.09 -24.15
C GLY A 404 7.71 -12.76 -22.77
N LYS A 405 6.84 -12.91 -21.76
CA LYS A 405 7.14 -12.48 -20.42
C LYS A 405 8.22 -13.41 -19.86
N ARG A 406 7.90 -14.70 -19.82
CA ARG A 406 8.78 -15.65 -19.17
C ARG A 406 10.08 -15.82 -19.97
N PRO A 407 10.04 -15.92 -21.32
CA PRO A 407 11.27 -15.80 -22.11
C PRO A 407 12.13 -14.58 -21.81
N GLY A 408 11.48 -13.43 -21.57
CA GLY A 408 12.14 -12.21 -21.19
C GLY A 408 12.88 -12.38 -19.85
N GLU A 409 12.27 -13.10 -18.92
CA GLU A 409 12.85 -13.36 -17.60
C GLU A 409 14.01 -14.36 -17.67
N VAL A 410 14.08 -15.17 -18.71
CA VAL A 410 15.23 -16.01 -18.97
C VAL A 410 16.40 -15.12 -19.39
N ALA A 411 16.13 -14.22 -20.35
CA ALA A 411 17.10 -13.27 -20.84
C ALA A 411 17.59 -12.32 -19.73
N LYS A 412 16.69 -11.93 -18.81
CA LYS A 412 17.04 -11.06 -17.72
C LYS A 412 18.27 -11.61 -16.98
N LYS A 413 18.32 -12.94 -16.75
CA LYS A 413 19.35 -13.54 -15.92
C LYS A 413 20.72 -13.43 -16.59
N VAL A 414 20.71 -13.40 -17.92
CA VAL A 414 21.93 -13.32 -18.70
C VAL A 414 22.13 -11.91 -19.22
N ARG A 415 21.47 -10.93 -18.59
CA ARG A 415 21.77 -9.53 -18.85
C ARG A 415 21.37 -9.11 -20.26
N VAL A 416 20.29 -9.71 -20.78
CA VAL A 416 19.66 -9.16 -21.97
C VAL A 416 18.30 -8.58 -21.60
N PRO A 417 18.13 -7.24 -21.67
CA PRO A 417 16.83 -6.60 -21.51
C PRO A 417 15.77 -7.09 -22.50
N TYR A 418 14.48 -7.01 -22.11
CA TYR A 418 13.38 -7.30 -23.02
C TYR A 418 12.24 -6.28 -22.96
N LEU A 419 11.53 -6.16 -24.08
CA LEU A 419 10.15 -5.71 -24.07
C LEU A 419 9.27 -6.92 -24.33
N ASN A 420 8.05 -6.87 -23.80
CA ASN A 420 7.03 -7.86 -24.06
C ASN A 420 6.45 -7.57 -25.45
N ALA A 421 6.85 -8.34 -26.45
CA ALA A 421 6.36 -8.14 -27.82
C ALA A 421 4.87 -8.45 -27.92
N HIS A 422 4.39 -9.27 -26.99
CA HIS A 422 3.08 -9.86 -27.09
C HIS A 422 2.05 -8.95 -26.45
N ALA A 423 2.35 -8.52 -25.21
CA ALA A 423 1.42 -7.77 -24.39
C ALA A 423 1.79 -6.31 -24.37
N TYR A 424 2.98 -5.99 -24.93
CA TYR A 424 3.63 -4.69 -24.91
C TYR A 424 4.05 -4.28 -23.49
N HIS A 425 4.96 -3.28 -23.40
CA HIS A 425 5.23 -2.56 -22.16
C HIS A 425 4.22 -1.42 -22.02
N ASN A 426 4.59 -0.21 -22.45
CA ASN A 426 3.67 0.92 -22.51
C ASN A 426 3.04 1.02 -23.89
N GLY A 427 2.14 0.06 -24.15
CA GLY A 427 1.36 0.01 -25.38
C GLY A 427 0.24 1.05 -25.43
N PRO A 428 -0.58 1.07 -26.50
CA PRO A 428 -0.39 0.21 -27.67
C PRO A 428 0.76 0.66 -28.57
N TYR A 429 1.28 -0.28 -29.39
CA TYR A 429 2.41 -0.02 -30.26
C TYR A 429 1.98 0.15 -31.72
N LYS A 430 0.73 -0.18 -32.10
CA LYS A 430 0.27 0.18 -33.43
C LYS A 430 0.06 1.69 -33.51
N GLY A 431 0.04 2.22 -34.73
CA GLY A 431 -0.23 3.64 -34.94
C GLY A 431 1.06 4.45 -34.95
N PHE A 432 0.94 5.74 -35.28
CA PHE A 432 2.08 6.65 -35.35
C PHE A 432 2.58 6.97 -33.94
N GLU A 433 1.65 7.35 -33.04
CA GLU A 433 2.00 7.57 -31.64
C GLU A 433 2.60 6.29 -31.03
N GLY A 434 1.91 5.16 -31.22
CA GLY A 434 2.34 3.87 -30.70
C GLY A 434 3.78 3.50 -31.09
N TRP A 435 4.16 3.84 -32.34
CA TRP A 435 5.52 3.58 -32.82
C TRP A 435 6.55 4.30 -31.95
N VAL A 436 6.22 5.51 -31.50
CA VAL A 436 7.11 6.32 -30.67
C VAL A 436 7.21 5.75 -29.25
N ARG A 437 6.06 5.29 -28.73
CA ARG A 437 5.99 4.67 -27.42
C ARG A 437 6.88 3.43 -27.42
N PHE A 438 6.76 2.67 -28.53
CA PHE A 438 7.54 1.47 -28.76
C PHE A 438 9.03 1.79 -28.65
N ALA A 439 9.45 2.78 -29.43
CA ALA A 439 10.83 3.24 -29.47
C ALA A 439 11.32 3.66 -28.08
N ARG A 440 10.48 4.40 -27.35
CA ARG A 440 10.87 4.92 -26.05
C ARG A 440 11.11 3.76 -25.08
N ASP A 441 10.22 2.76 -25.09
CA ASP A 441 10.36 1.59 -24.23
C ASP A 441 11.66 0.87 -24.53
N ILE A 442 12.01 0.73 -25.82
CA ILE A 442 13.24 0.09 -26.21
C ILE A 442 14.45 0.87 -25.70
N TYR A 443 14.37 2.21 -25.85
CA TYR A 443 15.39 3.14 -25.39
C TYR A 443 15.60 3.02 -23.88
N ASN A 444 14.49 2.98 -23.13
CA ASN A 444 14.51 2.89 -21.68
C ASN A 444 15.07 1.55 -21.21
N ALA A 445 14.82 0.49 -21.98
CA ALA A 445 15.31 -0.84 -21.61
C ALA A 445 16.82 -0.94 -21.83
N ILE A 446 17.30 -0.43 -22.98
CA ILE A 446 18.70 -0.56 -23.39
C ILE A 446 19.60 0.31 -22.51
N TYR A 447 19.19 1.56 -22.29
CA TYR A 447 19.98 2.53 -21.56
C TYR A 447 19.56 2.64 -20.09
N SER A 448 18.96 1.56 -19.54
CA SER A 448 18.62 1.55 -18.13
C SER A 448 19.90 1.66 -17.31
N PRO A 449 19.99 2.61 -16.34
CA PRO A 449 21.13 2.69 -15.42
C PRO A 449 21.25 1.52 -14.45
N ILE A 450 20.14 0.82 -14.19
CA ILE A 450 20.16 -0.40 -13.39
C ILE A 450 20.86 -1.47 -14.20
N HIS A 451 20.70 -1.44 -15.52
CA HIS A 451 21.30 -2.45 -16.39
C HIS A 451 22.83 -2.25 -16.43
N GLN A 452 23.21 -0.98 -16.63
CA GLN A 452 24.59 -0.57 -16.48
C GLN A 452 25.15 -1.07 -15.15
N LEU A 453 24.46 -0.79 -14.06
CA LEU A 453 24.89 -1.21 -12.72
C LEU A 453 25.14 -2.72 -12.65
N SER A 454 24.29 -3.53 -13.29
CA SER A 454 24.24 -4.95 -13.04
C SER A 454 25.47 -5.62 -13.66
N GLY A 455 26.04 -4.95 -14.67
CA GLY A 455 27.25 -5.46 -15.31
C GLY A 455 28.54 -5.19 -14.52
N ILE A 456 28.46 -4.46 -13.41
CA ILE A 456 29.66 -4.14 -12.65
C ILE A 456 29.88 -5.19 -11.56
N ASP A 457 31.10 -5.75 -11.52
CA ASP A 457 31.50 -6.68 -10.47
C ASP A 457 32.21 -5.88 -9.37
N ILE A 458 31.59 -5.85 -8.19
CA ILE A 458 32.02 -4.96 -7.12
C ILE A 458 33.13 -5.63 -6.29
N THR A 459 33.42 -6.91 -6.54
CA THR A 459 34.49 -7.58 -5.83
C THR A 459 35.85 -7.29 -6.48
N LYS A 460 35.82 -6.58 -7.62
CA LYS A 460 36.95 -6.52 -8.53
C LYS A 460 37.80 -5.30 -8.18
N ASP A 461 39.12 -5.49 -8.00
CA ASP A 461 39.97 -4.47 -7.42
C ASP A 461 40.16 -3.25 -8.32
N ASN A 462 39.91 -3.39 -9.62
CA ASN A 462 40.03 -2.27 -10.53
C ASN A 462 38.64 -1.87 -11.01
N ALA A 463 37.71 -1.71 -10.06
CA ALA A 463 36.31 -1.50 -10.40
C ALA A 463 36.07 -0.03 -10.76
N PRO A 464 34.98 0.30 -11.51
CA PRO A 464 34.64 1.69 -11.84
C PRO A 464 34.44 2.49 -10.57
N GLU A 465 35.26 3.53 -10.38
CA GLU A 465 35.19 4.34 -9.18
C GLU A 465 34.08 5.38 -9.33
N TRP A 466 32.86 5.02 -8.92
CA TRP A 466 31.67 5.81 -9.17
C TRP A 466 31.86 7.18 -8.54
N GLY A 467 31.35 8.21 -9.21
CA GLY A 467 31.48 9.56 -8.68
C GLY A 467 30.19 9.98 -8.01
N ASN A 468 29.23 10.39 -8.85
CA ASN A 468 27.88 10.69 -8.42
C ASN A 468 27.15 9.37 -8.16
N GLY A 469 26.06 9.47 -7.39
CA GLY A 469 25.23 8.33 -7.06
C GLY A 469 24.12 8.11 -8.06
N PHE A 470 24.28 8.69 -9.28
CA PHE A 470 23.42 8.39 -10.41
C PHE A 470 24.13 8.57 -11.76
N ARG A 471 23.56 7.88 -12.75
CA ARG A 471 23.75 8.14 -14.18
C ARG A 471 22.38 8.20 -14.85
N THR A 472 22.07 9.28 -15.58
CA THR A 472 20.79 9.36 -16.27
C THR A 472 20.85 8.52 -17.56
N ARG A 473 19.69 8.15 -18.10
CA ARG A 473 19.64 7.43 -19.36
C ARG A 473 20.40 8.21 -20.42
N GLN A 474 20.24 9.54 -20.42
CA GLN A 474 20.88 10.43 -21.38
C GLN A 474 22.39 10.48 -21.23
N MET A 475 22.88 10.39 -19.98
CA MET A 475 24.31 10.33 -19.74
C MET A 475 24.85 9.04 -20.37
N LEU A 476 24.02 7.99 -20.45
CA LEU A 476 24.47 6.73 -21.00
C LEU A 476 24.31 6.71 -22.52
N SER A 477 23.39 7.51 -23.07
CA SER A 477 23.04 7.40 -24.48
C SER A 477 23.65 8.51 -25.34
N ASP A 478 23.89 9.69 -24.76
CA ASP A 478 24.12 10.88 -25.56
C ASP A 478 25.60 11.23 -25.73
N GLY A 479 26.50 10.47 -25.09
CA GLY A 479 27.91 10.83 -25.00
C GLY A 479 28.58 11.06 -26.36
N ASN A 480 28.31 10.22 -27.37
CA ASN A 480 28.98 10.30 -28.66
C ASN A 480 28.06 10.84 -29.75
N LEU A 481 27.01 11.57 -29.37
CA LEU A 481 26.15 12.20 -30.37
C LEU A 481 26.87 13.43 -30.93
N SER A 482 26.60 13.74 -32.20
CA SER A 482 27.03 15.01 -32.79
C SER A 482 26.32 16.17 -32.08
N ASP A 483 26.93 17.35 -32.16
CA ASP A 483 26.39 18.55 -31.52
C ASP A 483 25.08 18.96 -32.19
N ALA A 484 24.99 18.75 -33.51
CA ALA A 484 23.78 19.01 -34.28
C ALA A 484 22.60 18.25 -33.68
N VAL A 485 22.83 16.97 -33.38
CA VAL A 485 21.81 16.10 -32.80
C VAL A 485 21.55 16.52 -31.35
N ARG A 486 22.61 16.63 -30.53
CA ARG A 486 22.42 16.99 -29.13
C ARG A 486 21.69 18.32 -28.97
N ASN A 487 21.86 19.24 -29.92
CA ASN A 487 21.34 20.58 -29.79
C ASN A 487 20.12 20.80 -30.69
N SER A 488 19.74 19.79 -31.48
CA SER A 488 18.54 19.90 -32.31
C SER A 488 17.49 20.71 -31.58
N GLU A 489 16.78 21.57 -32.30
CA GLU A 489 15.66 22.32 -31.73
C GLU A 489 14.35 21.67 -32.13
N THR A 490 14.42 20.55 -32.89
CA THR A 490 13.21 19.86 -33.34
C THR A 490 13.04 18.51 -32.62
N LEU A 491 14.16 17.82 -32.38
CA LEU A 491 14.14 16.47 -31.84
C LEU A 491 13.80 16.54 -30.36
N ARG A 492 12.82 15.75 -29.93
CA ARG A 492 12.46 15.72 -28.52
C ARG A 492 11.96 14.34 -28.12
N GLN A 493 12.00 14.07 -26.81
CA GLN A 493 11.53 12.82 -26.24
C GLN A 493 10.00 12.82 -26.30
N TYR A 494 9.42 11.63 -26.05
CA TYR A 494 7.99 11.44 -26.22
C TYR A 494 7.21 12.36 -25.30
N THR A 495 6.12 12.96 -25.81
CA THR A 495 5.38 13.96 -25.07
C THR A 495 3.99 13.46 -24.71
N GLY A 496 3.63 12.25 -25.10
CA GLY A 496 2.30 11.76 -24.83
C GLY A 496 2.22 11.36 -23.37
N GLY A 497 1.00 11.08 -22.89
CA GLY A 497 0.77 10.75 -21.50
C GLY A 497 0.79 9.24 -21.34
N TYR A 498 0.55 8.79 -20.11
CA TYR A 498 0.68 7.37 -19.78
C TYR A 498 -0.28 6.49 -20.59
N ASP A 499 -1.49 6.98 -20.83
CA ASP A 499 -2.54 6.23 -21.52
C ASP A 499 -2.89 6.97 -22.81
N SER A 500 -2.55 6.39 -23.97
CA SER A 500 -2.65 7.09 -25.24
C SER A 500 -3.99 6.80 -25.90
N VAL A 501 -4.81 5.98 -25.25
CA VAL A 501 -5.99 5.40 -25.88
C VAL A 501 -7.30 5.96 -25.30
N SER A 502 -7.28 6.43 -24.05
N SER A 502 -7.26 6.41 -24.03
CA SER A 502 -8.53 6.81 -23.41
CA SER A 502 -8.47 6.85 -23.35
C SER A 502 -9.06 8.09 -24.05
C SER A 502 -9.05 8.05 -24.09
N LYS A 503 -8.18 8.94 -24.56
CA LYS A 503 -8.59 10.12 -25.31
C LYS A 503 -9.45 9.72 -26.51
N LEU A 504 -9.06 8.63 -27.20
CA LEU A 504 -9.77 8.17 -28.39
C LEU A 504 -11.21 7.78 -28.07
N ARG A 505 -11.47 7.31 -26.86
CA ARG A 505 -12.80 6.82 -26.54
C ARG A 505 -13.77 7.97 -26.31
N GLU A 506 -13.23 9.16 -26.01
CA GLU A 506 -14.02 10.34 -25.70
C GLU A 506 -14.06 11.30 -26.91
N ARG A 507 -13.83 10.78 -28.11
CA ARG A 507 -13.60 11.63 -29.27
C ARG A 507 -14.84 11.62 -30.15
N GLU A 508 -15.23 12.81 -30.65
CA GLU A 508 -16.30 12.93 -31.63
C GLU A 508 -15.66 12.89 -33.01
N TYR A 509 -16.37 12.29 -33.97
CA TYR A 509 -15.82 12.16 -35.32
C TYR A 509 -16.72 12.93 -36.30
N PRO A 510 -16.15 13.80 -37.17
CA PRO A 510 -16.94 14.47 -38.21
C PRO A 510 -17.59 13.47 -39.16
N ALA A 511 -18.94 13.52 -39.24
CA ALA A 511 -19.72 12.80 -40.23
C ALA A 511 -19.42 13.35 -41.62
N PHE A 512 -19.58 12.48 -42.62
CA PHE A 512 -19.40 12.85 -44.02
C PHE A 512 -20.75 12.63 -44.72
N GLU A 513 -20.87 13.18 -45.94
CA GLU A 513 -22.14 13.25 -46.66
C GLU A 513 -22.24 12.06 -47.63
N ARG A 514 -23.22 11.18 -47.37
CA ARG A 514 -23.45 9.98 -48.19
C ARG A 514 -24.09 10.35 -49.51
N LYS A 515 -23.76 9.59 -50.57
CA LYS A 515 -24.31 9.83 -51.89
C LYS A 515 -25.80 9.49 -51.88
N THR B 1 -24.20 -17.26 13.42
CA THR B 1 -23.43 -18.53 13.51
C THR B 1 -22.63 -18.74 12.23
N CYS B 2 -21.65 -19.63 12.33
CA CYS B 2 -20.79 -19.94 11.20
C CYS B 2 -21.33 -21.18 10.47
N GLU B 3 -21.84 -20.99 9.24
CA GLU B 3 -22.41 -22.08 8.47
C GLU B 3 -21.49 -22.45 7.30
N VAL B 4 -21.08 -23.73 7.27
CA VAL B 4 -20.41 -24.32 6.12
C VAL B 4 -21.45 -24.82 5.11
N LYS B 5 -21.32 -24.40 3.86
CA LYS B 5 -22.27 -24.77 2.83
C LYS B 5 -21.54 -24.91 1.49
N GLU B 6 -22.11 -25.71 0.58
CA GLU B 6 -21.47 -25.94 -0.69
C GLU B 6 -22.06 -24.98 -1.73
N LYS B 7 -21.22 -24.48 -2.64
CA LYS B 7 -21.69 -23.61 -3.71
C LYS B 7 -22.93 -24.27 -4.33
N GLY B 8 -23.96 -23.46 -4.65
CA GLY B 8 -25.17 -23.99 -5.22
C GLY B 8 -25.00 -24.36 -6.69
N ARG B 9 -24.31 -23.49 -7.45
CA ARG B 9 -24.16 -23.71 -8.87
C ARG B 9 -23.26 -24.91 -9.12
N VAL B 10 -23.53 -25.62 -10.22
CA VAL B 10 -22.69 -26.74 -10.65
C VAL B 10 -21.45 -26.22 -11.39
N GLY B 11 -21.59 -25.06 -12.02
CA GLY B 11 -20.55 -24.52 -12.90
C GLY B 11 -19.62 -23.53 -12.19
N THR B 12 -18.57 -23.13 -12.90
CA THR B 12 -17.53 -22.28 -12.35
C THR B 12 -17.55 -20.96 -13.09
N ILE B 13 -17.68 -19.88 -12.34
CA ILE B 13 -17.54 -18.52 -12.84
C ILE B 13 -16.39 -17.86 -12.07
N ASN B 14 -15.27 -17.59 -12.78
CA ASN B 14 -14.09 -16.98 -12.21
C ASN B 14 -13.46 -17.91 -11.18
N PRO B 15 -12.58 -18.84 -11.62
CA PRO B 15 -11.94 -19.82 -10.72
C PRO B 15 -10.86 -19.29 -9.79
N ILE B 16 -10.78 -19.90 -8.60
CA ILE B 16 -9.86 -19.50 -7.55
C ILE B 16 -8.51 -20.19 -7.69
N PHE B 17 -8.54 -21.43 -8.20
CA PHE B 17 -7.38 -22.26 -8.38
C PHE B 17 -7.34 -22.83 -9.78
N THR B 18 -6.17 -23.40 -10.13
CA THR B 18 -6.07 -24.24 -11.32
C THR B 18 -6.01 -25.71 -10.87
N CYS B 19 -5.55 -26.58 -11.77
CA CYS B 19 -5.78 -28.00 -11.64
C CYS B 19 -4.57 -28.72 -11.03
N GLN B 20 -4.77 -30.00 -10.71
CA GLN B 20 -3.78 -30.76 -9.97
C GLN B 20 -2.39 -30.68 -10.58
N PRO B 21 -2.17 -30.86 -11.90
CA PRO B 21 -0.82 -30.87 -12.44
C PRO B 21 0.00 -29.63 -12.07
N ALA B 22 -0.69 -28.49 -11.89
CA ALA B 22 -0.01 -27.24 -11.60
C ALA B 22 0.72 -27.37 -10.27
N GLY B 23 0.08 -28.06 -9.33
CA GLY B 23 0.62 -28.30 -8.00
C GLY B 23 1.84 -29.21 -8.05
N ALA B 24 1.73 -30.28 -8.85
CA ALA B 24 2.85 -31.22 -9.02
C ALA B 24 4.05 -30.50 -9.63
N GLN B 25 3.79 -29.59 -10.58
CA GLN B 25 4.83 -28.81 -11.21
C GLN B 25 5.51 -27.88 -10.21
N PHE B 26 4.73 -27.38 -9.24
CA PHE B 26 5.27 -26.47 -8.25
C PHE B 26 6.20 -27.22 -7.29
N VAL B 27 5.78 -28.41 -6.86
CA VAL B 27 6.63 -29.25 -6.04
C VAL B 27 7.96 -29.45 -6.75
N SER B 28 7.86 -29.79 -8.04
CA SER B 28 8.98 -30.18 -8.88
C SER B 28 10.02 -29.06 -8.97
N ILE B 29 9.59 -27.78 -9.05
CA ILE B 29 10.54 -26.72 -9.32
C ILE B 29 11.34 -26.38 -8.07
N GLY B 30 10.94 -26.93 -6.92
CA GLY B 30 11.64 -26.69 -5.67
C GLY B 30 12.75 -27.69 -5.34
N ILE B 31 12.98 -28.68 -6.23
CA ILE B 31 14.00 -29.70 -6.05
C ILE B 31 15.22 -29.39 -6.89
N LYS B 32 16.41 -29.54 -6.30
CA LYS B 32 17.66 -29.31 -7.02
C LYS B 32 17.81 -30.36 -8.14
N ASP B 33 18.24 -29.90 -9.32
CA ASP B 33 18.50 -30.70 -10.53
C ASP B 33 17.25 -31.48 -10.96
N CYS B 34 16.08 -30.84 -10.87
CA CYS B 34 14.82 -31.45 -11.24
C CYS B 34 14.27 -30.71 -12.47
N ILE B 35 13.78 -31.45 -13.46
CA ILE B 35 12.97 -30.89 -14.52
C ILE B 35 11.86 -31.88 -14.79
N GLY B 36 10.63 -31.51 -14.43
CA GLY B 36 9.48 -32.36 -14.67
C GLY B 36 9.04 -32.31 -16.12
N ILE B 37 8.42 -33.42 -16.54
CA ILE B 37 7.80 -33.53 -17.86
C ILE B 37 6.31 -33.67 -17.64
N VAL B 38 5.56 -32.74 -18.25
CA VAL B 38 4.12 -32.73 -18.08
C VAL B 38 3.57 -33.47 -19.28
N HIS B 39 2.96 -34.63 -19.00
CA HIS B 39 2.51 -35.56 -20.03
C HIS B 39 1.10 -35.18 -20.46
N GLY B 40 1.00 -34.50 -21.60
CA GLY B 40 -0.26 -34.03 -22.14
C GLY B 40 -0.01 -32.92 -23.15
N GLY B 41 -1.03 -32.09 -23.41
CA GLY B 41 -0.88 -31.01 -24.38
C GLY B 41 0.10 -29.96 -23.87
N GLN B 42 0.63 -29.17 -24.79
CA GLN B 42 1.64 -28.16 -24.52
C GLN B 42 1.16 -27.06 -23.56
N GLY B 43 -0.15 -26.79 -23.51
CA GLY B 43 -0.64 -25.71 -22.68
C GLY B 43 -0.62 -26.09 -21.19
N CYS B 44 -0.61 -27.40 -20.94
CA CYS B 44 -0.68 -27.90 -19.57
C CYS B 44 0.57 -27.55 -18.80
N VAL B 45 1.68 -27.29 -19.51
CA VAL B 45 2.94 -26.86 -18.91
C VAL B 45 3.23 -25.39 -19.23
N MET B 46 3.03 -24.92 -20.47
CA MET B 46 3.44 -23.56 -20.77
C MET B 46 2.63 -22.55 -19.95
N PHE B 47 1.33 -22.79 -19.78
CA PHE B 47 0.48 -21.85 -19.07
C PHE B 47 0.87 -21.82 -17.59
N VAL B 48 1.29 -22.98 -17.06
CA VAL B 48 1.66 -23.08 -15.65
C VAL B 48 3.00 -22.40 -15.42
N ARG B 49 3.96 -22.57 -16.32
CA ARG B 49 5.21 -21.82 -16.22
C ARG B 49 4.90 -20.33 -16.17
N LEU B 50 3.85 -19.88 -16.88
CA LEU B 50 3.44 -18.48 -16.85
C LEU B 50 2.85 -18.09 -15.50
N ILE B 51 2.03 -18.95 -14.90
CA ILE B 51 1.55 -18.66 -13.55
C ILE B 51 2.72 -18.39 -12.61
N PHE B 52 3.78 -19.20 -12.73
CA PHE B 52 4.92 -19.10 -11.81
C PHE B 52 5.67 -17.82 -12.12
N SER B 53 5.78 -17.49 -13.41
CA SER B 53 6.35 -16.24 -13.85
C SER B 53 5.58 -15.03 -13.31
N GLN B 54 4.24 -15.13 -13.26
CA GLN B 54 3.41 -14.05 -12.74
C GLN B 54 3.73 -13.83 -11.28
N HIS B 55 3.94 -14.90 -10.51
CA HIS B 55 4.17 -14.73 -9.09
C HIS B 55 5.59 -14.21 -8.80
N TYR B 56 6.62 -14.75 -9.49
CA TYR B 56 8.02 -14.55 -9.10
C TYR B 56 8.81 -13.68 -10.07
N LYS B 57 8.26 -13.52 -11.29
CA LYS B 57 8.91 -12.83 -12.38
C LYS B 57 10.22 -13.57 -12.72
N GLU B 58 10.16 -14.91 -12.65
CA GLU B 58 11.29 -15.78 -12.95
C GLU B 58 10.80 -16.94 -13.80
N SER B 59 11.70 -17.44 -14.65
CA SER B 59 11.43 -18.63 -15.44
C SER B 59 11.97 -19.87 -14.72
N PHE B 60 11.14 -20.92 -14.67
CA PHE B 60 11.51 -22.22 -14.15
C PHE B 60 11.45 -23.24 -15.27
N GLU B 61 12.26 -24.30 -15.15
CA GLU B 61 12.40 -25.29 -16.21
C GLU B 61 11.42 -26.43 -15.96
N LEU B 62 10.50 -26.59 -16.91
CA LEU B 62 9.55 -27.70 -16.99
C LEU B 62 9.36 -28.01 -18.48
N ALA B 63 9.14 -29.28 -18.81
CA ALA B 63 9.02 -29.70 -20.21
C ALA B 63 7.64 -30.28 -20.52
N SER B 64 7.33 -30.45 -21.82
CA SER B 64 6.13 -31.11 -22.31
C SER B 64 6.48 -32.42 -23.02
N SER B 65 5.52 -33.36 -22.98
CA SER B 65 5.52 -34.51 -23.87
C SER B 65 4.83 -34.22 -25.20
N SER B 66 4.16 -33.06 -25.33
CA SER B 66 3.67 -32.61 -26.62
C SER B 66 2.69 -33.62 -27.23
N LEU B 67 1.60 -33.91 -26.50
CA LEU B 67 0.52 -34.71 -27.04
C LEU B 67 -0.06 -34.00 -28.27
N HIS B 68 -0.15 -34.74 -29.39
CA HIS B 68 -0.89 -34.31 -30.56
C HIS B 68 -2.00 -35.33 -30.86
N GLU B 69 -2.57 -35.31 -32.07
CA GLU B 69 -3.78 -36.08 -32.37
C GLU B 69 -3.50 -37.57 -32.33
N ASP B 70 -2.32 -37.96 -32.82
CA ASP B 70 -1.93 -39.37 -32.90
C ASP B 70 -2.08 -39.99 -31.51
N GLY B 71 -1.40 -39.38 -30.54
CA GLY B 71 -1.43 -39.89 -29.18
C GLY B 71 -2.83 -39.98 -28.60
N ALA B 72 -3.70 -39.01 -28.94
CA ALA B 72 -5.04 -38.97 -28.36
C ALA B 72 -5.87 -40.15 -28.85
N VAL B 73 -5.54 -40.68 -30.04
CA VAL B 73 -6.23 -41.83 -30.61
C VAL B 73 -5.58 -43.14 -30.16
N PHE B 74 -4.25 -43.23 -30.21
CA PHE B 74 -3.54 -44.49 -30.11
C PHE B 74 -2.90 -44.73 -28.75
N GLY B 75 -2.85 -43.70 -27.88
CA GLY B 75 -2.06 -43.74 -26.66
C GLY B 75 -0.75 -43.01 -26.90
N ALA B 76 -0.08 -42.52 -25.85
CA ALA B 76 1.00 -41.56 -26.01
C ALA B 76 2.22 -41.84 -25.13
N CYS B 77 2.39 -43.07 -24.62
CA CYS B 77 3.60 -43.43 -23.89
C CYS B 77 4.86 -43.15 -24.70
N GLY B 78 4.81 -43.33 -26.03
CA GLY B 78 5.93 -43.03 -26.91
C GLY B 78 6.47 -41.60 -26.76
N ARG B 79 5.57 -40.66 -26.48
CA ARG B 79 5.93 -39.26 -26.38
C ARG B 79 6.71 -39.03 -25.08
N VAL B 80 6.29 -39.70 -24.02
CA VAL B 80 7.02 -39.69 -22.76
C VAL B 80 8.44 -40.25 -22.97
N GLU B 81 8.55 -41.38 -23.67
CA GLU B 81 9.85 -42.03 -23.90
C GLU B 81 10.79 -41.08 -24.63
N GLU B 82 10.28 -40.44 -25.68
CA GLU B 82 11.06 -39.51 -26.47
C GLU B 82 11.41 -38.26 -25.65
N ALA B 83 10.45 -37.79 -24.83
CA ALA B 83 10.66 -36.62 -23.98
C ALA B 83 11.80 -36.88 -23.00
N VAL B 84 11.86 -38.08 -22.41
CA VAL B 84 12.91 -38.38 -21.44
C VAL B 84 14.27 -38.37 -22.15
N ASP B 85 14.35 -39.01 -23.31
CA ASP B 85 15.59 -39.07 -24.05
C ASP B 85 16.05 -37.66 -24.39
N VAL B 86 15.16 -36.87 -25.00
CA VAL B 86 15.52 -35.55 -25.51
C VAL B 86 15.95 -34.64 -24.37
N LEU B 87 15.27 -34.77 -23.23
CA LEU B 87 15.60 -33.98 -22.04
C LEU B 87 16.98 -34.36 -21.50
N LEU B 88 17.18 -35.64 -21.21
CA LEU B 88 18.43 -36.06 -20.61
C LEU B 88 19.59 -35.78 -21.58
N SER B 89 19.34 -35.92 -22.88
CA SER B 89 20.37 -35.74 -23.88
C SER B 89 20.83 -34.28 -23.98
N ARG B 90 20.04 -33.34 -23.50
CA ARG B 90 20.33 -31.94 -23.72
C ARG B 90 20.54 -31.21 -22.38
N TYR B 91 20.14 -31.86 -21.28
CA TYR B 91 20.32 -31.32 -19.95
C TYR B 91 21.12 -32.34 -19.11
N PRO B 92 22.47 -32.25 -19.15
CA PRO B 92 23.32 -33.25 -18.51
C PRO B 92 23.29 -33.26 -16.99
N ASP B 93 22.85 -32.16 -16.35
CA ASP B 93 22.84 -32.05 -14.90
C ASP B 93 21.52 -32.49 -14.29
N VAL B 94 20.49 -32.79 -15.09
CA VAL B 94 19.19 -33.15 -14.51
C VAL B 94 19.34 -34.51 -13.86
N LYS B 95 18.80 -34.66 -12.65
CA LYS B 95 18.85 -35.95 -11.97
C LYS B 95 17.47 -36.42 -11.52
N VAL B 96 16.51 -35.49 -11.36
CA VAL B 96 15.15 -35.87 -11.00
C VAL B 96 14.24 -35.41 -12.13
N VAL B 97 13.36 -36.31 -12.59
CA VAL B 97 12.47 -36.06 -13.72
C VAL B 97 11.08 -36.61 -13.37
N PRO B 98 10.21 -35.81 -12.71
CA PRO B 98 8.82 -36.20 -12.50
C PRO B 98 8.10 -36.36 -13.84
N ILE B 99 7.18 -37.33 -13.91
CA ILE B 99 6.31 -37.49 -15.06
C ILE B 99 4.88 -37.23 -14.59
N ILE B 100 4.35 -36.10 -15.04
CA ILE B 100 3.18 -35.49 -14.42
C ILE B 100 2.03 -35.68 -15.39
N THR B 101 0.98 -36.40 -14.98
CA THR B 101 -0.13 -36.66 -15.90
C THR B 101 -1.05 -35.44 -15.96
N THR B 102 -1.93 -35.45 -16.98
CA THR B 102 -2.96 -34.44 -17.18
C THR B 102 -4.33 -35.09 -17.39
N CYS B 103 -5.35 -34.27 -17.59
CA CYS B 103 -6.65 -34.80 -17.98
C CYS B 103 -6.53 -35.74 -19.19
N SER B 104 -5.82 -35.34 -20.25
CA SER B 104 -5.81 -36.14 -21.47
C SER B 104 -5.24 -37.54 -21.25
N THR B 105 -4.09 -37.63 -20.57
CA THR B 105 -3.32 -38.86 -20.53
C THR B 105 -3.94 -39.79 -19.49
N GLU B 106 -4.59 -39.24 -18.47
CA GLU B 106 -5.37 -40.06 -17.56
C GLU B 106 -6.55 -40.68 -18.33
N ILE B 107 -7.29 -39.86 -19.08
CA ILE B 107 -8.41 -40.32 -19.86
C ILE B 107 -7.98 -41.39 -20.86
N ILE B 108 -6.85 -41.24 -21.57
CA ILE B 108 -6.54 -42.23 -22.59
C ILE B 108 -5.87 -43.44 -21.95
N GLY B 109 -5.56 -43.36 -20.65
CA GLY B 109 -5.17 -44.50 -19.85
C GLY B 109 -3.72 -44.92 -20.10
N ASP B 110 -2.86 -44.02 -20.59
CA ASP B 110 -1.45 -44.33 -20.77
C ASP B 110 -0.85 -44.90 -19.48
N ASP B 111 -0.11 -46.01 -19.57
CA ASP B 111 0.48 -46.66 -18.41
C ASP B 111 1.85 -46.03 -18.11
N VAL B 112 1.85 -45.05 -17.20
CA VAL B 112 3.03 -44.25 -16.96
C VAL B 112 3.98 -45.01 -16.06
N ASP B 113 3.45 -45.78 -15.10
CA ASP B 113 4.32 -46.57 -14.22
C ASP B 113 5.08 -47.59 -15.09
N GLY B 114 4.35 -48.20 -16.03
CA GLY B 114 4.93 -49.15 -16.96
C GLY B 114 6.03 -48.54 -17.82
N VAL B 115 5.78 -47.33 -18.34
CA VAL B 115 6.74 -46.71 -19.25
C VAL B 115 8.00 -46.29 -18.49
N ILE B 116 7.87 -45.98 -17.18
CA ILE B 116 9.02 -45.70 -16.32
C ILE B 116 9.84 -46.96 -16.07
N LYS B 117 9.16 -48.08 -15.77
CA LYS B 117 9.78 -49.39 -15.68
C LYS B 117 10.63 -49.64 -16.93
N LYS B 118 10.06 -49.34 -18.11
CA LYS B 118 10.69 -49.65 -19.38
C LYS B 118 11.96 -48.81 -19.60
N LEU B 119 11.91 -47.53 -19.23
CA LEU B 119 13.04 -46.63 -19.40
C LEU B 119 14.14 -46.96 -18.39
N ASN B 120 13.75 -47.37 -17.19
CA ASN B 120 14.71 -47.70 -16.15
C ASN B 120 15.56 -48.89 -16.59
N GLU B 121 14.91 -49.90 -17.16
CA GLU B 121 15.60 -51.12 -17.57
C GLU B 121 16.20 -50.93 -18.97
N GLY B 122 15.66 -49.99 -19.75
CA GLY B 122 16.05 -49.79 -21.13
C GLY B 122 16.99 -48.60 -21.32
N LEU B 123 16.43 -47.46 -21.75
CA LEU B 123 17.19 -46.28 -22.13
C LEU B 123 18.20 -45.85 -21.06
N LEU B 124 17.80 -45.87 -19.79
CA LEU B 124 18.64 -45.29 -18.74
C LEU B 124 19.88 -46.15 -18.48
N LYS B 125 19.73 -47.48 -18.68
CA LYS B 125 20.84 -48.41 -18.56
C LYS B 125 21.71 -48.37 -19.82
N GLU B 126 21.12 -48.21 -20.99
CA GLU B 126 21.87 -48.32 -22.24
C GLU B 126 22.55 -47.00 -22.56
N LYS B 127 21.80 -45.88 -22.53
CA LYS B 127 22.31 -44.62 -23.03
C LYS B 127 22.94 -43.81 -21.91
N PHE B 128 22.48 -43.96 -20.67
CA PHE B 128 22.88 -43.09 -19.57
C PHE B 128 23.34 -43.92 -18.37
N PRO B 129 24.24 -44.92 -18.54
CA PRO B 129 24.57 -45.86 -17.46
C PRO B 129 25.34 -45.21 -16.31
N ASP B 130 26.10 -44.15 -16.62
CA ASP B 130 26.94 -43.48 -15.63
C ASP B 130 26.23 -42.32 -14.92
N ARG B 131 24.92 -42.12 -15.15
CA ARG B 131 24.20 -40.99 -14.56
C ARG B 131 23.11 -41.47 -13.61
N GLU B 132 22.95 -40.74 -12.51
CA GLU B 132 21.80 -40.88 -11.64
C GLU B 132 20.62 -40.14 -12.27
N VAL B 133 19.51 -40.87 -12.44
CA VAL B 133 18.29 -40.29 -12.98
C VAL B 133 17.11 -40.94 -12.28
N HIS B 134 16.30 -40.10 -11.60
CA HIS B 134 15.12 -40.58 -10.92
C HIS B 134 13.85 -40.16 -11.68
N LEU B 135 13.15 -41.14 -12.27
CA LEU B 135 11.88 -40.91 -12.94
C LEU B 135 10.77 -41.18 -11.94
N ILE B 136 9.87 -40.19 -11.70
CA ILE B 136 8.85 -40.32 -10.67
C ILE B 136 7.48 -40.00 -11.28
N ALA B 137 6.62 -41.02 -11.33
CA ALA B 137 5.26 -40.85 -11.79
C ALA B 137 4.52 -39.97 -10.80
N MET B 138 3.73 -39.03 -11.35
CA MET B 138 2.81 -38.25 -10.53
C MET B 138 1.46 -38.22 -11.23
N HIS B 139 0.48 -38.92 -10.62
CA HIS B 139 -0.83 -39.05 -11.21
C HIS B 139 -1.71 -37.89 -10.73
N THR B 140 -2.01 -36.96 -11.66
CA THR B 140 -2.66 -35.70 -11.32
C THR B 140 -3.73 -35.39 -12.36
N PRO B 141 -4.81 -36.20 -12.44
CA PRO B 141 -5.96 -35.90 -13.31
C PRO B 141 -6.56 -34.56 -12.90
N SER B 142 -6.88 -33.67 -13.86
CA SER B 142 -7.36 -32.33 -13.55
C SER B 142 -8.85 -32.29 -13.19
N PHE B 143 -9.56 -33.43 -13.32
CA PHE B 143 -11.02 -33.48 -13.17
C PHE B 143 -11.38 -33.93 -11.77
N VAL B 144 -10.40 -33.90 -10.85
CA VAL B 144 -10.62 -33.98 -9.40
C VAL B 144 -9.73 -32.95 -8.72
N GLY B 145 -10.15 -32.51 -7.52
CA GLY B 145 -9.38 -31.62 -6.67
C GLY B 145 -8.96 -30.33 -7.40
N SER B 146 -7.70 -29.95 -7.18
CA SER B 146 -7.15 -28.70 -7.67
C SER B 146 -5.63 -28.75 -7.55
N MET B 147 -4.97 -27.64 -7.89
CA MET B 147 -3.52 -27.52 -7.72
C MET B 147 -3.09 -27.81 -6.30
N ILE B 148 -3.98 -27.63 -5.32
CA ILE B 148 -3.67 -27.82 -3.90
C ILE B 148 -3.51 -29.32 -3.62
N SER B 149 -4.48 -30.11 -4.08
CA SER B 149 -4.43 -31.55 -3.89
C SER B 149 -3.34 -32.16 -4.75
N GLY B 150 -3.05 -31.54 -5.90
CA GLY B 150 -1.96 -31.96 -6.76
C GLY B 150 -0.60 -31.81 -6.07
N TYR B 151 -0.45 -30.70 -5.32
CA TYR B 151 0.75 -30.47 -4.53
C TYR B 151 0.88 -31.59 -3.48
N ASP B 152 -0.22 -31.89 -2.78
CA ASP B 152 -0.28 -32.92 -1.75
C ASP B 152 0.21 -34.26 -2.34
N VAL B 153 -0.37 -34.63 -3.47
CA VAL B 153 -0.01 -35.84 -4.18
C VAL B 153 1.49 -35.85 -4.48
N ALA B 154 2.02 -34.75 -5.04
CA ALA B 154 3.38 -34.72 -5.54
C ALA B 154 4.43 -34.88 -4.43
N VAL B 155 4.20 -34.25 -3.28
CA VAL B 155 5.11 -34.31 -2.14
C VAL B 155 5.21 -35.77 -1.67
N ARG B 156 4.07 -36.46 -1.60
CA ARG B 156 4.05 -37.88 -1.30
C ARG B 156 4.80 -38.68 -2.36
N ASP B 157 4.57 -38.40 -3.64
CA ASP B 157 5.22 -39.17 -4.69
C ASP B 157 6.74 -39.02 -4.59
N VAL B 158 7.20 -37.81 -4.26
CA VAL B 158 8.63 -37.55 -4.21
C VAL B 158 9.24 -38.19 -2.96
N VAL B 159 8.54 -38.14 -1.83
CA VAL B 159 9.05 -38.69 -0.60
C VAL B 159 9.01 -40.22 -0.68
N ARG B 160 7.93 -40.79 -1.25
CA ARG B 160 7.81 -42.23 -1.42
C ARG B 160 9.01 -42.75 -2.23
N HIS B 161 9.38 -42.02 -3.29
CA HIS B 161 10.43 -42.51 -4.19
C HIS B 161 11.80 -42.56 -3.52
N PHE B 162 12.07 -41.65 -2.57
CA PHE B 162 13.44 -41.43 -2.12
C PHE B 162 13.66 -41.95 -0.70
N ALA B 163 12.67 -41.82 0.18
CA ALA B 163 12.89 -41.97 1.61
C ALA B 163 13.39 -43.39 1.92
N LYS B 164 14.49 -43.49 2.68
CA LYS B 164 14.97 -44.75 3.24
C LYS B 164 15.39 -44.50 4.69
N ARG B 165 15.24 -45.52 5.57
CA ARG B 165 15.60 -45.37 6.97
C ARG B 165 16.82 -46.21 7.33
N GLU B 166 17.98 -45.80 6.81
CA GLU B 166 19.23 -46.55 6.95
C GLU B 166 20.17 -45.86 7.94
N ALA B 167 19.77 -44.73 8.54
CA ALA B 167 20.64 -43.98 9.44
C ALA B 167 19.82 -42.98 10.25
N PRO B 168 18.92 -43.46 11.15
CA PRO B 168 18.06 -42.59 11.95
C PRO B 168 18.78 -41.46 12.68
N ASN B 169 18.20 -40.26 12.63
CA ASN B 169 18.84 -39.07 13.19
C ASN B 169 17.80 -38.27 13.98
N ASP B 170 18.21 -37.11 14.48
CA ASP B 170 17.34 -36.30 15.31
C ASP B 170 16.77 -35.11 14.52
N LYS B 171 16.92 -35.12 13.19
CA LYS B 171 16.32 -34.07 12.37
C LYS B 171 14.80 -34.22 12.41
N ILE B 172 14.08 -33.13 12.11
CA ILE B 172 12.69 -33.26 11.70
C ILE B 172 12.60 -33.07 10.20
N ASN B 173 11.48 -33.55 9.64
CA ASN B 173 11.03 -33.17 8.32
C ASN B 173 10.06 -32.01 8.47
N LEU B 174 10.41 -30.86 7.88
CA LEU B 174 9.49 -29.73 7.82
C LEU B 174 8.89 -29.64 6.41
N LEU B 175 7.63 -30.03 6.29
CA LEU B 175 6.91 -29.80 5.06
C LEU B 175 6.20 -28.45 5.19
N THR B 176 6.76 -27.43 4.50
CA THR B 176 6.32 -26.04 4.68
C THR B 176 4.88 -25.85 4.24
N GLY B 177 4.53 -26.55 3.18
CA GLY B 177 3.34 -26.27 2.40
C GLY B 177 3.76 -25.35 1.27
N TRP B 178 2.80 -25.05 0.40
CA TRP B 178 2.99 -24.14 -0.71
C TRP B 178 3.13 -22.71 -0.18
N VAL B 179 4.37 -22.25 0.06
CA VAL B 179 4.60 -20.98 0.71
C VAL B 179 5.58 -20.16 -0.12
N ASN B 180 5.82 -18.92 0.33
CA ASN B 180 6.76 -18.00 -0.27
C ASN B 180 8.16 -18.19 0.30
N PRO B 181 9.22 -17.77 -0.42
CA PRO B 181 10.57 -17.74 0.15
C PRO B 181 10.65 -17.06 1.52
N GLY B 182 9.90 -15.97 1.70
CA GLY B 182 9.89 -15.30 2.97
C GLY B 182 9.41 -16.16 4.13
N ASP B 183 8.58 -17.16 3.81
CA ASP B 183 8.04 -18.06 4.83
C ASP B 183 9.08 -19.13 5.16
N VAL B 184 9.78 -19.64 4.14
CA VAL B 184 10.90 -20.56 4.32
C VAL B 184 11.93 -19.89 5.24
N LYS B 185 12.31 -18.66 4.92
CA LYS B 185 13.29 -17.92 5.70
C LYS B 185 12.82 -17.80 7.14
N GLU B 186 11.54 -17.50 7.32
CA GLU B 186 10.99 -17.32 8.66
C GLU B 186 11.02 -18.63 9.43
N LEU B 187 10.60 -19.73 8.79
CA LEU B 187 10.47 -21.01 9.47
C LEU B 187 11.85 -21.53 9.86
N LYS B 188 12.86 -21.34 8.98
CA LYS B 188 14.22 -21.73 9.27
C LYS B 188 14.82 -20.88 10.39
N HIS B 189 14.38 -19.63 10.53
CA HIS B 189 14.76 -18.81 11.66
C HIS B 189 14.27 -19.47 12.95
N LEU B 190 13.00 -19.85 12.97
CA LEU B 190 12.45 -20.46 14.18
C LEU B 190 13.24 -21.73 14.53
N LEU B 191 13.46 -22.61 13.54
CA LEU B 191 14.17 -23.85 13.80
C LEU B 191 15.57 -23.55 14.36
N GLY B 192 16.29 -22.61 13.73
CA GLY B 192 17.60 -22.17 14.19
C GLY B 192 17.58 -21.75 15.66
N GLU B 193 16.57 -20.99 16.07
CA GLU B 193 16.41 -20.54 17.43
C GLU B 193 16.04 -21.69 18.37
N MET B 194 15.32 -22.68 17.87
CA MET B 194 14.91 -23.84 18.64
C MET B 194 16.05 -24.87 18.71
N ASP B 195 17.12 -24.62 17.95
CA ASP B 195 18.22 -25.55 17.74
C ASP B 195 17.71 -26.87 17.17
N ILE B 196 16.93 -26.80 16.09
CA ILE B 196 16.37 -28.00 15.47
C ILE B 196 16.82 -28.04 14.00
N GLU B 197 17.43 -29.16 13.63
CA GLU B 197 17.79 -29.40 12.24
C GLU B 197 16.61 -30.06 11.55
N ALA B 198 16.44 -29.75 10.26
CA ALA B 198 15.29 -30.23 9.51
C ALA B 198 15.65 -30.51 8.07
N ASN B 199 14.89 -31.43 7.47
CA ASN B 199 14.79 -31.49 6.02
C ASN B 199 13.61 -30.60 5.61
N VAL B 200 13.93 -29.50 4.94
CA VAL B 200 12.92 -28.50 4.67
C VAL B 200 12.42 -28.71 3.25
N LEU B 201 11.23 -29.30 3.13
CA LEU B 201 10.58 -29.46 1.86
C LEU B 201 9.59 -28.30 1.68
N PHE B 202 9.97 -27.23 0.97
CA PHE B 202 11.08 -27.18 0.02
C PHE B 202 11.90 -25.92 0.22
N GLU B 203 13.14 -25.98 -0.25
CA GLU B 203 14.12 -24.93 -0.07
C GLU B 203 14.07 -24.01 -1.28
N ILE B 204 13.12 -23.06 -1.28
CA ILE B 204 12.85 -22.28 -2.48
C ILE B 204 13.37 -20.85 -2.37
N GLU B 205 14.23 -20.55 -1.38
CA GLU B 205 14.74 -19.19 -1.24
C GLU B 205 15.52 -18.79 -2.49
N SER B 206 16.13 -19.79 -3.14
CA SER B 206 16.95 -19.57 -4.31
C SER B 206 16.09 -19.27 -5.55
N PHE B 207 14.75 -19.27 -5.39
CA PHE B 207 13.84 -18.74 -6.40
C PHE B 207 14.08 -17.25 -6.62
N ASP B 208 14.44 -16.54 -5.54
CA ASP B 208 14.78 -15.13 -5.62
C ASP B 208 16.22 -14.99 -6.10
N SER B 209 16.42 -15.00 -7.42
CA SER B 209 17.75 -15.19 -8.00
C SER B 209 18.35 -13.86 -8.45
N PRO B 210 19.70 -13.69 -8.35
CA PRO B 210 20.34 -12.45 -8.78
C PRO B 210 20.50 -12.33 -10.28
N ILE B 211 20.56 -11.09 -10.77
CA ILE B 211 21.32 -10.78 -11.97
C ILE B 211 22.77 -10.53 -11.54
N LEU B 212 23.68 -11.43 -11.95
CA LEU B 212 25.10 -11.30 -11.60
C LEU B 212 25.83 -10.73 -12.80
N PRO B 213 26.99 -10.09 -12.59
CA PRO B 213 27.69 -9.42 -13.69
C PRO B 213 28.09 -10.36 -14.82
N ASP B 214 28.24 -11.66 -14.52
CA ASP B 214 28.60 -12.63 -15.55
C ASP B 214 27.36 -13.35 -16.09
N GLY B 215 26.17 -12.96 -15.65
CA GLY B 215 24.94 -13.57 -16.13
C GLY B 215 24.84 -15.06 -15.81
N SER B 216 25.38 -15.51 -14.69
CA SER B 216 25.57 -16.94 -14.43
C SER B 216 24.47 -17.58 -13.57
N ALA B 217 23.61 -16.77 -12.96
CA ALA B 217 22.61 -17.28 -12.02
C ALA B 217 21.27 -17.57 -12.70
N VAL B 218 20.49 -18.41 -12.01
CA VAL B 218 19.20 -18.84 -12.48
C VAL B 218 18.33 -19.13 -11.25
N SER B 219 17.00 -19.03 -11.38
CA SER B 219 16.11 -19.42 -10.28
C SER B 219 15.98 -20.94 -10.23
N HIS B 220 15.99 -21.49 -9.00
CA HIS B 220 16.08 -22.93 -8.81
C HIS B 220 15.73 -23.25 -7.37
N GLY B 221 15.35 -24.51 -7.11
CA GLY B 221 15.15 -24.96 -5.74
C GLY B 221 16.40 -25.67 -5.23
N ASN B 222 16.51 -25.81 -3.91
CA ASN B 222 17.68 -26.40 -3.26
C ASN B 222 17.31 -27.58 -2.36
N THR B 223 16.13 -28.18 -2.57
CA THR B 223 15.82 -29.43 -1.90
C THR B 223 16.49 -30.53 -2.73
N THR B 224 17.48 -31.19 -2.12
CA THR B 224 18.30 -32.18 -2.83
C THR B 224 17.74 -33.59 -2.69
N ILE B 225 18.19 -34.46 -3.61
CA ILE B 225 18.03 -35.89 -3.53
C ILE B 225 18.42 -36.38 -2.13
N GLU B 226 19.56 -35.89 -1.63
CA GLU B 226 20.08 -36.32 -0.34
C GLU B 226 19.09 -35.96 0.75
N ASP B 227 18.51 -34.74 0.68
CA ASP B 227 17.52 -34.28 1.64
C ASP B 227 16.31 -35.21 1.62
N LEU B 228 15.88 -35.62 0.43
CA LEU B 228 14.64 -36.37 0.28
C LEU B 228 14.83 -37.83 0.72
N ILE B 229 16.04 -38.35 0.52
CA ILE B 229 16.39 -39.67 1.04
C ILE B 229 16.31 -39.63 2.56
N ASP B 230 16.83 -38.55 3.17
CA ASP B 230 16.99 -38.42 4.61
C ASP B 230 15.66 -38.23 5.35
N THR B 231 14.56 -38.03 4.61
CA THR B 231 13.25 -37.89 5.24
C THR B 231 12.86 -39.19 5.94
N GLY B 232 13.37 -40.31 5.44
CA GLY B 232 13.24 -41.60 6.11
C GLY B 232 13.92 -41.69 7.49
N ASN B 233 14.90 -40.82 7.76
CA ASN B 233 15.75 -40.94 8.94
C ASN B 233 15.33 -40.00 10.07
N ALA B 234 14.18 -39.31 9.95
CA ALA B 234 13.81 -38.25 10.89
C ALA B 234 13.05 -38.81 12.08
N ARG B 235 12.97 -38.01 13.17
CA ARG B 235 12.27 -38.40 14.39
C ARG B 235 10.80 -37.94 14.38
N ALA B 236 10.45 -37.05 13.42
CA ALA B 236 9.08 -36.54 13.28
C ALA B 236 8.89 -35.81 11.94
N THR B 237 7.65 -35.76 11.48
CA THR B 237 7.35 -35.00 10.27
C THR B 237 6.37 -33.88 10.62
N PHE B 238 6.80 -32.63 10.40
CA PHE B 238 5.91 -31.49 10.59
C PHE B 238 5.33 -31.08 9.24
N ALA B 239 4.03 -31.38 9.06
CA ALA B 239 3.27 -30.96 7.90
C ALA B 239 2.38 -29.80 8.32
N LEU B 240 2.85 -28.59 8.04
CA LEU B 240 2.16 -27.38 8.50
C LEU B 240 0.80 -27.24 7.82
N ASN B 241 0.73 -27.61 6.55
CA ASN B 241 -0.47 -27.43 5.74
C ASN B 241 -1.12 -28.78 5.46
N ARG B 242 -2.20 -29.04 6.19
CA ARG B 242 -3.00 -30.26 6.10
C ARG B 242 -3.34 -30.62 4.66
N TYR B 243 -3.73 -29.64 3.85
CA TYR B 243 -4.26 -29.94 2.52
C TYR B 243 -3.14 -30.06 1.49
N GLU B 244 -1.90 -29.88 1.94
CA GLU B 244 -0.75 -29.88 1.05
C GLU B 244 0.36 -30.85 1.51
N GLY B 245 0.24 -31.44 2.72
CA GLY B 245 1.29 -32.26 3.29
C GLY B 245 0.81 -33.53 4.03
N THR B 246 -0.49 -33.83 4.03
CA THR B 246 -1.01 -34.95 4.81
C THR B 246 -0.55 -36.28 4.21
N LYS B 247 -0.73 -36.43 2.90
CA LYS B 247 -0.38 -37.67 2.22
C LYS B 247 1.07 -38.03 2.47
N ALA B 248 2.00 -37.07 2.34
CA ALA B 248 3.42 -37.36 2.51
C ALA B 248 3.74 -37.73 3.95
N ALA B 249 3.20 -36.97 4.91
CA ALA B 249 3.44 -37.19 6.32
C ALA B 249 2.93 -38.57 6.78
N GLU B 250 1.75 -38.97 6.30
CA GLU B 250 1.14 -40.23 6.70
C GLU B 250 1.84 -41.40 6.02
N TYR B 251 2.31 -41.21 4.79
CA TYR B 251 3.12 -42.22 4.13
C TYR B 251 4.33 -42.54 5.01
N LEU B 252 5.04 -41.52 5.49
CA LEU B 252 6.24 -41.76 6.29
C LEU B 252 5.88 -42.34 7.66
N GLN B 253 4.68 -42.02 8.18
CA GLN B 253 4.26 -42.53 9.47
C GLN B 253 4.00 -44.03 9.35
N LYS B 254 3.32 -44.44 8.28
CA LYS B 254 2.95 -45.83 8.08
C LYS B 254 4.17 -46.66 7.67
N LYS B 255 4.99 -46.14 6.77
CA LYS B 255 6.13 -46.87 6.22
C LYS B 255 7.27 -47.00 7.22
N PHE B 256 7.57 -45.91 7.95
CA PHE B 256 8.80 -45.82 8.74
C PHE B 256 8.51 -45.47 10.19
N GLU B 257 7.22 -45.38 10.56
CA GLU B 257 6.77 -45.11 11.91
C GLU B 257 7.14 -43.71 12.41
N ILE B 258 7.54 -42.82 11.50
CA ILE B 258 7.89 -41.45 11.88
C ILE B 258 6.61 -40.76 12.31
N PRO B 259 6.43 -40.29 13.56
CA PRO B 259 5.19 -39.60 13.93
C PRO B 259 4.97 -38.35 13.08
N ALA B 260 3.72 -38.13 12.66
CA ALA B 260 3.34 -37.02 11.82
C ALA B 260 2.55 -36.00 12.65
N ILE B 261 3.04 -34.75 12.69
CA ILE B 261 2.30 -33.65 13.33
C ILE B 261 1.73 -32.76 12.21
N ILE B 262 0.43 -32.89 11.98
CA ILE B 262 -0.24 -32.25 10.85
C ILE B 262 -0.87 -30.98 11.36
N GLY B 263 -0.30 -29.83 10.93
CA GLY B 263 -0.81 -28.52 11.31
C GLY B 263 -0.60 -28.22 12.80
N PRO B 264 -1.24 -27.15 13.32
CA PRO B 264 -1.98 -26.21 12.47
C PRO B 264 -1.05 -25.30 11.66
N THR B 265 -1.56 -24.73 10.57
CA THR B 265 -0.80 -23.75 9.80
C THR B 265 -0.40 -22.60 10.72
N PRO B 266 0.91 -22.29 10.89
CA PRO B 266 1.35 -21.29 11.85
C PRO B 266 1.19 -19.86 11.36
N ILE B 267 -0.07 -19.40 11.30
CA ILE B 267 -0.41 -18.06 10.92
C ILE B 267 -1.01 -17.41 12.15
N GLY B 268 -0.40 -16.28 12.54
CA GLY B 268 -0.80 -15.58 13.74
C GLY B 268 0.10 -15.97 14.90
N ILE B 269 -0.13 -15.31 16.04
CA ILE B 269 0.68 -15.50 17.23
C ILE B 269 0.40 -16.90 17.81
N ARG B 270 -0.90 -17.21 17.98
CA ARG B 270 -1.35 -18.38 18.69
C ARG B 270 -0.96 -19.66 17.95
N ASN B 271 -1.18 -19.66 16.63
CA ASN B 271 -0.85 -20.84 15.85
C ASN B 271 0.66 -21.02 15.86
N THR B 272 1.41 -19.92 15.91
CA THR B 272 2.86 -20.03 15.96
C THR B 272 3.27 -20.62 17.32
N ASP B 273 2.60 -20.19 18.39
CA ASP B 273 2.86 -20.70 19.73
C ASP B 273 2.73 -22.23 19.75
N ILE B 274 1.71 -22.71 19.05
CA ILE B 274 1.37 -24.12 19.00
C ILE B 274 2.47 -24.89 18.27
N PHE B 275 2.94 -24.33 17.16
CA PHE B 275 4.04 -24.90 16.41
C PHE B 275 5.25 -25.08 17.33
N LEU B 276 5.60 -24.06 18.11
CA LEU B 276 6.84 -24.10 18.88
C LEU B 276 6.70 -25.09 20.04
N GLN B 277 5.48 -25.20 20.57
CA GLN B 277 5.12 -26.14 21.61
C GLN B 277 5.18 -27.55 21.05
N ASN B 278 4.70 -27.74 19.82
CA ASN B 278 4.69 -29.05 19.20
C ASN B 278 6.12 -29.48 18.90
N LEU B 279 7.01 -28.54 18.58
CA LEU B 279 8.41 -28.84 18.30
C LEU B 279 9.13 -29.23 19.59
N LYS B 280 8.80 -28.57 20.69
CA LYS B 280 9.37 -28.88 21.99
C LYS B 280 8.98 -30.31 22.36
N LYS B 281 7.68 -30.62 22.29
CA LYS B 281 7.16 -31.96 22.54
C LYS B 281 7.92 -33.01 21.74
N ALA B 282 8.08 -32.79 20.42
CA ALA B 282 8.56 -33.85 19.56
C ALA B 282 10.09 -33.98 19.57
N THR B 283 10.81 -32.94 20.01
CA THR B 283 12.27 -33.00 19.99
C THR B 283 12.86 -32.92 21.40
N GLY B 284 12.06 -32.47 22.38
CA GLY B 284 12.55 -32.27 23.73
C GLY B 284 13.34 -30.97 23.89
N LYS B 285 13.47 -30.17 22.82
CA LYS B 285 14.22 -28.93 22.89
C LYS B 285 13.36 -27.86 23.55
N PRO B 286 13.93 -27.00 24.43
CA PRO B 286 13.17 -25.95 25.09
C PRO B 286 13.01 -24.72 24.18
N ILE B 287 11.97 -23.94 24.47
CA ILE B 287 11.63 -22.71 23.77
C ILE B 287 12.43 -21.58 24.40
N PRO B 288 13.41 -21.01 23.67
CA PRO B 288 14.32 -20.02 24.23
C PRO B 288 13.69 -18.64 24.47
N GLN B 289 14.43 -17.82 25.23
CA GLN B 289 13.96 -16.51 25.60
C GLN B 289 13.98 -15.60 24.37
N SER B 290 14.87 -15.88 23.42
CA SER B 290 14.99 -15.08 22.21
C SER B 290 13.65 -15.06 21.46
N LEU B 291 12.96 -16.21 21.42
CA LEU B 291 11.72 -16.31 20.65
C LEU B 291 10.57 -15.69 21.45
N ALA B 292 10.68 -15.73 22.78
CA ALA B 292 9.73 -15.01 23.61
C ALA B 292 9.80 -13.48 23.38
N HIS B 293 11.02 -12.95 23.27
CA HIS B 293 11.27 -11.54 22.98
C HIS B 293 10.69 -11.17 21.62
N GLU B 294 11.07 -11.92 20.57
CA GLU B 294 10.57 -11.70 19.22
C GLU B 294 9.05 -11.74 19.20
N ARG B 295 8.46 -12.70 19.91
CA ARG B 295 7.03 -12.81 20.05
C ARG B 295 6.42 -11.51 20.59
N GLY B 296 7.02 -10.99 21.67
CA GLY B 296 6.53 -9.79 22.32
C GLY B 296 6.67 -8.54 21.44
N VAL B 297 7.70 -8.53 20.59
CA VAL B 297 7.90 -7.45 19.61
C VAL B 297 6.74 -7.48 18.62
N ALA B 298 6.37 -8.69 18.16
CA ALA B 298 5.24 -8.83 17.25
C ALA B 298 3.94 -8.46 17.96
N ILE B 299 3.80 -8.87 19.23
CA ILE B 299 2.58 -8.54 19.95
C ILE B 299 2.46 -7.00 20.08
N ASP B 300 3.57 -6.31 20.34
CA ASP B 300 3.56 -4.86 20.46
C ASP B 300 2.97 -4.19 19.22
N ALA B 301 3.43 -4.61 18.03
CA ALA B 301 2.94 -4.10 16.76
C ALA B 301 1.44 -4.31 16.63
N LEU B 302 0.97 -5.50 17.04
CA LEU B 302 -0.44 -5.85 16.96
C LEU B 302 -1.24 -4.99 17.93
N ALA B 303 -0.65 -4.75 19.10
CA ALA B 303 -1.32 -4.01 20.16
C ALA B 303 -1.64 -2.57 19.72
N ASP B 304 -0.77 -2.01 18.84
CA ASP B 304 -0.95 -0.66 18.33
C ASP B 304 -2.14 -0.54 17.36
N LEU B 305 -2.65 -1.68 16.83
CA LEU B 305 -3.60 -1.69 15.72
C LEU B 305 -4.96 -2.27 16.07
N THR B 306 -4.99 -3.24 16.99
CA THR B 306 -6.10 -4.17 17.14
C THR B 306 -7.38 -3.45 17.54
N HIS B 307 -7.44 -2.83 18.74
CA HIS B 307 -8.71 -2.24 19.19
C HIS B 307 -8.97 -0.88 18.54
N MET B 308 -7.94 -0.23 18.02
CA MET B 308 -8.15 1.06 17.37
C MET B 308 -8.70 0.87 15.96
N PHE B 309 -8.13 -0.10 15.18
CA PHE B 309 -8.39 -0.19 13.74
C PHE B 309 -8.91 -1.54 13.26
N LEU B 310 -8.45 -2.65 13.83
CA LEU B 310 -8.81 -3.92 13.22
C LEU B 310 -10.19 -4.38 13.72
N ALA B 311 -10.56 -4.00 14.95
CA ALA B 311 -11.70 -4.57 15.63
C ALA B 311 -12.97 -4.42 14.80
N GLU B 312 -13.67 -5.54 14.62
CA GLU B 312 -14.99 -5.60 14.01
C GLU B 312 -14.97 -5.35 12.51
N LYS B 313 -13.77 -5.32 11.91
CA LYS B 313 -13.66 -5.17 10.47
C LYS B 313 -14.19 -6.44 9.80
N ARG B 314 -15.03 -6.26 8.77
CA ARG B 314 -15.66 -7.37 8.09
C ARG B 314 -14.80 -7.76 6.89
N VAL B 315 -14.37 -9.03 6.91
CA VAL B 315 -13.35 -9.54 6.01
C VAL B 315 -13.88 -10.73 5.22
N ALA B 316 -13.47 -10.81 3.94
CA ALA B 316 -13.61 -12.02 3.14
C ALA B 316 -12.23 -12.51 2.74
N ILE B 317 -12.06 -13.85 2.70
CA ILE B 317 -10.76 -14.49 2.55
C ILE B 317 -10.93 -15.61 1.53
N TYR B 318 -9.96 -15.75 0.63
CA TYR B 318 -9.90 -16.87 -0.30
C TYR B 318 -8.44 -17.23 -0.56
N GLY B 319 -8.27 -18.38 -1.21
CA GLY B 319 -6.97 -18.93 -1.56
C GLY B 319 -6.79 -20.33 -0.96
N ALA B 320 -5.53 -20.75 -0.84
CA ALA B 320 -5.25 -22.10 -0.41
C ALA B 320 -5.99 -22.32 0.90
N PRO B 321 -6.69 -23.46 1.10
CA PRO B 321 -7.54 -23.62 2.28
C PRO B 321 -6.83 -23.45 3.63
N ASP B 322 -5.57 -23.89 3.70
CA ASP B 322 -4.83 -23.77 4.93
C ASP B 322 -4.55 -22.29 5.24
N LEU B 323 -4.30 -21.49 4.19
CA LEU B 323 -4.08 -20.06 4.34
C LEU B 323 -5.38 -19.40 4.79
N VAL B 324 -6.46 -19.73 4.09
CA VAL B 324 -7.77 -19.17 4.38
C VAL B 324 -8.14 -19.43 5.84
N ILE B 325 -8.06 -20.67 6.30
CA ILE B 325 -8.41 -20.99 7.68
C ILE B 325 -7.44 -20.35 8.67
N GLY B 326 -6.12 -20.43 8.44
CA GLY B 326 -5.19 -19.79 9.36
C GLY B 326 -5.45 -18.30 9.47
N LEU B 327 -5.73 -17.62 8.34
CA LEU B 327 -5.99 -16.18 8.37
C LEU B 327 -7.27 -15.88 9.15
N ALA B 328 -8.32 -16.68 8.97
CA ALA B 328 -9.57 -16.47 9.70
C ALA B 328 -9.34 -16.56 11.20
N GLU B 329 -8.56 -17.54 11.65
CA GLU B 329 -8.25 -17.69 13.06
C GLU B 329 -7.51 -16.45 13.55
N PHE B 330 -6.46 -16.03 12.83
CA PHE B 330 -5.67 -14.88 13.26
C PHE B 330 -6.56 -13.63 13.27
N CYS B 331 -7.38 -13.46 12.23
CA CYS B 331 -8.27 -12.30 12.18
C CYS B 331 -9.10 -12.21 13.45
N LEU B 332 -9.60 -13.35 13.94
CA LEU B 332 -10.43 -13.36 15.14
C LEU B 332 -9.61 -12.97 16.37
N ASP B 333 -8.35 -13.41 16.45
CA ASP B 333 -7.50 -12.96 17.53
C ASP B 333 -7.25 -11.46 17.44
N LEU B 334 -7.27 -10.89 16.22
CA LEU B 334 -7.12 -9.46 16.01
C LEU B 334 -8.43 -8.68 16.17
N GLU B 335 -9.49 -9.35 16.68
CA GLU B 335 -10.81 -8.76 16.99
C GLU B 335 -11.61 -8.44 15.72
N MET B 336 -11.21 -9.02 14.58
CA MET B 336 -11.89 -8.75 13.31
C MET B 336 -13.04 -9.74 13.13
N LYS B 337 -13.85 -9.52 12.10
CA LYS B 337 -14.97 -10.40 11.80
C LYS B 337 -14.83 -10.97 10.38
N PRO B 338 -14.13 -12.10 10.18
CA PRO B 338 -14.23 -12.78 8.89
C PRO B 338 -15.66 -13.30 8.71
N VAL B 339 -16.37 -12.78 7.68
CA VAL B 339 -17.77 -13.12 7.47
C VAL B 339 -17.95 -14.08 6.27
N LEU B 340 -16.93 -14.24 5.43
CA LEU B 340 -16.98 -15.10 4.26
C LEU B 340 -15.62 -15.73 3.98
N LEU B 341 -15.57 -17.06 4.08
CA LEU B 341 -14.40 -17.83 3.63
C LEU B 341 -14.82 -18.64 2.41
N LEU B 342 -14.02 -18.52 1.33
CA LEU B 342 -14.16 -19.33 0.14
C LEU B 342 -13.06 -20.41 0.13
N LEU B 343 -13.49 -21.66 -0.06
CA LEU B 343 -12.57 -22.78 -0.25
C LEU B 343 -12.88 -23.36 -1.64
N GLY B 344 -11.98 -23.07 -2.59
CA GLY B 344 -12.36 -23.07 -4.00
C GLY B 344 -12.09 -24.39 -4.71
N ASP B 345 -12.32 -25.52 -4.03
CA ASP B 345 -12.31 -26.81 -4.71
C ASP B 345 -13.20 -27.84 -4.00
N ASP B 346 -13.22 -29.06 -4.56
CA ASP B 346 -14.19 -30.09 -4.22
C ASP B 346 -13.78 -30.92 -2.99
N ASN B 347 -12.78 -30.50 -2.20
CA ASN B 347 -12.26 -31.37 -1.15
C ASN B 347 -13.39 -31.72 -0.18
N SER B 348 -13.63 -33.03 0.00
CA SER B 348 -14.71 -33.47 0.85
C SER B 348 -14.35 -33.40 2.34
N LYS B 349 -13.10 -33.06 2.68
CA LYS B 349 -12.65 -33.21 4.06
C LYS B 349 -12.64 -31.88 4.81
N TYR B 350 -13.02 -30.77 4.14
CA TYR B 350 -13.06 -29.49 4.83
C TYR B 350 -14.02 -29.54 6.02
N VAL B 351 -15.17 -30.20 5.83
CA VAL B 351 -16.21 -30.23 6.86
C VAL B 351 -15.71 -30.98 8.09
N ASP B 352 -14.62 -31.73 7.96
CA ASP B 352 -14.02 -32.43 9.09
C ASP B 352 -12.79 -31.70 9.65
N ASP B 353 -12.36 -30.58 9.05
CA ASP B 353 -11.21 -29.88 9.61
C ASP B 353 -11.56 -29.46 11.04
N PRO B 354 -10.73 -29.81 12.05
CA PRO B 354 -11.01 -29.44 13.44
C PRO B 354 -11.00 -27.92 13.64
N ARG B 355 -10.16 -27.22 12.87
CA ARG B 355 -10.10 -25.77 12.89
C ARG B 355 -11.45 -25.20 12.45
N ILE B 356 -12.10 -25.84 11.49
CA ILE B 356 -13.40 -25.42 11.00
C ILE B 356 -14.49 -25.74 12.02
N LYS B 357 -14.37 -26.88 12.72
CA LYS B 357 -15.36 -27.22 13.73
C LYS B 357 -15.27 -26.22 14.88
N ALA B 358 -14.05 -25.80 15.24
CA ALA B 358 -13.86 -24.76 16.24
C ALA B 358 -14.56 -23.49 15.81
N LEU B 359 -14.49 -23.15 14.52
CA LEU B 359 -15.16 -21.95 14.05
C LEU B 359 -16.68 -22.11 14.19
N GLN B 360 -17.19 -23.28 13.84
CA GLN B 360 -18.61 -23.54 13.96
C GLN B 360 -19.03 -23.48 15.42
N GLU B 361 -18.21 -24.00 16.33
CA GLU B 361 -18.57 -24.01 17.75
C GLU B 361 -18.57 -22.60 18.31
N ASN B 362 -17.66 -21.72 17.86
CA ASN B 362 -17.32 -20.54 18.67
C ASN B 362 -17.75 -19.21 18.05
N VAL B 363 -18.09 -19.15 16.77
CA VAL B 363 -18.46 -17.89 16.15
C VAL B 363 -19.95 -17.67 16.39
N ASP B 364 -20.35 -16.50 16.91
CA ASP B 364 -21.78 -16.18 16.85
C ASP B 364 -21.96 -14.75 16.35
N TYR B 365 -21.43 -14.51 15.15
CA TYR B 365 -21.96 -13.53 14.24
C TYR B 365 -22.20 -14.28 12.93
N GLY B 366 -22.81 -13.62 11.96
CA GLY B 366 -23.13 -14.26 10.71
C GLY B 366 -21.88 -14.49 9.87
N MET B 367 -21.58 -15.75 9.58
CA MET B 367 -20.38 -16.10 8.84
C MET B 367 -20.67 -17.31 7.96
N GLU B 368 -20.26 -17.23 6.69
CA GLU B 368 -20.40 -18.31 5.74
C GLU B 368 -19.02 -18.85 5.35
N ILE B 369 -18.94 -20.17 5.22
CA ILE B 369 -17.82 -20.85 4.62
C ILE B 369 -18.37 -21.62 3.42
N VAL B 370 -17.91 -21.27 2.22
CA VAL B 370 -18.43 -21.85 0.99
C VAL B 370 -17.38 -22.78 0.39
N THR B 371 -17.79 -24.03 0.16
CA THR B 371 -16.94 -25.06 -0.39
C THR B 371 -17.25 -25.20 -1.87
N ASN B 372 -16.29 -25.74 -2.61
CA ASN B 372 -16.34 -25.70 -4.06
C ASN B 372 -16.61 -24.28 -4.57
N ALA B 373 -16.06 -23.29 -3.88
CA ALA B 373 -16.35 -21.90 -4.23
C ALA B 373 -15.61 -21.47 -5.49
N ASP B 374 -16.19 -20.45 -6.13
CA ASP B 374 -15.53 -19.65 -7.15
C ASP B 374 -15.70 -18.18 -6.76
N PHE B 375 -15.11 -17.27 -7.54
CA PHE B 375 -15.12 -15.86 -7.21
C PHE B 375 -16.51 -15.23 -7.32
N TRP B 376 -17.39 -15.78 -8.19
CA TRP B 376 -18.74 -15.27 -8.28
C TRP B 376 -19.48 -15.48 -6.96
N GLU B 377 -19.04 -16.46 -6.15
CA GLU B 377 -19.62 -16.64 -4.82
C GLU B 377 -19.40 -15.39 -3.96
N LEU B 378 -18.33 -14.65 -4.26
CA LEU B 378 -18.03 -13.41 -3.55
C LEU B 378 -18.72 -12.25 -4.25
N GLU B 379 -18.48 -12.12 -5.55
CA GLU B 379 -19.01 -11.00 -6.28
C GLU B 379 -20.53 -10.95 -6.20
N ASN B 380 -21.18 -12.11 -6.42
CA ASN B 380 -22.63 -12.17 -6.40
C ASN B 380 -23.17 -11.70 -5.05
N ARG B 381 -22.52 -12.08 -3.94
CA ARG B 381 -23.00 -11.71 -2.63
C ARG B 381 -22.91 -10.20 -2.43
N ILE B 382 -21.89 -9.57 -3.02
CA ILE B 382 -21.67 -8.13 -2.86
C ILE B 382 -22.68 -7.39 -3.70
N LYS B 383 -22.80 -7.86 -4.95
CA LYS B 383 -23.57 -7.19 -6.00
C LYS B 383 -25.06 -7.31 -5.71
N ASN B 384 -25.53 -8.51 -5.32
CA ASN B 384 -26.94 -8.83 -5.40
C ASN B 384 -27.51 -9.28 -4.05
N GLU B 385 -26.70 -9.42 -3.01
CA GLU B 385 -27.23 -9.85 -1.71
C GLU B 385 -26.68 -9.02 -0.56
N GLY B 386 -26.21 -7.80 -0.85
CA GLY B 386 -25.95 -6.78 0.15
C GLY B 386 -24.85 -7.11 1.17
N LEU B 387 -23.87 -7.93 0.80
CA LEU B 387 -22.76 -8.22 1.69
C LEU B 387 -21.87 -6.98 1.76
N GLU B 388 -21.58 -6.57 3.00
CA GLU B 388 -20.74 -5.42 3.33
C GLU B 388 -19.37 -5.91 3.78
N LEU B 389 -18.30 -5.41 3.16
CA LEU B 389 -16.94 -5.83 3.49
C LEU B 389 -16.07 -4.60 3.69
N ASP B 390 -15.19 -4.70 4.70
CA ASP B 390 -14.21 -3.67 4.93
C ASP B 390 -12.92 -4.02 4.21
N LEU B 391 -12.73 -5.30 3.92
CA LEU B 391 -11.40 -5.79 3.57
C LEU B 391 -11.52 -7.18 2.93
N ILE B 392 -10.72 -7.40 1.88
CA ILE B 392 -10.53 -8.75 1.32
C ILE B 392 -9.07 -9.15 1.52
N LEU B 393 -8.86 -10.45 1.82
CA LEU B 393 -7.54 -11.08 1.83
C LEU B 393 -7.54 -12.17 0.77
N GLY B 394 -6.74 -12.01 -0.27
CA GLY B 394 -6.69 -13.05 -1.28
C GLY B 394 -5.68 -12.74 -2.36
N HIS B 395 -5.52 -13.68 -3.30
CA HIS B 395 -4.50 -13.59 -4.33
C HIS B 395 -5.01 -12.70 -5.45
N SER B 396 -4.14 -12.46 -6.44
CA SER B 396 -4.34 -11.40 -7.41
C SER B 396 -5.49 -11.69 -8.38
N LYS B 397 -5.91 -12.95 -8.55
CA LYS B 397 -6.95 -13.22 -9.53
C LYS B 397 -8.33 -12.68 -9.10
N GLY B 398 -8.52 -12.38 -7.82
CA GLY B 398 -9.73 -11.76 -7.29
C GLY B 398 -9.78 -10.24 -7.43
N ARG B 399 -8.76 -9.65 -8.06
CA ARG B 399 -8.47 -8.23 -7.89
C ARG B 399 -9.61 -7.36 -8.40
N PHE B 400 -10.30 -7.82 -9.47
CA PHE B 400 -11.28 -6.95 -10.08
C PHE B 400 -12.50 -6.74 -9.16
N ILE B 401 -12.73 -7.64 -8.21
CA ILE B 401 -13.79 -7.41 -7.23
C ILE B 401 -13.39 -6.25 -6.31
N SER B 402 -12.15 -6.28 -5.81
CA SER B 402 -11.63 -5.19 -5.00
C SER B 402 -11.76 -3.87 -5.75
N ILE B 403 -11.31 -3.89 -7.00
CA ILE B 403 -11.16 -2.68 -7.80
C ILE B 403 -12.53 -2.10 -8.13
N ASP B 404 -13.47 -2.95 -8.58
CA ASP B 404 -14.74 -2.50 -9.13
C ASP B 404 -15.79 -2.29 -8.04
N TYR B 405 -15.72 -3.00 -6.91
CA TYR B 405 -16.66 -2.79 -5.82
C TYR B 405 -16.07 -1.93 -4.69
N ASN B 406 -14.93 -1.27 -4.93
CA ASN B 406 -14.29 -0.39 -3.96
C ASN B 406 -14.16 -0.99 -2.56
N ILE B 407 -13.66 -2.22 -2.49
CA ILE B 407 -13.26 -2.84 -1.25
C ILE B 407 -11.75 -3.07 -1.32
N PRO B 408 -10.97 -2.60 -0.33
CA PRO B 408 -9.52 -2.76 -0.37
C PRO B 408 -9.10 -4.21 -0.08
N MET B 409 -7.94 -4.58 -0.61
CA MET B 409 -7.54 -5.98 -0.61
C MET B 409 -6.06 -6.08 -0.28
N LEU B 410 -5.73 -6.91 0.73
CA LEU B 410 -4.35 -7.31 0.96
C LEU B 410 -4.11 -8.56 0.13
N ARG B 411 -3.03 -8.52 -0.64
CA ARG B 411 -2.59 -9.65 -1.43
C ARG B 411 -1.82 -10.64 -0.55
N VAL B 412 -2.41 -11.84 -0.46
CA VAL B 412 -1.88 -12.99 0.25
C VAL B 412 -2.08 -14.22 -0.63
N GLY B 413 -1.22 -15.22 -0.46
CA GLY B 413 -1.39 -16.48 -1.16
C GLY B 413 -0.69 -16.47 -2.50
N PHE B 414 -1.23 -17.28 -3.41
CA PHE B 414 -0.62 -17.57 -4.69
C PHE B 414 -1.66 -17.61 -5.80
N PRO B 415 -1.44 -16.91 -6.93
CA PRO B 415 -0.32 -16.00 -7.13
C PRO B 415 -0.64 -14.54 -6.82
N THR B 416 0.41 -13.79 -6.44
CA THR B 416 0.28 -12.37 -6.19
C THR B 416 1.09 -11.62 -7.24
N TYR B 417 0.50 -11.43 -8.41
CA TYR B 417 1.20 -10.83 -9.54
C TYR B 417 0.93 -9.34 -9.71
N ASP B 418 -0.09 -8.77 -9.04
CA ASP B 418 -0.38 -7.35 -9.28
C ASP B 418 0.23 -6.45 -8.21
N ARG B 419 1.14 -7.00 -7.39
CA ARG B 419 2.00 -6.21 -6.53
C ARG B 419 3.43 -6.74 -6.65
N ALA B 420 4.42 -5.94 -6.22
CA ALA B 420 5.83 -6.26 -6.34
C ALA B 420 6.39 -6.75 -5.00
N GLY B 421 7.12 -7.88 -5.01
CA GLY B 421 8.06 -8.26 -3.96
C GLY B 421 7.41 -9.03 -2.81
N LEU B 422 6.11 -9.34 -2.93
CA LEU B 422 5.38 -9.88 -1.80
C LEU B 422 5.95 -11.23 -1.37
N PHE B 423 6.50 -12.00 -2.31
CA PHE B 423 7.08 -13.30 -2.02
C PHE B 423 8.26 -13.24 -1.03
N ARG B 424 8.87 -12.06 -0.78
CA ARG B 424 10.04 -11.98 0.08
C ARG B 424 9.62 -11.79 1.54
N TYR B 425 8.34 -11.54 1.78
CA TYR B 425 7.88 -11.24 3.12
C TYR B 425 7.13 -12.45 3.65
N PRO B 426 7.10 -12.65 4.99
CA PRO B 426 6.42 -13.82 5.56
C PRO B 426 4.94 -13.61 5.90
N THR B 427 4.15 -14.69 5.82
CA THR B 427 2.80 -14.67 6.39
C THR B 427 2.71 -15.62 7.60
N VAL B 428 3.70 -16.48 7.78
CA VAL B 428 3.73 -17.40 8.92
C VAL B 428 4.69 -16.85 9.99
N GLY B 429 4.55 -17.41 11.20
CA GLY B 429 5.44 -17.13 12.29
C GLY B 429 5.10 -15.79 12.95
N TYR B 430 6.02 -15.31 13.81
CA TYR B 430 5.83 -14.02 14.45
C TYR B 430 6.14 -12.87 13.48
N GLY B 431 7.15 -13.07 12.63
CA GLY B 431 7.42 -12.10 11.58
C GLY B 431 6.22 -11.92 10.64
N GLY B 432 5.56 -13.04 10.32
CA GLY B 432 4.36 -13.04 9.51
C GLY B 432 3.18 -12.35 10.18
N ALA B 433 3.05 -12.49 11.51
CA ALA B 433 1.94 -11.90 12.25
C ALA B 433 2.00 -10.38 12.14
N ILE B 434 3.22 -9.84 12.30
CA ILE B 434 3.53 -8.43 12.11
C ILE B 434 3.16 -8.01 10.69
N TRP B 435 3.70 -8.74 9.71
CA TRP B 435 3.56 -8.34 8.32
C TRP B 435 2.09 -8.26 7.95
N LEU B 436 1.33 -9.30 8.32
CA LEU B 436 -0.09 -9.37 7.98
C LEU B 436 -0.86 -8.22 8.63
N ALA B 437 -0.65 -8.01 9.90
CA ALA B 437 -1.43 -7.05 10.64
C ALA B 437 -1.09 -5.62 10.20
N GLU B 438 0.21 -5.33 9.99
CA GLU B 438 0.63 -4.00 9.58
C GLU B 438 0.24 -3.72 8.13
N GLN B 439 0.29 -4.74 7.27
CA GLN B 439 -0.10 -4.53 5.88
C GLN B 439 -1.63 -4.43 5.74
N MET B 440 -2.38 -5.15 6.58
CA MET B 440 -3.83 -4.99 6.64
C MET B 440 -4.16 -3.56 7.06
N ALA B 441 -3.53 -3.09 8.15
CA ALA B 441 -3.67 -1.69 8.58
C ALA B 441 -3.35 -0.73 7.44
N ASN B 442 -2.17 -0.87 6.81
CA ASN B 442 -1.75 0.07 5.77
C ASN B 442 -2.72 0.06 4.59
N THR B 443 -3.31 -1.10 4.30
CA THR B 443 -4.32 -1.25 3.26
C THR B 443 -5.56 -0.44 3.65
N LEU B 444 -6.01 -0.63 4.90
CA LEU B 444 -7.17 0.08 5.45
C LEU B 444 -6.91 1.58 5.45
N PHE B 445 -5.69 1.98 5.81
CA PHE B 445 -5.32 3.38 5.92
C PHE B 445 -5.34 4.08 4.57
N ALA B 446 -4.72 3.48 3.55
CA ALA B 446 -4.78 4.02 2.20
C ALA B 446 -6.23 4.14 1.72
N ASP B 447 -7.08 3.19 2.14
CA ASP B 447 -8.47 3.19 1.74
C ASP B 447 -9.21 4.36 2.38
N MET B 448 -8.95 4.58 3.68
CA MET B 448 -9.51 5.70 4.42
C MET B 448 -9.15 7.01 3.71
N GLU B 449 -7.91 7.15 3.23
CA GLU B 449 -7.50 8.36 2.53
C GLU B 449 -8.20 8.52 1.19
N HIS B 450 -8.27 7.44 0.42
N HIS B 450 -8.24 7.46 0.37
CA HIS B 450 -8.93 7.41 -0.88
CA HIS B 450 -8.94 7.49 -0.91
C HIS B 450 -10.40 7.82 -0.79
C HIS B 450 -10.39 7.95 -0.73
N LYS B 451 -11.08 7.36 0.26
CA LYS B 451 -12.49 7.62 0.51
C LYS B 451 -12.75 8.82 1.44
N LYS B 452 -11.70 9.46 1.96
CA LYS B 452 -11.88 10.50 2.95
C LYS B 452 -12.80 10.04 4.06
N ASN B 453 -12.48 8.88 4.64
CA ASN B 453 -13.29 8.28 5.68
C ASN B 453 -12.52 8.40 6.99
N LYS B 454 -12.72 9.51 7.71
CA LYS B 454 -11.98 9.86 8.92
C LYS B 454 -10.46 9.75 8.73
N GLU B 455 -9.94 10.13 7.55
CA GLU B 455 -8.52 10.04 7.26
C GLU B 455 -7.67 10.89 8.21
N TRP B 456 -8.29 11.89 8.86
CA TRP B 456 -7.62 12.80 9.79
C TRP B 456 -7.26 12.09 11.11
N VAL B 457 -7.75 10.87 11.32
CA VAL B 457 -7.58 10.14 12.57
C VAL B 457 -6.23 9.41 12.60
N LEU B 458 -5.49 9.36 11.49
CA LEU B 458 -4.26 8.57 11.42
C LEU B 458 -3.07 9.37 11.94
N ASN B 459 -3.30 10.27 12.91
CA ASN B 459 -2.24 11.15 13.41
C ASN B 459 -1.69 10.70 14.77
N VAL B 460 -2.54 10.33 15.74
CA VAL B 460 -2.09 10.11 17.12
C VAL B 460 -2.68 8.81 17.65
N TRP B 461 -2.75 7.82 16.76
CA TRP B 461 -2.99 6.45 17.19
C TRP B 461 -1.70 5.91 17.81
N VAL C 1 13.00 -26.94 -61.52
CA VAL C 1 12.70 -25.51 -61.84
C VAL C 1 13.95 -24.67 -61.53
N GLU C 2 14.47 -23.97 -62.55
CA GLU C 2 15.63 -23.09 -62.42
C GLU C 2 15.16 -21.63 -62.43
N ALA C 3 16.03 -20.74 -61.98
CA ALA C 3 15.67 -19.34 -61.83
C ALA C 3 15.61 -18.67 -63.20
N PRO C 4 14.57 -17.85 -63.51
CA PRO C 4 14.49 -17.17 -64.80
C PRO C 4 15.63 -16.18 -64.98
N VAL C 5 16.08 -15.97 -66.22
CA VAL C 5 17.15 -15.03 -66.51
C VAL C 5 16.63 -14.03 -67.55
N HIS C 6 17.12 -12.80 -67.49
CA HIS C 6 16.56 -11.70 -68.26
C HIS C 6 17.65 -10.65 -68.48
N PRO C 7 17.77 -10.04 -69.69
CA PRO C 7 18.78 -9.03 -69.94
C PRO C 7 18.84 -7.97 -68.85
N MET C 8 17.67 -7.71 -68.24
CA MET C 8 17.50 -6.59 -67.31
C MET C 8 17.58 -7.05 -65.85
N ASP C 9 18.31 -8.15 -65.55
CA ASP C 9 18.32 -8.76 -64.23
C ASP C 9 18.79 -7.80 -63.13
N ALA C 10 19.86 -7.00 -63.37
CA ALA C 10 20.40 -6.09 -62.36
C ALA C 10 19.36 -5.03 -61.94
N ARG C 11 18.60 -4.51 -62.92
CA ARG C 11 17.48 -3.63 -62.64
C ARG C 11 16.36 -4.39 -61.91
N ILE C 12 16.09 -5.64 -62.33
CA ILE C 12 15.02 -6.44 -61.75
C ILE C 12 15.35 -6.78 -60.29
N ASP C 13 16.65 -6.91 -59.97
CA ASP C 13 17.08 -7.19 -58.61
C ASP C 13 16.51 -6.11 -57.68
N GLU C 14 16.71 -4.85 -58.08
CA GLU C 14 16.30 -3.68 -57.32
C GLU C 14 14.79 -3.69 -57.06
N LEU C 15 13.99 -3.92 -58.09
CA LEU C 15 12.53 -3.85 -57.99
C LEU C 15 11.98 -5.04 -57.22
N THR C 16 12.66 -6.19 -57.34
CA THR C 16 12.31 -7.39 -56.59
C THR C 16 12.56 -7.16 -55.10
N ASP C 17 13.77 -6.66 -54.78
CA ASP C 17 14.11 -6.37 -53.40
C ASP C 17 13.06 -5.45 -52.78
N TYR C 18 12.71 -4.37 -53.49
CA TYR C 18 11.79 -3.37 -52.96
C TYR C 18 10.50 -4.06 -52.52
N ILE C 19 10.00 -4.94 -53.38
CA ILE C 19 8.77 -5.68 -53.14
C ILE C 19 8.95 -6.58 -51.91
N MET C 20 10.09 -7.26 -51.83
CA MET C 20 10.38 -8.22 -50.78
C MET C 20 10.51 -7.52 -49.43
N LYS C 21 10.92 -6.23 -49.43
CA LYS C 21 11.17 -5.50 -48.21
C LYS C 21 9.91 -4.77 -47.74
N ASN C 22 8.97 -4.48 -48.65
CA ASN C 22 7.90 -3.54 -48.39
C ASN C 22 6.50 -4.14 -48.55
N CYS C 23 6.31 -5.07 -49.50
CA CYS C 23 4.96 -5.46 -49.90
C CYS C 23 4.58 -6.79 -49.27
N LEU C 24 3.26 -7.03 -49.20
CA LEU C 24 2.72 -8.30 -48.71
C LEU C 24 1.80 -8.97 -49.73
N TRP C 25 1.47 -8.26 -50.83
CA TRP C 25 0.46 -8.72 -51.79
C TRP C 25 0.91 -9.98 -52.55
N GLN C 26 2.21 -10.28 -52.45
CA GLN C 26 2.80 -11.44 -53.11
C GLN C 26 2.77 -12.69 -52.23
N PHE C 27 2.23 -12.63 -51.00
CA PHE C 27 2.41 -13.73 -50.08
C PHE C 27 1.07 -14.31 -49.62
N HIS C 28 0.09 -14.39 -50.53
CA HIS C 28 -1.20 -14.95 -50.21
C HIS C 28 -1.05 -16.48 -50.02
N SER C 29 -2.14 -17.15 -49.67
CA SER C 29 -2.07 -18.39 -48.93
C SER C 29 -1.78 -19.62 -49.81
N ARG C 30 -2.10 -19.52 -51.12
CA ARG C 30 -2.13 -20.68 -52.01
C ARG C 30 -1.67 -20.26 -53.42
N SER C 31 -1.08 -21.23 -54.16
CA SER C 31 -0.41 -20.95 -55.43
C SER C 31 -1.31 -20.18 -56.40
N TRP C 32 -2.60 -20.56 -56.43
CA TRP C 32 -3.53 -20.02 -57.40
C TRP C 32 -3.88 -18.57 -57.06
N ASP C 33 -3.84 -18.23 -55.77
CA ASP C 33 -4.04 -16.84 -55.34
C ASP C 33 -2.81 -16.02 -55.71
N ARG C 34 -1.61 -16.62 -55.58
CA ARG C 34 -0.37 -15.93 -55.89
C ARG C 34 -0.25 -15.67 -57.40
N GLU C 35 -0.61 -16.68 -58.22
CA GLU C 35 -0.61 -16.51 -59.67
C GLU C 35 -1.42 -15.26 -60.01
N ARG C 36 -2.64 -15.22 -59.46
CA ARG C 36 -3.61 -14.15 -59.68
C ARG C 36 -3.11 -12.80 -59.19
N GLN C 37 -2.61 -12.75 -57.94
CA GLN C 37 -2.12 -11.51 -57.36
C GLN C 37 -0.97 -10.94 -58.19
N ASN C 38 0.01 -11.79 -58.52
CA ASN C 38 1.21 -11.34 -59.22
C ASN C 38 0.84 -10.79 -60.60
N ALA C 39 -0.02 -11.53 -61.33
CA ALA C 39 -0.43 -11.12 -62.67
C ALA C 39 -1.16 -9.76 -62.63
N GLU C 40 -2.21 -9.70 -61.81
CA GLU C 40 -3.16 -8.60 -61.79
C GLU C 40 -2.53 -7.32 -61.27
N ILE C 41 -1.67 -7.44 -60.24
CA ILE C 41 -1.07 -6.26 -59.62
C ILE C 41 0.08 -5.75 -60.47
N LEU C 42 0.90 -6.66 -61.01
CA LEU C 42 2.02 -6.29 -61.86
C LEU C 42 1.54 -5.79 -63.24
N LYS C 43 0.41 -6.31 -63.73
CA LYS C 43 -0.23 -5.78 -64.93
C LYS C 43 -0.52 -4.30 -64.72
N LYS C 44 -1.19 -3.99 -63.60
CA LYS C 44 -1.61 -2.64 -63.28
C LYS C 44 -0.42 -1.74 -62.97
N THR C 45 0.65 -2.30 -62.38
CA THR C 45 1.84 -1.52 -62.14
C THR C 45 2.42 -1.08 -63.48
N LYS C 46 2.40 -1.97 -64.49
CA LYS C 46 2.91 -1.66 -65.82
C LYS C 46 2.03 -0.56 -66.44
N GLU C 47 0.72 -0.82 -66.50
CA GLU C 47 -0.22 0.10 -67.09
C GLU C 47 0.03 1.52 -66.53
N LEU C 48 0.32 1.61 -65.22
CA LEU C 48 0.54 2.90 -64.57
C LEU C 48 1.92 3.47 -64.90
N LEU C 49 2.95 2.63 -65.00
CA LEU C 49 4.27 3.10 -65.39
C LEU C 49 4.28 3.57 -66.85
N CYS C 50 3.39 2.98 -67.68
CA CYS C 50 3.33 3.24 -69.11
C CYS C 50 2.28 4.30 -69.46
N GLY C 51 1.45 4.69 -68.49
CA GLY C 51 0.49 5.75 -68.68
C GLY C 51 -0.78 5.23 -69.35
N GLU C 52 -0.98 3.92 -69.28
CA GLU C 52 -2.17 3.30 -69.84
C GLU C 52 -3.31 3.40 -68.83
N PRO C 53 -4.53 3.83 -69.27
CA PRO C 53 -5.74 3.68 -68.45
C PRO C 53 -5.88 2.28 -67.86
N VAL C 54 -6.25 2.21 -66.57
CA VAL C 54 -6.41 0.94 -65.87
C VAL C 54 -7.90 0.60 -65.76
N ASP C 55 -8.22 -0.69 -65.75
CA ASP C 55 -9.59 -1.16 -65.56
C ASP C 55 -9.91 -1.16 -64.06
N LEU C 56 -10.89 -0.35 -63.65
CA LEU C 56 -11.35 -0.27 -62.28
C LEU C 56 -12.82 -0.70 -62.19
N SER C 57 -13.25 -1.65 -63.03
CA SER C 57 -14.68 -1.89 -63.20
C SER C 57 -15.23 -2.83 -62.14
N THR C 58 -14.34 -3.41 -61.32
CA THR C 58 -14.78 -4.26 -60.22
C THR C 58 -14.03 -3.85 -58.94
N SER C 59 -14.51 -4.37 -57.81
CA SER C 59 -13.84 -4.17 -56.53
C SER C 59 -12.46 -4.84 -56.55
N HIS C 60 -12.38 -6.08 -57.08
CA HIS C 60 -11.10 -6.78 -57.21
C HIS C 60 -10.08 -5.92 -57.96
N ASP C 61 -10.55 -5.25 -59.02
CA ASP C 61 -9.73 -4.35 -59.83
C ASP C 61 -9.15 -3.20 -59.00
N ARG C 62 -10.02 -2.55 -58.22
CA ARG C 62 -9.59 -1.46 -57.35
C ARG C 62 -8.57 -1.97 -56.34
N CYS C 63 -8.84 -3.14 -55.73
CA CYS C 63 -7.97 -3.76 -54.74
C CYS C 63 -6.56 -3.92 -55.30
N TYR C 64 -6.42 -4.55 -56.48
CA TYR C 64 -5.10 -4.71 -57.11
C TYR C 64 -4.46 -3.33 -57.41
N TRP C 65 -5.30 -2.38 -57.83
CA TRP C 65 -4.89 -1.05 -58.27
C TRP C 65 -4.16 -0.27 -57.17
N VAL C 66 -4.66 -0.39 -55.93
CA VAL C 66 -4.15 0.45 -54.85
C VAL C 66 -2.70 0.09 -54.54
N ASP C 67 -2.37 -1.22 -54.63
CA ASP C 67 -1.02 -1.72 -54.43
C ASP C 67 -0.10 -1.35 -55.61
N ALA C 68 -0.64 -1.53 -56.83
CA ALA C 68 0.06 -1.12 -58.04
C ALA C 68 0.45 0.37 -58.00
N VAL C 69 -0.50 1.23 -57.59
CA VAL C 69 -0.30 2.67 -57.59
C VAL C 69 0.83 3.04 -56.63
N CYS C 70 0.85 2.40 -55.44
CA CYS C 70 1.84 2.68 -54.41
C CYS C 70 3.23 2.22 -54.86
N LEU C 71 3.30 1.00 -55.39
CA LEU C 71 4.53 0.42 -55.91
C LEU C 71 5.09 1.25 -57.08
N ALA C 72 4.20 1.63 -58.03
CA ALA C 72 4.60 2.43 -59.19
C ALA C 72 5.21 3.74 -58.71
N ASP C 73 4.51 4.45 -57.80
CA ASP C 73 4.98 5.73 -57.28
C ASP C 73 6.34 5.60 -56.61
N ASP C 74 6.49 4.57 -55.76
CA ASP C 74 7.72 4.32 -55.03
C ASP C 74 8.82 3.90 -55.99
N TYR C 75 8.46 3.21 -57.08
CA TYR C 75 9.42 2.98 -58.16
C TYR C 75 9.86 4.32 -58.74
N ARG C 76 8.91 5.19 -59.13
CA ARG C 76 9.27 6.45 -59.77
C ARG C 76 10.26 7.23 -58.91
N GLU C 77 9.97 7.28 -57.60
CA GLU C 77 10.68 8.11 -56.65
C GLU C 77 12.03 7.49 -56.24
N HIS C 78 12.07 6.19 -55.94
CA HIS C 78 13.26 5.58 -55.34
C HIS C 78 14.19 4.96 -56.38
N TYR C 79 13.67 4.66 -57.57
CA TYR C 79 14.45 4.08 -58.63
C TYR C 79 14.21 4.89 -59.89
N PRO C 80 14.80 6.12 -59.98
CA PRO C 80 14.37 7.13 -60.95
C PRO C 80 14.77 6.86 -62.41
N TRP C 81 15.75 5.96 -62.61
CA TRP C 81 16.12 5.48 -63.93
C TRP C 81 14.90 4.96 -64.68
N ILE C 82 13.89 4.49 -63.93
CA ILE C 82 12.71 3.91 -64.53
C ILE C 82 11.93 4.96 -65.32
N ASN C 83 12.10 6.25 -64.98
CA ASN C 83 11.32 7.31 -65.58
C ASN C 83 11.77 7.58 -67.04
N SER C 84 12.99 7.17 -67.39
CA SER C 84 13.62 7.39 -68.69
C SER C 84 13.28 6.30 -69.71
N MET C 85 12.78 5.15 -69.24
CA MET C 85 12.66 3.98 -70.09
C MET C 85 11.44 4.11 -71.01
N SER C 86 11.61 3.68 -72.25
CA SER C 86 10.51 3.60 -73.21
C SER C 86 9.44 2.65 -72.67
N LYS C 87 8.18 2.98 -72.96
CA LYS C 87 7.04 2.13 -72.66
C LYS C 87 7.28 0.67 -73.11
N GLU C 88 8.20 0.47 -74.07
CA GLU C 88 8.52 -0.82 -74.66
C GLU C 88 9.43 -1.63 -73.73
N GLU C 89 10.40 -0.93 -73.11
CA GLU C 89 11.34 -1.54 -72.18
C GLU C 89 10.63 -1.82 -70.87
N ILE C 90 9.82 -0.86 -70.41
CA ILE C 90 9.07 -1.00 -69.17
C ILE C 90 8.25 -2.28 -69.25
N GLY C 91 7.54 -2.49 -70.36
CA GLY C 91 6.77 -3.70 -70.58
C GLY C 91 7.62 -4.96 -70.42
N SER C 92 8.89 -4.86 -70.86
CA SER C 92 9.84 -5.96 -70.82
C SER C 92 10.34 -6.19 -69.39
N LEU C 93 10.70 -5.09 -68.73
CA LEU C 93 11.14 -5.08 -67.32
C LEU C 93 10.07 -5.72 -66.42
N MET C 94 8.80 -5.35 -66.66
CA MET C 94 7.68 -5.82 -65.86
C MET C 94 7.32 -7.27 -66.21
N GLN C 95 7.77 -7.77 -67.38
CA GLN C 95 7.62 -9.20 -67.70
C GLN C 95 8.72 -9.99 -66.99
N GLY C 96 9.96 -9.44 -66.98
CA GLY C 96 11.05 -10.04 -66.23
C GLY C 96 10.73 -10.14 -64.73
N LEU C 97 10.16 -9.05 -64.20
CA LEU C 97 9.82 -8.94 -62.79
C LEU C 97 8.68 -9.90 -62.44
N LYS C 98 7.65 -10.00 -63.30
CA LYS C 98 6.58 -10.98 -63.08
C LYS C 98 7.17 -12.39 -63.05
N ASP C 99 8.11 -12.68 -63.98
CA ASP C 99 8.73 -13.99 -64.05
C ASP C 99 9.59 -14.24 -62.82
N ARG C 100 10.44 -13.27 -62.46
CA ARG C 100 11.22 -13.35 -61.22
C ARG C 100 10.31 -13.63 -60.03
N MET C 101 9.22 -12.85 -59.91
CA MET C 101 8.35 -12.87 -58.76
C MET C 101 7.50 -14.14 -58.74
N ASP C 102 7.03 -14.59 -59.92
CA ASP C 102 6.35 -15.88 -60.06
C ASP C 102 7.27 -17.00 -59.60
N TYR C 103 8.57 -16.84 -59.84
CA TYR C 103 9.55 -17.86 -59.52
C TYR C 103 9.78 -17.94 -58.01
N LEU C 104 10.02 -16.77 -57.38
CA LEU C 104 10.39 -16.69 -55.97
C LEU C 104 9.23 -17.09 -55.07
N THR C 105 7.99 -16.81 -55.52
CA THR C 105 6.81 -16.99 -54.69
C THR C 105 5.96 -18.19 -55.12
N ILE C 106 6.23 -18.81 -56.29
CA ILE C 106 5.37 -19.90 -56.76
C ILE C 106 6.22 -21.08 -57.20
N THR C 107 6.87 -20.97 -58.37
CA THR C 107 7.40 -22.14 -59.06
C THR C 107 8.68 -22.63 -58.40
N GLY C 108 9.45 -21.71 -57.81
CA GLY C 108 10.65 -22.06 -57.06
C GLY C 108 10.50 -21.89 -55.55
N SER C 109 9.26 -21.73 -55.07
CA SER C 109 8.97 -21.55 -53.65
C SER C 109 9.23 -22.84 -52.87
N LEU C 110 9.66 -22.68 -51.62
CA LEU C 110 9.89 -23.79 -50.69
C LEU C 110 8.74 -23.89 -49.68
N ASN C 111 7.73 -23.01 -49.84
CA ASN C 111 6.52 -23.12 -49.05
C ASN C 111 5.69 -24.30 -49.56
N GLU C 112 5.80 -25.43 -48.85
CA GLU C 112 5.17 -26.68 -49.25
C GLU C 112 3.65 -26.65 -49.00
N GLU C 113 3.12 -25.51 -48.52
CA GLU C 113 1.72 -25.44 -48.16
C GLU C 113 0.87 -24.89 -49.31
N LEU C 114 1.53 -24.35 -50.35
CA LEU C 114 0.87 -23.54 -51.38
C LEU C 114 -0.13 -24.35 -52.21
N SER C 115 -0.07 -25.70 -52.17
CA SER C 115 -0.93 -26.54 -52.98
C SER C 115 -2.04 -27.21 -52.16
N ASP C 116 -2.14 -26.90 -50.86
CA ASP C 116 -3.20 -27.48 -50.04
C ASP C 116 -4.56 -27.10 -50.61
N LYS C 117 -5.32 -28.13 -50.99
CA LYS C 117 -6.57 -28.01 -51.71
C LYS C 117 -7.49 -27.03 -50.99
N HIS C 118 -7.56 -27.14 -49.65
CA HIS C 118 -8.47 -26.36 -48.83
C HIS C 118 -7.73 -25.20 -48.14
N TYR C 119 -8.49 -24.18 -47.78
CA TYR C 119 -8.00 -23.02 -47.05
C TYR C 119 -8.05 -23.29 -45.54
N PRO D 1 -7.14 10.67 53.16
CA PRO D 1 -5.81 11.18 53.56
C PRO D 1 -4.87 11.38 52.36
N HIS D 2 -3.82 12.17 52.55
CA HIS D 2 -2.80 12.36 51.52
C HIS D 2 -2.08 11.04 51.26
N HIS D 3 -1.53 10.88 50.04
CA HIS D 3 -0.77 9.69 49.65
C HIS D 3 0.62 10.12 49.18
N GLU D 4 1.62 9.36 49.62
CA GLU D 4 3.00 9.61 49.25
C GLU D 4 3.49 8.40 48.45
N PHE D 5 4.05 8.66 47.28
CA PHE D 5 4.56 7.60 46.42
C PHE D 5 5.99 7.28 46.84
N GLU D 6 6.31 5.97 46.85
CA GLU D 6 7.67 5.52 47.07
C GLU D 6 8.62 6.34 46.22
N CYS D 7 8.28 6.48 44.91
CA CYS D 7 9.14 7.17 43.94
C CYS D 7 9.33 8.66 44.29
N SER D 8 8.39 9.23 45.06
CA SER D 8 8.38 10.67 45.33
C SER D 8 8.65 11.00 46.81
N LYS D 9 9.22 10.06 47.57
CA LYS D 9 9.62 10.35 48.96
C LYS D 9 10.71 11.40 48.96
N VAL D 10 11.64 11.32 48.00
CA VAL D 10 12.74 12.26 47.94
C VAL D 10 12.28 13.65 47.45
N ILE D 11 10.98 13.83 47.16
CA ILE D 11 10.40 15.13 46.84
C ILE D 11 9.09 15.27 47.63
N PRO D 12 9.22 15.53 48.96
CA PRO D 12 8.10 15.45 49.89
C PRO D 12 6.88 16.32 49.59
N GLU D 13 7.12 17.39 48.81
CA GLU D 13 6.08 18.32 48.39
C GLU D 13 4.98 17.57 47.63
N ARG D 14 5.38 16.49 46.94
CA ARG D 14 4.48 15.74 46.08
C ARG D 14 3.36 15.14 46.92
N LYS D 15 3.63 14.87 48.20
CA LYS D 15 2.63 14.30 49.10
C LYS D 15 1.38 15.18 49.15
N LYS D 16 1.55 16.51 49.02
CA LYS D 16 0.43 17.44 49.10
C LYS D 16 -0.51 17.36 47.90
N HIS D 17 -0.07 16.65 46.83
CA HIS D 17 -0.73 16.70 45.54
C HIS D 17 -1.51 15.43 45.23
N ALA D 18 -1.59 14.49 46.19
CA ALA D 18 -2.38 13.28 45.99
C ALA D 18 -3.13 12.92 47.26
N VAL D 19 -4.39 12.47 47.12
CA VAL D 19 -5.16 11.99 48.25
C VAL D 19 -5.95 10.74 47.84
N ILE D 20 -6.01 9.76 48.75
CA ILE D 20 -6.91 8.63 48.67
C ILE D 20 -8.18 8.99 49.44
N LYS D 21 -9.34 8.79 48.83
CA LYS D 21 -10.59 9.19 49.45
C LYS D 21 -10.89 8.22 50.59
N GLY D 22 -10.65 8.68 51.83
CA GLY D 22 -10.76 7.86 53.03
C GLY D 22 -12.21 7.63 53.45
N LYS D 23 -12.43 6.60 54.26
CA LYS D 23 -13.77 6.26 54.73
C LYS D 23 -14.30 7.45 55.51
N GLY D 24 -15.44 7.99 55.07
CA GLY D 24 -16.14 9.05 55.80
C GLY D 24 -15.61 10.46 55.52
N GLU D 25 -14.42 10.58 54.90
CA GLU D 25 -13.81 11.87 54.58
C GLU D 25 -14.71 12.68 53.66
N THR D 26 -14.92 13.96 54.00
CA THR D 26 -15.62 14.92 53.17
C THR D 26 -14.57 15.78 52.44
N LEU D 27 -15.05 16.75 51.63
CA LEU D 27 -14.17 17.64 50.88
C LEU D 27 -13.41 18.58 51.81
N ALA D 28 -13.98 18.82 53.00
CA ALA D 28 -13.36 19.69 54.00
C ALA D 28 -12.20 18.96 54.68
N ASP D 29 -12.15 17.62 54.56
CA ASP D 29 -11.15 16.84 55.28
C ASP D 29 -9.85 16.76 54.51
N ALA D 30 -9.91 16.67 53.17
CA ALA D 30 -8.71 16.54 52.35
C ALA D 30 -8.99 16.91 50.90
N LEU D 31 -8.02 17.63 50.32
CA LEU D 31 -8.07 17.98 48.92
C LEU D 31 -6.64 18.17 48.42
N PRO D 32 -6.27 17.59 47.25
CA PRO D 32 -4.94 17.81 46.72
C PRO D 32 -4.68 19.29 46.45
N GLN D 33 -3.41 19.67 46.54
CA GLN D 33 -2.93 20.94 46.01
C GLN D 33 -3.12 20.92 44.50
N GLY D 34 -3.21 22.11 43.88
CA GLY D 34 -3.28 22.25 42.43
C GLY D 34 -2.82 23.61 41.94
N TYR D 35 -2.48 23.68 40.65
CA TYR D 35 -2.11 24.94 39.99
C TYR D 35 -0.89 25.57 40.68
N LEU D 36 0.05 24.72 41.12
CA LEU D 36 1.34 25.21 41.61
C LEU D 36 2.39 25.00 40.54
N ASN D 37 3.59 25.52 40.78
CA ASN D 37 4.69 25.36 39.84
C ASN D 37 5.04 23.89 39.73
N THR D 38 5.82 23.57 38.68
CA THR D 38 6.22 22.23 38.37
C THR D 38 7.61 21.99 38.96
N ILE D 39 7.83 20.77 39.47
CA ILE D 39 9.17 20.38 39.92
C ILE D 39 10.02 20.07 38.71
N PRO D 40 11.14 20.79 38.48
CA PRO D 40 12.08 20.45 37.42
C PRO D 40 12.60 19.04 37.59
N GLY D 41 12.76 18.33 36.46
CA GLY D 41 13.41 17.03 36.41
C GLY D 41 12.51 15.88 36.83
N SER D 42 11.24 16.16 37.10
CA SER D 42 10.32 15.18 37.66
C SER D 42 9.71 14.28 36.58
N ILE D 43 9.80 14.73 35.32
CA ILE D 43 9.13 14.12 34.19
C ILE D 43 7.62 14.12 34.46
N SER D 44 7.15 15.30 34.88
CA SER D 44 5.76 15.74 34.84
C SER D 44 5.16 15.53 33.45
N GLU D 45 3.86 15.22 33.41
CA GLU D 45 3.10 15.10 32.18
C GLU D 45 2.83 16.47 31.53
N ARG D 46 3.19 17.58 32.21
CA ARG D 46 2.64 18.88 31.84
C ARG D 46 3.23 19.42 30.53
N GLY D 47 2.46 20.30 29.88
CA GLY D 47 2.91 21.12 28.76
C GLY D 47 2.95 22.61 29.12
N CYS D 48 2.93 23.48 28.10
CA CYS D 48 3.27 24.89 28.24
C CYS D 48 2.01 25.75 28.06
N ALA D 49 2.11 27.03 28.43
CA ALA D 49 0.98 27.96 28.39
C ALA D 49 0.57 28.31 26.96
N TYR D 50 1.49 28.23 26.00
CA TYR D 50 1.18 28.34 24.58
C TYR D 50 0.35 27.15 24.14
N CYS D 51 0.70 25.94 24.62
CA CYS D 51 -0.14 24.78 24.42
C CYS D 51 -1.59 25.04 24.85
N GLY D 52 -1.82 25.55 26.07
CA GLY D 52 -3.18 25.77 26.56
C GLY D 52 -3.94 26.82 25.74
N ALA D 53 -3.24 27.87 25.35
CA ALA D 53 -3.87 28.98 24.65
C ALA D 53 -4.11 28.60 23.19
N LYS D 54 -3.00 28.41 22.47
CA LYS D 54 -3.03 28.19 21.02
C LYS D 54 -3.51 26.77 20.67
N HIS D 55 -2.88 25.75 21.26
CA HIS D 55 -3.07 24.39 20.78
C HIS D 55 -4.43 23.85 21.18
N VAL D 56 -4.91 24.19 22.39
CA VAL D 56 -6.15 23.62 22.89
C VAL D 56 -7.36 24.48 22.48
N ILE D 57 -7.34 25.78 22.79
CA ILE D 57 -8.52 26.63 22.64
C ILE D 57 -8.57 27.40 21.30
N GLY D 58 -7.43 27.94 20.85
CA GLY D 58 -7.42 28.84 19.70
C GLY D 58 -7.63 28.13 18.36
N THR D 59 -6.86 27.06 18.14
CA THR D 59 -6.77 26.43 16.82
C THR D 59 -8.08 25.79 16.38
N PRO D 60 -8.96 25.28 17.28
CA PRO D 60 -10.22 24.72 16.81
C PRO D 60 -11.02 25.64 15.89
N MET D 61 -10.87 26.97 16.01
CA MET D 61 -11.63 27.88 15.17
C MET D 61 -11.31 27.56 13.71
N LYS D 62 -12.35 27.45 12.88
CA LYS D 62 -12.24 26.75 11.62
C LYS D 62 -12.07 27.69 10.42
N ASP D 63 -12.15 29.01 10.62
CA ASP D 63 -12.15 29.94 9.49
C ASP D 63 -11.10 31.02 9.72
N VAL D 64 -9.95 30.57 10.26
CA VAL D 64 -8.96 31.43 10.87
C VAL D 64 -7.57 30.97 10.46
N ILE D 65 -6.72 31.95 10.13
CA ILE D 65 -5.30 31.71 10.00
C ILE D 65 -4.68 31.73 11.39
N HIS D 66 -4.20 30.58 11.86
CA HIS D 66 -3.62 30.41 13.18
C HIS D 66 -2.11 30.51 13.05
N ILE D 67 -1.57 31.71 13.34
CA ILE D 67 -0.18 31.99 13.06
C ILE D 67 0.55 32.23 14.37
N SER D 68 1.67 31.51 14.54
CA SER D 68 2.45 31.57 15.76
C SER D 68 3.66 32.44 15.49
N HIS D 69 3.74 33.56 16.23
CA HIS D 69 4.85 34.47 16.06
C HIS D 69 6.00 33.89 16.87
N GLY D 70 6.98 33.32 16.17
CA GLY D 70 8.08 32.63 16.81
C GLY D 70 8.88 31.81 15.82
N PRO D 71 9.81 30.98 16.33
CA PRO D 71 10.56 30.07 15.49
C PRO D 71 9.59 28.98 15.03
N VAL D 72 10.04 28.18 14.05
CA VAL D 72 9.19 27.17 13.41
C VAL D 72 8.73 26.11 14.43
N GLY D 73 9.60 25.80 15.40
CA GLY D 73 9.44 24.67 16.28
C GLY D 73 8.05 24.61 16.93
N CYS D 74 7.57 25.74 17.43
CA CYS D 74 6.39 25.75 18.26
C CYS D 74 5.20 25.33 17.39
N THR D 75 5.25 25.77 16.13
CA THR D 75 4.19 25.53 15.17
C THR D 75 4.19 24.07 14.70
N TYR D 76 5.35 23.57 14.28
CA TYR D 76 5.46 22.18 13.85
C TYR D 76 5.00 21.26 14.97
N ASP D 77 5.37 21.58 16.22
CA ASP D 77 5.11 20.69 17.35
C ASP D 77 3.63 20.69 17.73
N THR D 78 2.84 21.62 17.16
CA THR D 78 1.41 21.67 17.44
C THR D 78 0.55 21.25 16.24
N TRP D 79 1.19 20.80 15.13
CA TRP D 79 0.50 20.48 13.88
C TRP D 79 0.28 18.97 13.72
N GLN D 80 -0.98 18.56 13.51
CA GLN D 80 -1.36 17.19 13.18
C GLN D 80 -1.15 16.29 14.39
N THR D 81 -1.45 16.85 15.57
CA THR D 81 -1.50 16.11 16.83
C THR D 81 -2.88 16.18 17.49
N LYS D 82 -3.86 16.76 16.79
CA LYS D 82 -5.17 17.02 17.37
C LYS D 82 -6.28 16.54 16.42
N ARG D 83 -7.44 16.19 16.99
CA ARG D 83 -8.56 15.71 16.21
C ARG D 83 -9.77 16.62 16.35
N TYR D 84 -9.54 17.92 16.56
CA TYR D 84 -10.65 18.87 16.48
C TYR D 84 -10.96 19.09 15.00
N ILE D 85 -12.08 18.52 14.54
CA ILE D 85 -12.49 18.64 13.16
C ILE D 85 -13.44 19.83 12.97
N SER D 86 -13.80 20.09 11.70
CA SER D 86 -14.70 21.18 11.39
C SER D 86 -15.45 20.87 10.11
N ASP D 87 -16.54 21.61 9.89
CA ASP D 87 -17.29 21.57 8.63
C ASP D 87 -16.77 22.66 7.69
N ASN D 88 -15.56 23.16 7.89
CA ASN D 88 -14.86 23.95 6.89
C ASN D 88 -13.68 23.13 6.34
N ASP D 89 -13.95 21.87 5.94
CA ASP D 89 -12.97 20.96 5.33
C ASP D 89 -11.69 20.85 6.19
N ASN D 90 -11.84 20.93 7.51
CA ASN D 90 -10.70 20.80 8.42
C ASN D 90 -9.58 21.77 8.05
N PHE D 91 -9.94 23.00 7.67
CA PHE D 91 -8.97 24.03 7.38
C PHE D 91 -7.98 24.12 8.54
N GLN D 92 -8.50 24.06 9.77
CA GLN D 92 -7.68 24.29 10.97
C GLN D 92 -6.70 23.14 11.27
N LEU D 93 -6.90 21.96 10.66
CA LEU D 93 -5.96 20.84 10.76
C LEU D 93 -4.90 20.87 9.65
N LYS D 94 -5.24 21.44 8.48
CA LYS D 94 -4.45 21.30 7.27
C LYS D 94 -3.47 22.45 7.05
N TYR D 95 -3.74 23.62 7.64
CA TYR D 95 -2.94 24.82 7.40
C TYR D 95 -2.53 25.47 8.71
N THR D 96 -1.21 25.67 8.84
CA THR D 96 -0.61 26.27 10.02
C THR D 96 0.52 27.16 9.54
N TYR D 97 0.88 28.14 10.38
CA TYR D 97 1.73 29.25 10.00
C TYR D 97 2.66 29.60 11.16
N ALA D 98 3.94 29.83 10.84
CA ALA D 98 4.93 30.34 11.79
C ALA D 98 5.67 31.48 11.12
N THR D 99 6.16 32.47 11.89
CA THR D 99 6.79 33.62 11.26
C THR D 99 8.25 33.33 10.94
N ASP D 100 8.83 32.29 11.59
CA ASP D 100 10.20 31.84 11.31
C ASP D 100 11.18 32.92 11.74
N VAL D 101 11.06 33.29 13.03
CA VAL D 101 11.99 34.16 13.74
C VAL D 101 13.39 33.55 13.68
N LYS D 102 14.37 34.39 13.34
CA LYS D 102 15.77 34.01 13.14
C LYS D 102 16.67 34.79 14.12
N GLU D 103 17.97 34.47 14.13
CA GLU D 103 18.96 35.15 14.97
C GLU D 103 18.84 36.67 14.87
N LYS D 104 18.81 37.20 13.64
CA LYS D 104 18.89 38.64 13.43
C LYS D 104 17.68 39.37 14.02
N HIS D 105 16.66 38.63 14.46
CA HIS D 105 15.47 39.20 15.07
C HIS D 105 15.60 39.27 16.59
N ILE D 106 16.61 38.60 17.15
CA ILE D 106 16.75 38.47 18.59
C ILE D 106 17.19 39.81 19.18
N VAL D 107 18.14 40.45 18.49
CA VAL D 107 18.63 41.77 18.88
C VAL D 107 17.64 42.85 18.40
N PHE D 108 17.29 42.81 17.11
CA PHE D 108 16.64 43.92 16.44
C PHE D 108 15.12 43.88 16.61
N GLY D 109 14.54 42.73 16.97
CA GLY D 109 13.09 42.57 16.98
C GLY D 109 12.56 41.98 15.67
N ALA D 110 11.31 41.51 15.69
CA ALA D 110 10.77 40.77 14.54
C ALA D 110 9.38 41.30 14.16
N GLU D 111 9.18 42.62 14.31
CA GLU D 111 7.88 43.20 14.03
C GLU D 111 7.69 43.32 12.52
N LYS D 112 8.75 43.61 11.77
CA LYS D 112 8.63 43.69 10.31
C LYS D 112 8.34 42.30 9.77
N LEU D 113 9.13 41.32 10.23
CA LEU D 113 8.92 39.91 9.89
C LEU D 113 7.46 39.53 10.10
N LEU D 114 6.92 39.89 11.25
CA LEU D 114 5.54 39.53 11.54
C LEU D 114 4.63 40.11 10.48
N LYS D 115 4.75 41.40 10.15
CA LYS D 115 3.79 42.05 9.26
C LYS D 115 3.87 41.42 7.88
N GLN D 116 5.10 41.16 7.40
CA GLN D 116 5.29 40.54 6.10
C GLN D 116 4.62 39.17 6.05
N ASN D 117 4.80 38.40 7.12
CA ASN D 117 4.12 37.12 7.31
C ASN D 117 2.61 37.26 7.15
N ILE D 118 2.03 38.29 7.79
CA ILE D 118 0.58 38.44 7.84
C ILE D 118 0.02 38.67 6.45
N ILE D 119 0.75 39.47 5.65
CA ILE D 119 0.34 39.82 4.30
C ILE D 119 0.51 38.59 3.39
N GLU D 120 1.65 37.89 3.52
CA GLU D 120 1.87 36.64 2.79
C GLU D 120 0.74 35.65 3.06
N ALA D 121 0.31 35.52 4.31
CA ALA D 121 -0.70 34.56 4.69
C ALA D 121 -2.04 34.91 4.04
N PHE D 122 -2.52 36.14 4.22
CA PHE D 122 -3.80 36.56 3.63
C PHE D 122 -3.78 36.44 2.10
N LYS D 123 -2.61 36.68 1.48
CA LYS D 123 -2.46 36.60 0.03
C LYS D 123 -2.57 35.16 -0.43
N ALA D 124 -2.01 34.22 0.35
CA ALA D 124 -2.00 32.80 0.01
C ALA D 124 -3.39 32.20 0.19
N PHE D 125 -4.17 32.77 1.12
CA PHE D 125 -5.48 32.23 1.46
C PHE D 125 -6.51 33.33 1.35
N PRO D 126 -6.82 33.77 0.11
CA PRO D 126 -7.75 34.88 -0.14
C PRO D 126 -9.19 34.66 0.33
N GLN D 127 -9.54 33.42 0.63
CA GLN D 127 -10.88 33.14 1.12
C GLN D 127 -10.92 33.30 2.65
N ILE D 128 -9.76 33.46 3.31
CA ILE D 128 -9.72 33.60 4.77
C ILE D 128 -9.41 35.06 5.09
N LYS D 129 -10.28 35.66 5.92
CA LYS D 129 -10.15 37.07 6.28
C LYS D 129 -10.02 37.26 7.80
N ARG D 130 -9.72 36.17 8.53
CA ARG D 130 -9.60 36.21 9.98
C ARG D 130 -8.32 35.53 10.39
N MET D 131 -7.70 36.09 11.44
CA MET D 131 -6.40 35.67 11.90
C MET D 131 -6.34 35.76 13.43
N THR D 132 -5.55 34.85 14.02
CA THR D 132 -5.13 34.92 15.40
C THR D 132 -3.61 34.77 15.43
N ILE D 133 -2.92 35.74 16.04
CA ILE D 133 -1.48 35.64 16.23
C ILE D 133 -1.23 35.16 17.65
N TYR D 134 -0.42 34.10 17.77
CA TYR D 134 -0.06 33.55 19.07
C TYR D 134 1.39 33.93 19.34
N GLN D 135 1.63 34.54 20.51
CA GLN D 135 2.97 34.77 21.00
C GLN D 135 3.55 33.44 21.50
N THR D 136 4.86 33.28 21.33
CA THR D 136 5.61 32.14 21.84
C THR D 136 6.75 32.61 22.75
N CYS D 137 7.44 31.66 23.39
CA CYS D 137 8.56 31.98 24.26
C CYS D 137 9.43 33.08 23.66
N ALA D 138 9.91 32.86 22.43
CA ALA D 138 10.92 33.70 21.83
C ALA D 138 10.42 35.13 21.63
N THR D 139 9.18 35.32 21.17
CA THR D 139 8.69 36.66 20.80
C THR D 139 8.23 37.45 22.04
N ALA D 140 7.83 36.74 23.12
CA ALA D 140 7.71 37.34 24.43
C ALA D 140 9.02 37.98 24.86
N LEU D 141 10.11 37.22 24.74
CA LEU D 141 11.40 37.61 25.26
C LEU D 141 12.02 38.74 24.44
N ILE D 142 11.73 38.84 23.15
CA ILE D 142 12.34 39.90 22.37
C ILE D 142 11.43 41.13 22.40
N GLY D 143 10.20 40.98 22.87
CA GLY D 143 9.40 42.14 23.25
C GLY D 143 8.65 42.81 22.09
N ASP D 144 8.39 42.08 21.01
CA ASP D 144 7.62 42.62 19.90
C ASP D 144 6.21 42.96 20.37
N ASP D 145 5.66 44.07 19.85
CA ASP D 145 4.33 44.51 20.17
C ASP D 145 3.38 43.97 19.09
N ILE D 146 2.85 42.77 19.36
CA ILE D 146 2.03 42.07 18.39
C ILE D 146 0.74 42.87 18.22
N ASN D 147 0.22 43.40 19.33
CA ASN D 147 -1.06 44.09 19.32
C ASN D 147 -0.99 45.29 18.37
N ALA D 148 0.14 46.01 18.36
CA ALA D 148 0.28 47.21 17.53
C ALA D 148 0.34 46.84 16.06
N ILE D 149 1.08 45.75 15.76
CA ILE D 149 1.24 45.28 14.40
C ILE D 149 -0.10 44.85 13.83
N ALA D 150 -0.88 44.10 14.63
CA ALA D 150 -2.19 43.65 14.23
C ALA D 150 -3.13 44.82 13.94
N GLU D 151 -2.97 45.93 14.69
CA GLU D 151 -3.82 47.10 14.50
C GLU D 151 -3.40 47.85 13.24
N GLU D 152 -2.10 47.91 13.00
CA GLU D 152 -1.54 48.53 11.80
C GLU D 152 -2.09 47.83 10.56
N VAL D 153 -2.23 46.50 10.61
CA VAL D 153 -2.66 45.74 9.45
C VAL D 153 -4.17 45.92 9.24
N MET D 154 -4.95 45.87 10.32
CA MET D 154 -6.40 46.05 10.21
C MET D 154 -6.72 47.46 9.67
N GLU D 155 -5.90 48.46 10.02
CA GLU D 155 -6.09 49.80 9.48
C GLU D 155 -5.80 49.77 7.98
N GLU D 156 -4.67 49.17 7.60
CA GLU D 156 -4.31 49.04 6.19
C GLU D 156 -5.34 48.18 5.45
N MET D 157 -5.91 47.17 6.12
CA MET D 157 -6.70 46.16 5.44
C MET D 157 -8.03 45.98 6.16
N PRO D 158 -9.02 46.87 5.92
CA PRO D 158 -10.29 46.79 6.64
C PRO D 158 -11.16 45.53 6.47
N GLU D 159 -10.86 44.69 5.48
CA GLU D 159 -11.67 43.49 5.19
C GLU D 159 -11.30 42.33 6.13
N VAL D 160 -10.16 42.45 6.82
CA VAL D 160 -9.65 41.43 7.74
C VAL D 160 -9.81 41.86 9.19
N ASP D 161 -9.81 40.86 10.11
CA ASP D 161 -9.75 41.07 11.55
C ASP D 161 -8.71 40.14 12.18
N ILE D 162 -7.95 40.64 13.15
CA ILE D 162 -6.83 39.93 13.75
C ILE D 162 -6.95 39.95 15.27
N PHE D 163 -7.03 38.74 15.87
CA PHE D 163 -7.04 38.55 17.31
C PHE D 163 -5.61 38.31 17.78
N VAL D 164 -5.21 38.85 18.94
CA VAL D 164 -3.85 38.68 19.43
C VAL D 164 -3.86 37.95 20.78
N CYS D 165 -3.05 36.87 20.85
CA CYS D 165 -2.97 35.99 22.01
C CYS D 165 -1.54 35.98 22.56
N ASN D 166 -1.31 36.67 23.68
CA ASN D 166 0.03 36.83 24.24
C ASN D 166 0.23 35.84 25.40
N SER D 167 0.43 34.58 25.04
CA SER D 167 0.51 33.51 26.04
C SER D 167 1.67 32.59 25.69
N PRO D 168 2.92 32.98 26.02
CA PRO D 168 4.09 32.17 25.70
C PRO D 168 4.23 31.00 26.65
N GLY D 169 5.12 30.08 26.30
CA GLY D 169 5.22 28.80 27.00
C GLY D 169 5.44 28.96 28.50
N PHE D 170 6.37 29.86 28.86
CA PHE D 170 6.79 30.05 30.23
C PHE D 170 5.78 30.85 31.08
N ALA D 171 4.68 31.35 30.49
CA ALA D 171 3.72 32.17 31.22
C ALA D 171 2.79 31.29 32.05
N GLY D 172 3.32 30.76 33.14
CA GLY D 172 2.50 29.93 34.01
C GLY D 172 3.05 28.52 34.10
N PRO D 173 2.47 27.71 35.00
CA PRO D 173 3.04 26.41 35.34
C PRO D 173 2.70 25.30 34.36
N SER D 174 1.74 25.59 33.45
CA SER D 174 1.05 24.55 32.70
C SER D 174 0.17 25.15 31.60
N GLN D 175 -0.63 24.29 30.96
N GLN D 175 -0.67 24.31 30.97
CA GLN D 175 -1.68 24.70 30.04
CA GLN D 175 -1.63 24.78 29.99
C GLN D 175 -2.51 25.83 30.64
C GLN D 175 -2.58 25.79 30.62
N SER D 176 -2.79 25.72 31.95
CA SER D 176 -3.89 26.43 32.60
C SER D 176 -3.78 27.94 32.44
N GLY D 177 -2.57 28.49 32.53
CA GLY D 177 -2.37 29.93 32.38
C GLY D 177 -2.78 30.45 31.00
N GLY D 178 -2.64 29.61 29.97
CA GLY D 178 -3.01 29.97 28.61
C GLY D 178 -4.52 29.95 28.42
N HIS D 179 -5.21 29.02 29.09
CA HIS D 179 -6.67 29.00 29.04
C HIS D 179 -7.20 30.37 29.47
N HIS D 180 -6.71 30.83 30.63
CA HIS D 180 -7.12 32.08 31.23
C HIS D 180 -6.81 33.21 30.26
N LYS D 181 -5.55 33.31 29.86
CA LYS D 181 -5.10 34.41 29.01
C LYS D 181 -5.97 34.55 27.75
N ILE D 182 -6.26 33.44 27.04
CA ILE D 182 -7.00 33.55 25.79
C ILE D 182 -8.48 33.80 26.08
N ASN D 183 -9.00 33.27 27.18
CA ASN D 183 -10.39 33.52 27.52
C ASN D 183 -10.59 35.03 27.65
N ILE D 184 -9.75 35.65 28.49
CA ILE D 184 -9.85 37.08 28.84
C ILE D 184 -9.51 37.93 27.62
N ALA D 185 -8.48 37.55 26.85
CA ALA D 185 -8.07 38.34 25.70
C ALA D 185 -9.22 38.37 24.67
N TRP D 186 -9.90 37.22 24.50
CA TRP D 186 -11.00 37.13 23.54
C TRP D 186 -12.12 38.07 23.95
N ILE D 187 -12.50 38.08 25.24
CA ILE D 187 -13.67 38.83 25.66
C ILE D 187 -13.32 40.32 25.67
N ASN D 188 -12.05 40.63 25.95
CA ASN D 188 -11.57 42.01 25.96
C ASN D 188 -11.42 42.55 24.54
N GLN D 189 -10.90 41.74 23.61
CA GLN D 189 -10.61 42.26 22.29
C GLN D 189 -11.81 42.14 21.35
N LYS D 190 -12.62 41.08 21.51
CA LYS D 190 -13.44 40.67 20.38
C LYS D 190 -14.93 40.56 20.69
N VAL D 191 -15.31 40.06 21.87
CA VAL D 191 -16.74 39.90 22.15
C VAL D 191 -17.41 41.27 22.19
N GLY D 192 -18.58 41.39 21.58
CA GLY D 192 -19.27 42.67 21.47
C GLY D 192 -19.03 43.38 20.13
N THR D 193 -18.19 42.84 19.24
CA THR D 193 -17.77 43.60 18.06
C THR D 193 -18.61 43.24 16.83
N VAL D 194 -19.57 42.30 16.96
CA VAL D 194 -20.38 41.87 15.84
C VAL D 194 -21.81 41.69 16.33
N GLU D 195 -22.77 42.16 15.54
CA GLU D 195 -24.19 41.95 15.82
C GLU D 195 -24.68 40.80 14.97
N PRO D 196 -25.12 39.67 15.57
CA PRO D 196 -25.54 38.51 14.81
C PRO D 196 -27.00 38.56 14.41
N GLU D 197 -27.31 38.04 13.21
CA GLU D 197 -28.68 37.71 12.85
C GLU D 197 -29.20 36.62 13.80
N ILE D 198 -30.31 36.91 14.49
CA ILE D 198 -30.97 35.90 15.31
C ILE D 198 -31.97 35.17 14.43
N THR D 199 -32.12 33.86 14.65
CA THR D 199 -32.94 32.98 13.82
C THR D 199 -33.76 32.05 14.71
N GLY D 200 -34.24 32.58 15.85
CA GLY D 200 -34.90 31.78 16.87
C GLY D 200 -35.08 32.55 18.18
N ASP D 201 -36.00 32.03 18.99
CA ASP D 201 -36.36 32.63 20.26
C ASP D 201 -35.44 32.10 21.36
N HIS D 202 -34.80 30.96 21.08
CA HIS D 202 -33.95 30.29 22.06
C HIS D 202 -32.51 30.32 21.56
N VAL D 203 -31.63 31.03 22.27
CA VAL D 203 -30.28 31.29 21.80
C VAL D 203 -29.29 30.93 22.92
N ILE D 204 -28.28 30.08 22.59
CA ILE D 204 -27.22 29.74 23.51
C ILE D 204 -25.85 30.05 22.90
N ASN D 205 -24.87 30.28 23.80
CA ASN D 205 -23.48 29.97 23.56
C ASN D 205 -23.23 28.56 24.11
N TYR D 206 -22.64 27.69 23.29
CA TYR D 206 -22.11 26.43 23.81
C TYR D 206 -20.61 26.66 24.03
N VAL D 207 -20.20 26.54 25.30
CA VAL D 207 -18.92 27.05 25.77
C VAL D 207 -18.12 25.92 26.39
N GLY D 208 -16.83 25.87 26.02
CA GLY D 208 -15.94 24.81 26.49
C GLY D 208 -16.19 23.49 25.78
N GLU D 209 -16.17 23.53 24.45
CA GLU D 209 -16.30 22.32 23.64
C GLU D 209 -15.36 22.48 22.46
N TYR D 210 -14.48 21.48 22.23
CA TYR D 210 -13.42 21.63 21.24
C TYR D 210 -13.61 20.67 20.04
N ASN D 211 -14.70 19.88 20.03
CA ASN D 211 -15.14 19.14 18.85
C ASN D 211 -14.17 18.03 18.49
N ILE D 212 -13.64 17.34 19.50
CA ILE D 212 -12.73 16.23 19.26
C ILE D 212 -13.52 15.08 18.61
N GLN D 213 -13.10 14.70 17.39
CA GLN D 213 -13.72 13.65 16.59
C GLN D 213 -15.21 13.91 16.36
N GLY D 214 -15.67 15.16 16.50
CA GLY D 214 -17.05 15.51 16.23
C GLY D 214 -17.96 15.68 17.46
N ASP D 215 -17.41 15.74 18.69
CA ASP D 215 -18.20 15.93 19.89
C ASP D 215 -19.18 17.11 19.79
N GLN D 216 -18.73 18.22 19.19
CA GLN D 216 -19.54 19.43 19.13
C GLN D 216 -20.75 19.16 18.24
N GLU D 217 -20.52 18.37 17.19
CA GLU D 217 -21.52 18.09 16.18
C GLU D 217 -22.58 17.17 16.78
N VAL D 218 -22.15 16.27 17.66
CA VAL D 218 -23.07 15.43 18.40
C VAL D 218 -24.03 16.31 19.23
N MET D 219 -23.45 17.27 19.96
CA MET D 219 -24.21 18.05 20.92
C MET D 219 -25.12 19.03 20.18
N VAL D 220 -24.56 19.73 19.20
CA VAL D 220 -25.30 20.73 18.44
C VAL D 220 -26.44 20.07 17.66
N ASP D 221 -26.33 18.76 17.37
CA ASP D 221 -27.41 18.01 16.75
C ASP D 221 -28.59 17.97 17.71
N TYR D 222 -28.34 17.61 18.96
CA TYR D 222 -29.39 17.61 19.97
C TYR D 222 -30.06 18.99 20.08
N PHE D 223 -29.25 20.06 20.06
CA PHE D 223 -29.74 21.43 20.25
C PHE D 223 -30.55 21.87 19.04
N LYS D 224 -30.13 21.48 17.83
CA LYS D 224 -30.88 21.84 16.63
C LYS D 224 -32.22 21.09 16.56
N ARG D 225 -32.27 19.88 17.14
CA ARG D 225 -33.50 19.10 17.21
C ARG D 225 -34.44 19.67 18.27
N MET D 226 -33.91 20.53 19.15
CA MET D 226 -34.72 21.20 20.16
C MET D 226 -35.18 22.56 19.63
N GLY D 227 -34.68 22.97 18.46
CA GLY D 227 -35.06 24.24 17.87
C GLY D 227 -34.32 25.40 18.54
N ILE D 228 -33.17 25.10 19.14
CA ILE D 228 -32.30 26.09 19.74
C ILE D 228 -31.33 26.58 18.67
N GLN D 229 -31.12 27.90 18.62
CA GLN D 229 -30.04 28.47 17.83
C GLN D 229 -28.77 28.51 18.65
N VAL D 230 -27.71 27.92 18.12
CA VAL D 230 -26.40 27.95 18.75
C VAL D 230 -25.65 29.12 18.15
N LEU D 231 -25.52 30.18 18.95
CA LEU D 231 -25.04 31.45 18.45
C LEU D 231 -23.56 31.34 18.16
N SER D 232 -22.88 30.54 18.98
CA SER D 232 -21.45 30.33 18.85
C SER D 232 -21.07 29.07 19.64
N THR D 233 -19.93 28.46 19.26
CA THR D 233 -19.27 27.45 20.08
C THR D 233 -17.83 27.91 20.34
N PHE D 234 -17.48 27.92 21.63
CA PHE D 234 -16.16 28.28 22.09
C PHE D 234 -15.41 26.98 22.42
N THR D 235 -14.54 26.50 21.51
CA THR D 235 -14.31 27.01 20.16
C THR D 235 -14.43 25.92 19.08
N GLY D 236 -14.87 24.71 19.45
CA GLY D 236 -14.91 23.59 18.53
C GLY D 236 -15.90 23.80 17.39
N ASN D 237 -15.41 23.63 16.15
CA ASN D 237 -16.20 23.89 14.95
C ASN D 237 -16.67 25.34 14.95
N GLY D 238 -16.01 26.23 15.71
CA GLY D 238 -16.50 27.59 15.88
C GLY D 238 -16.05 28.53 14.76
N SER D 239 -16.91 29.53 14.47
CA SER D 239 -16.57 30.64 13.58
C SER D 239 -16.07 31.84 14.39
N TYR D 240 -15.02 32.50 13.89
CA TYR D 240 -14.42 33.66 14.53
C TYR D 240 -15.49 34.73 14.75
N ASP D 241 -16.24 35.11 13.69
CA ASP D 241 -17.25 36.16 13.77
C ASP D 241 -18.45 35.70 14.60
N GLY D 242 -18.73 34.39 14.62
CA GLY D 242 -19.71 33.82 15.52
C GLY D 242 -19.38 34.07 16.99
N LEU D 243 -18.09 33.98 17.33
CA LEU D 243 -17.64 34.11 18.70
C LEU D 243 -17.59 35.60 19.11
N ARG D 244 -17.52 36.48 18.11
CA ARG D 244 -17.50 37.92 18.32
C ARG D 244 -18.86 38.43 18.78
N ALA D 245 -19.88 37.58 18.73
CA ALA D 245 -21.26 37.93 19.03
C ALA D 245 -21.80 37.20 20.25
N MET D 246 -20.90 36.60 21.04
CA MET D 246 -21.25 35.85 22.24
C MET D 246 -22.12 36.67 23.21
N HIS D 247 -22.04 38.01 23.14
CA HIS D 247 -22.75 38.86 24.09
C HIS D 247 -24.26 38.69 23.98
N ARG D 248 -24.75 38.15 22.86
CA ARG D 248 -26.18 38.19 22.57
C ARG D 248 -26.89 36.90 22.99
N ALA D 249 -26.18 35.99 23.66
CA ALA D 249 -26.77 34.72 24.06
C ALA D 249 -27.71 34.92 25.24
N HIS D 250 -28.72 34.04 25.33
CA HIS D 250 -29.66 34.02 26.44
C HIS D 250 -29.15 33.11 27.55
N LEU D 251 -28.19 32.24 27.24
CA LEU D 251 -27.65 31.28 28.19
C LEU D 251 -26.27 30.80 27.74
N ASN D 252 -25.39 30.58 28.72
CA ASN D 252 -24.10 29.98 28.50
C ASN D 252 -24.16 28.54 29.01
N VAL D 253 -24.15 27.59 28.06
CA VAL D 253 -24.06 26.17 28.38
C VAL D 253 -22.59 25.75 28.42
N LEU D 254 -22.11 25.43 29.62
CA LEU D 254 -20.69 25.25 29.85
C LEU D 254 -20.42 23.78 30.09
N GLU D 255 -19.61 23.18 29.18
CA GLU D 255 -19.22 21.79 29.32
C GLU D 255 -17.86 21.77 30.00
N CYS D 256 -16.81 22.24 29.33
CA CYS D 256 -15.50 22.25 29.95
C CYS D 256 -15.33 23.51 30.79
N ALA D 257 -15.59 23.36 32.10
CA ALA D 257 -15.47 24.46 33.04
C ALA D 257 -14.01 24.88 33.20
N ARG D 258 -13.10 23.91 33.24
CA ARG D 258 -11.69 24.17 33.46
C ARG D 258 -11.19 25.23 32.47
N SER D 259 -11.43 25.00 31.18
CA SER D 259 -10.83 25.82 30.14
C SER D 259 -11.64 27.09 29.89
N ALA D 260 -12.94 27.08 30.21
CA ALA D 260 -13.81 28.13 29.71
C ALA D 260 -14.70 28.76 30.79
N GLU D 261 -14.55 28.40 32.07
CA GLU D 261 -15.37 29.05 33.09
C GLU D 261 -15.06 30.55 33.15
N TYR D 262 -13.79 30.88 32.84
CA TYR D 262 -13.30 32.25 32.88
C TYR D 262 -14.18 33.17 32.03
N ILE D 263 -14.50 32.74 30.81
CA ILE D 263 -15.19 33.61 29.86
C ILE D 263 -16.67 33.64 30.22
N CYS D 264 -17.20 32.55 30.79
CA CYS D 264 -18.58 32.51 31.22
C CYS D 264 -18.79 33.43 32.42
N ASN D 265 -17.77 33.44 33.29
CA ASN D 265 -17.81 34.24 34.50
C ASN D 265 -17.88 35.72 34.11
N GLU D 266 -17.05 36.15 33.15
CA GLU D 266 -17.03 37.52 32.68
C GLU D 266 -18.27 37.87 31.86
N LEU D 267 -18.85 36.91 31.14
CA LEU D 267 -20.07 37.20 30.38
C LEU D 267 -21.25 37.45 31.32
N ARG D 268 -21.22 36.85 32.52
CA ARG D 268 -22.28 37.06 33.49
C ARG D 268 -22.14 38.47 34.06
N VAL D 269 -20.90 38.82 34.41
CA VAL D 269 -20.57 40.13 34.95
C VAL D 269 -20.92 41.19 33.91
N ARG D 270 -20.47 41.02 32.68
CA ARG D 270 -20.50 42.12 31.72
C ARG D 270 -21.83 42.23 30.99
N TYR D 271 -22.55 41.11 30.80
CA TYR D 271 -23.75 41.15 29.96
C TYR D 271 -24.92 40.47 30.65
N GLY D 272 -24.72 39.95 31.86
CA GLY D 272 -25.82 39.36 32.61
C GLY D 272 -26.24 37.97 32.13
N ILE D 273 -25.44 37.31 31.28
CA ILE D 273 -25.80 35.98 30.76
C ILE D 273 -25.60 34.91 31.85
N PRO D 274 -26.63 34.10 32.17
CA PRO D 274 -26.48 33.05 33.19
C PRO D 274 -25.58 31.89 32.72
N ARG D 275 -24.99 31.19 33.71
CA ARG D 275 -24.06 30.09 33.49
C ARG D 275 -24.70 28.80 33.99
N LEU D 276 -24.96 27.87 33.06
CA LEU D 276 -25.43 26.55 33.40
C LEU D 276 -24.36 25.53 33.02
N ASP D 277 -23.82 24.83 34.03
CA ASP D 277 -22.83 23.80 33.80
C ASP D 277 -23.57 22.52 33.38
N ILE D 278 -23.04 21.83 32.35
CA ILE D 278 -23.58 20.56 31.87
C ILE D 278 -22.49 19.50 31.83
N ASP D 279 -22.93 18.26 31.58
CA ASP D 279 -22.08 17.11 31.29
C ASP D 279 -22.38 16.61 29.88
N GLY D 280 -21.35 16.34 29.07
CA GLY D 280 -21.52 15.91 27.69
C GLY D 280 -21.56 14.38 27.52
N PHE D 281 -21.16 13.66 28.55
CA PHE D 281 -20.88 12.24 28.49
C PHE D 281 -21.84 11.49 29.42
N GLY D 282 -22.41 10.39 28.92
CA GLY D 282 -23.20 9.50 29.74
C GLY D 282 -24.68 9.79 29.55
N PHE D 283 -25.52 8.78 29.84
CA PHE D 283 -26.94 8.85 29.54
C PHE D 283 -27.65 9.77 30.56
N LYS D 284 -27.40 9.57 31.86
CA LYS D 284 -28.05 10.40 32.86
C LYS D 284 -27.52 11.83 32.76
N PRO D 285 -26.20 12.07 32.92
CA PRO D 285 -25.70 13.43 32.96
C PRO D 285 -26.16 14.21 31.73
N LEU D 286 -26.23 13.53 30.59
CA LEU D 286 -26.58 14.16 29.34
C LEU D 286 -28.09 14.42 29.27
N ALA D 287 -28.91 13.46 29.72
CA ALA D 287 -30.35 13.67 29.75
C ALA D 287 -30.71 14.82 30.71
N ASP D 288 -30.08 14.87 31.88
CA ASP D 288 -30.34 15.94 32.83
C ASP D 288 -29.96 17.27 32.19
N SER D 289 -28.77 17.32 31.58
CA SER D 289 -28.28 18.50 30.87
C SER D 289 -29.27 18.98 29.82
N LEU D 290 -29.81 18.05 29.01
CA LEU D 290 -30.75 18.40 27.95
C LEU D 290 -32.10 18.81 28.55
N ARG D 291 -32.52 18.15 29.64
CA ARG D 291 -33.79 18.46 30.28
C ARG D 291 -33.77 19.91 30.77
N LYS D 292 -32.71 20.27 31.50
CA LYS D 292 -32.51 21.61 32.03
C LYS D 292 -32.45 22.65 30.92
N ILE D 293 -31.76 22.36 29.81
CA ILE D 293 -31.62 23.33 28.73
C ILE D 293 -32.99 23.59 28.11
N GLY D 294 -33.79 22.52 27.98
CA GLY D 294 -35.11 22.63 27.39
C GLY D 294 -36.08 23.32 28.34
N MET D 295 -36.02 22.93 29.61
CA MET D 295 -36.89 23.47 30.64
C MET D 295 -36.60 24.96 30.81
N PHE D 296 -35.35 25.38 30.61
CA PHE D 296 -35.01 26.79 30.71
C PHE D 296 -35.71 27.62 29.64
N PHE D 297 -35.95 27.00 28.47
CA PHE D 297 -36.52 27.71 27.34
C PHE D 297 -38.01 27.45 27.21
N GLY D 298 -38.53 26.60 28.11
CA GLY D 298 -39.93 26.22 28.12
C GLY D 298 -40.27 25.16 27.07
N ILE D 299 -39.25 24.41 26.63
CA ILE D 299 -39.40 23.47 25.52
C ILE D 299 -38.88 22.10 25.96
N GLU D 300 -39.19 21.75 27.22
CA GLU D 300 -38.75 20.51 27.83
C GLU D 300 -39.33 19.31 27.07
N ASP D 301 -40.48 19.50 26.43
CA ASP D 301 -41.14 18.46 25.65
C ASP D 301 -40.16 17.96 24.57
N ARG D 302 -39.51 18.89 23.85
CA ARG D 302 -38.60 18.57 22.76
C ARG D 302 -37.40 17.79 23.28
N ALA D 303 -36.88 18.21 24.43
CA ALA D 303 -35.73 17.54 25.02
C ALA D 303 -36.11 16.15 25.51
N LYS D 304 -37.35 16.02 26.02
CA LYS D 304 -37.81 14.73 26.52
C LYS D 304 -37.90 13.73 25.37
N ALA D 305 -38.34 14.22 24.20
CA ALA D 305 -38.50 13.38 23.01
C ALA D 305 -37.17 12.79 22.58
N ILE D 306 -36.17 13.69 22.44
CA ILE D 306 -34.81 13.32 22.08
C ILE D 306 -34.27 12.30 23.07
N ILE D 307 -34.38 12.60 24.36
CA ILE D 307 -33.87 11.68 25.38
C ILE D 307 -34.52 10.31 25.21
N ASP D 308 -35.84 10.31 24.95
CA ASP D 308 -36.62 9.08 24.88
C ASP D 308 -36.14 8.23 23.70
N GLU D 309 -36.07 8.82 22.51
CA GLU D 309 -35.73 8.05 21.33
C GLU D 309 -34.30 7.52 21.43
N GLU D 310 -33.38 8.35 21.94
CA GLU D 310 -31.96 8.01 21.98
C GLU D 310 -31.68 6.86 22.95
N VAL D 311 -32.31 6.89 24.10
CA VAL D 311 -32.07 5.89 25.13
C VAL D 311 -32.64 4.55 24.67
N ALA D 312 -33.82 4.59 24.07
CA ALA D 312 -34.44 3.41 23.50
C ALA D 312 -33.53 2.80 22.45
N ARG D 313 -32.97 3.66 21.59
CA ARG D 313 -32.14 3.25 20.47
C ARG D 313 -30.83 2.63 20.94
N TRP D 314 -30.22 3.16 22.02
CA TRP D 314 -28.84 2.84 22.37
C TRP D 314 -28.70 2.08 23.68
N LYS D 315 -29.70 2.14 24.60
CA LYS D 315 -29.51 1.53 25.91
C LYS D 315 -29.30 0.02 25.80
N PRO D 316 -30.02 -0.69 24.90
CA PRO D 316 -29.82 -2.14 24.74
C PRO D 316 -28.37 -2.52 24.45
N GLU D 317 -27.64 -1.60 23.77
CA GLU D 317 -26.26 -1.81 23.37
C GLU D 317 -25.29 -1.46 24.50
N LEU D 318 -25.50 -0.31 25.15
CA LEU D 318 -24.72 0.05 26.33
C LEU D 318 -24.71 -1.09 27.35
N ASP D 319 -25.90 -1.65 27.62
CA ASP D 319 -26.06 -2.65 28.66
C ASP D 319 -25.35 -3.96 28.28
N TRP D 320 -25.22 -4.24 26.96
CA TRP D 320 -24.44 -5.38 26.51
C TRP D 320 -23.04 -5.30 27.11
N TYR D 321 -22.42 -4.12 27.00
CA TYR D 321 -21.04 -3.91 27.41
C TYR D 321 -20.97 -3.85 28.93
N LYS D 322 -21.94 -3.16 29.55
CA LYS D 322 -21.95 -3.06 31.00
C LYS D 322 -21.81 -4.46 31.60
N GLU D 323 -22.60 -5.40 31.09
CA GLU D 323 -22.63 -6.76 31.65
C GLU D 323 -21.26 -7.43 31.57
N ARG D 324 -20.48 -7.14 30.52
CA ARG D 324 -19.17 -7.76 30.38
C ARG D 324 -18.10 -6.96 31.11
N LEU D 325 -18.40 -5.68 31.41
CA LEU D 325 -17.40 -4.78 31.96
C LEU D 325 -17.44 -4.72 33.50
N MET D 326 -18.53 -5.24 34.12
CA MET D 326 -18.75 -5.15 35.55
C MET D 326 -17.50 -5.49 36.34
N GLY D 327 -17.08 -4.57 37.21
CA GLY D 327 -16.02 -4.82 38.20
C GLY D 327 -14.63 -4.56 37.63
N LYS D 328 -14.55 -4.30 36.33
CA LYS D 328 -13.28 -3.97 35.70
C LYS D 328 -12.80 -2.61 36.22
N LYS D 329 -11.52 -2.54 36.60
CA LYS D 329 -10.93 -1.36 37.20
C LYS D 329 -10.31 -0.45 36.14
N VAL D 330 -10.58 0.87 36.29
CA VAL D 330 -10.21 1.89 35.32
C VAL D 330 -9.54 3.08 36.04
N CYS D 331 -8.50 3.64 35.42
CA CYS D 331 -7.95 4.94 35.80
C CYS D 331 -8.40 6.00 34.80
N LEU D 332 -9.02 7.08 35.31
CA LEU D 332 -9.38 8.24 34.50
C LEU D 332 -8.27 9.29 34.57
N TRP D 333 -7.41 9.26 33.54
CA TRP D 333 -6.13 9.96 33.52
C TRP D 333 -6.02 10.86 32.28
N PRO D 334 -7.02 11.74 32.02
CA PRO D 334 -6.86 12.82 31.06
C PRO D 334 -6.04 13.99 31.63
N GLY D 335 -6.16 15.16 31.00
CA GLY D 335 -5.57 16.39 31.51
C GLY D 335 -6.47 17.09 32.52
N GLY D 336 -7.78 17.09 32.31
CA GLY D 336 -8.66 17.98 33.06
C GLY D 336 -10.10 17.48 33.18
N SER D 337 -11.04 18.25 32.62
CA SER D 337 -12.46 18.11 32.85
C SER D 337 -12.97 16.68 32.72
N LYS D 338 -12.41 15.94 31.76
CA LYS D 338 -12.94 14.61 31.49
C LYS D 338 -12.97 13.78 32.77
N LEU D 339 -11.96 13.96 33.64
CA LEU D 339 -11.83 13.12 34.83
C LEU D 339 -13.10 13.19 35.67
N TRP D 340 -13.74 14.38 35.76
CA TRP D 340 -14.90 14.50 36.62
C TRP D 340 -16.20 14.32 35.85
N HIS D 341 -16.20 14.64 34.55
CA HIS D 341 -17.34 14.30 33.72
C HIS D 341 -17.65 12.81 33.85
N TRP D 342 -16.61 11.97 33.90
CA TRP D 342 -16.75 10.53 33.75
C TRP D 342 -16.89 9.80 35.08
N ALA D 343 -16.40 10.41 36.17
CA ALA D 343 -16.06 9.71 37.42
C ALA D 343 -17.21 8.88 38.01
N HIS D 344 -18.45 9.37 37.94
CA HIS D 344 -19.55 8.66 38.55
C HIS D 344 -20.30 7.86 37.48
N VAL D 345 -20.67 8.54 36.38
CA VAL D 345 -21.51 7.93 35.38
C VAL D 345 -20.87 6.67 34.79
N ILE D 346 -19.52 6.59 34.75
CA ILE D 346 -18.87 5.45 34.12
C ILE D 346 -18.96 4.24 35.06
N GLU D 347 -18.95 4.49 36.38
CA GLU D 347 -19.19 3.44 37.36
C GLU D 347 -20.64 2.97 37.26
N GLU D 348 -21.59 3.91 37.27
CA GLU D 348 -23.02 3.61 37.23
C GLU D 348 -23.38 2.86 35.95
N GLU D 349 -22.92 3.36 34.79
CA GLU D 349 -23.53 2.99 33.50
C GLU D 349 -22.73 1.93 32.73
N MET D 350 -21.40 1.83 32.96
CA MET D 350 -20.54 0.86 32.32
C MET D 350 -20.07 -0.20 33.33
N GLY D 351 -20.33 0.04 34.62
CA GLY D 351 -20.03 -0.94 35.66
C GLY D 351 -18.55 -0.99 36.03
N LEU D 352 -17.78 0.00 35.58
CA LEU D 352 -16.36 0.03 35.84
C LEU D 352 -16.15 0.50 37.28
N LYS D 353 -15.03 0.09 37.87
CA LYS D 353 -14.61 0.58 39.18
C LYS D 353 -13.50 1.59 38.97
N VAL D 354 -13.78 2.89 39.20
CA VAL D 354 -12.77 3.93 39.09
C VAL D 354 -11.83 3.82 40.27
N VAL D 355 -10.55 3.50 40.03
CA VAL D 355 -9.58 3.32 41.09
C VAL D 355 -8.62 4.51 41.19
N SER D 356 -8.61 5.39 40.18
CA SER D 356 -7.74 6.56 40.20
C SER D 356 -8.19 7.61 39.18
N VAL D 357 -7.90 8.88 39.52
CA VAL D 357 -8.12 10.02 38.66
C VAL D 357 -6.90 10.92 38.79
N TYR D 358 -6.60 11.67 37.73
CA TYR D 358 -5.42 12.51 37.72
C TYR D 358 -5.71 13.66 36.79
N THR D 359 -5.13 14.82 37.12
CA THR D 359 -5.22 16.02 36.34
C THR D 359 -3.79 16.52 36.16
N LYS D 360 -3.46 16.96 34.93
CA LYS D 360 -2.13 17.45 34.65
C LYS D 360 -2.00 18.90 35.13
N PHE D 361 -3.05 19.71 34.92
CA PHE D 361 -3.02 21.15 35.08
C PHE D 361 -4.25 21.66 35.83
N GLY D 362 -5.08 20.74 36.34
CA GLY D 362 -6.34 21.13 36.93
C GLY D 362 -6.10 21.96 38.20
N HIS D 363 -7.16 22.69 38.59
CA HIS D 363 -7.17 23.45 39.82
C HIS D 363 -7.81 22.59 40.92
N GLN D 364 -7.87 23.14 42.13
CA GLN D 364 -8.47 22.43 43.25
C GLN D 364 -9.96 22.21 43.00
N GLY D 365 -10.62 23.11 42.26
CA GLY D 365 -12.01 22.91 41.86
C GLY D 365 -12.24 21.61 41.07
N ASP D 366 -11.25 21.19 40.28
CA ASP D 366 -11.37 19.97 39.46
C ASP D 366 -11.22 18.74 40.34
N MET D 367 -10.33 18.82 41.35
CA MET D 367 -10.22 17.77 42.35
C MET D 367 -11.47 17.73 43.23
N GLU D 368 -12.11 18.88 43.46
CA GLU D 368 -13.37 18.85 44.20
C GLU D 368 -14.37 17.98 43.44
N LYS D 369 -14.62 18.37 42.18
CA LYS D 369 -15.55 17.67 41.31
C LYS D 369 -15.14 16.19 41.20
N GLY D 370 -13.83 15.96 41.06
CA GLY D 370 -13.32 14.61 40.88
C GLY D 370 -13.61 13.72 42.07
N ILE D 371 -13.24 14.20 43.26
CA ILE D 371 -13.37 13.44 44.50
C ILE D 371 -14.84 13.31 44.92
N ALA D 372 -15.63 14.36 44.68
CA ALA D 372 -17.06 14.32 44.93
C ALA D 372 -17.73 13.16 44.19
N ARG D 373 -17.29 12.86 42.96
CA ARG D 373 -17.97 11.90 42.11
C ARG D 373 -17.38 10.50 42.25
N CYS D 374 -16.15 10.40 42.78
CA CYS D 374 -15.47 9.13 42.91
C CYS D 374 -15.90 8.38 44.17
N GLY D 375 -15.62 7.08 44.19
CA GLY D 375 -15.95 6.24 45.33
C GLY D 375 -14.83 6.29 46.38
N GLU D 376 -15.18 5.98 47.63
CA GLU D 376 -14.15 5.80 48.65
C GLU D 376 -13.10 4.85 48.11
N GLY D 377 -11.83 5.16 48.39
CA GLY D 377 -10.70 4.31 48.01
C GLY D 377 -9.92 4.85 46.82
N THR D 378 -10.49 5.84 46.10
CA THR D 378 -9.97 6.32 44.83
C THR D 378 -8.76 7.22 45.07
N LEU D 379 -7.69 6.99 44.31
CA LEU D 379 -6.49 7.80 44.36
C LEU D 379 -6.63 8.98 43.38
N ALA D 380 -6.61 10.21 43.91
CA ALA D 380 -6.62 11.41 43.10
C ALA D 380 -5.22 12.04 43.11
N ILE D 381 -4.70 12.44 41.93
CA ILE D 381 -3.32 12.91 41.77
C ILE D 381 -3.31 14.21 40.98
N ASP D 382 -2.54 15.19 41.48
CA ASP D 382 -2.36 16.46 40.81
C ASP D 382 -0.94 16.54 40.25
N ASP D 383 -0.82 16.91 38.97
CA ASP D 383 0.48 17.04 38.31
C ASP D 383 1.29 15.77 38.49
N PRO D 384 0.73 14.63 38.03
CA PRO D 384 1.43 13.35 38.06
C PRO D 384 2.67 13.38 37.18
N ASN D 385 3.66 12.57 37.54
CA ASN D 385 4.85 12.41 36.75
C ASN D 385 4.96 10.93 36.43
N GLU D 386 5.94 10.59 35.59
CA GLU D 386 5.96 9.29 34.96
C GLU D 386 6.11 8.17 36.00
N LEU D 387 7.05 8.31 36.95
CA LEU D 387 7.28 7.23 37.91
C LEU D 387 6.02 7.03 38.75
N GLU D 388 5.34 8.11 39.09
CA GLU D 388 4.14 8.00 39.91
C GLU D 388 3.06 7.24 39.16
N GLY D 389 2.94 7.55 37.85
CA GLY D 389 2.04 6.82 36.97
C GLY D 389 2.30 5.31 37.01
N LEU D 390 3.57 4.94 36.85
CA LEU D 390 3.95 3.53 36.83
C LEU D 390 3.73 2.87 38.19
N GLU D 391 4.04 3.58 39.29
CA GLU D 391 3.82 3.03 40.63
C GLU D 391 2.33 2.84 40.88
N ALA D 392 1.51 3.80 40.43
CA ALA D 392 0.07 3.66 40.54
C ALA D 392 -0.42 2.42 39.78
N LEU D 393 0.19 2.13 38.62
CA LEU D 393 -0.21 0.96 37.84
C LEU D 393 0.11 -0.32 38.62
N GLU D 394 1.32 -0.37 39.22
CA GLU D 394 1.74 -1.48 40.05
C GLU D 394 0.83 -1.64 41.28
N MET D 395 0.50 -0.52 41.94
CA MET D 395 -0.29 -0.51 43.17
C MET D 395 -1.75 -0.87 42.89
N LEU D 396 -2.35 -0.28 41.86
CA LEU D 396 -3.79 -0.43 41.66
C LEU D 396 -4.17 -1.57 40.69
N LYS D 397 -3.23 -2.01 39.84
CA LYS D 397 -3.49 -3.07 38.87
C LYS D 397 -4.80 -2.85 38.12
N PRO D 398 -5.00 -1.69 37.44
CA PRO D 398 -6.25 -1.42 36.73
C PRO D 398 -6.34 -2.36 35.52
N ASP D 399 -7.55 -2.57 35.00
CA ASP D 399 -7.76 -3.39 33.81
C ASP D 399 -7.59 -2.58 32.53
N ILE D 400 -7.81 -1.26 32.62
CA ILE D 400 -7.64 -0.32 31.51
C ILE D 400 -7.35 1.05 32.12
N ILE D 401 -6.63 1.90 31.39
CA ILE D 401 -6.54 3.31 31.72
C ILE D 401 -7.00 4.13 30.51
N LEU D 402 -7.66 5.26 30.80
CA LEU D 402 -7.99 6.25 29.80
C LEU D 402 -7.03 7.43 29.98
N THR D 403 -6.18 7.70 28.97
CA THR D 403 -5.04 8.60 29.12
C THR D 403 -4.52 9.06 27.76
N GLY D 404 -3.43 9.83 27.74
CA GLY D 404 -2.82 10.29 26.51
C GLY D 404 -2.10 9.18 25.73
N LYS D 405 -1.70 9.51 24.50
CA LYS D 405 -1.07 8.55 23.60
C LYS D 405 0.23 8.01 24.20
N ARG D 406 1.22 8.88 24.40
CA ARG D 406 2.53 8.43 24.87
C ARG D 406 2.41 7.81 26.27
N PRO D 407 1.68 8.39 27.24
CA PRO D 407 1.42 7.68 28.50
C PRO D 407 0.77 6.31 28.31
N GLY D 408 -0.08 6.18 27.28
CA GLY D 408 -0.69 4.90 26.91
C GLY D 408 0.33 3.84 26.51
N GLU D 409 1.41 4.30 25.87
CA GLU D 409 2.48 3.46 25.38
C GLU D 409 3.44 3.10 26.52
N VAL D 410 3.49 3.94 27.55
CA VAL D 410 4.21 3.56 28.76
C VAL D 410 3.46 2.39 29.39
N ALA D 411 2.14 2.52 29.53
CA ALA D 411 1.30 1.50 30.15
C ALA D 411 1.33 0.20 29.32
N LYS D 412 1.43 0.37 27.99
CA LYS D 412 1.50 -0.75 27.06
C LYS D 412 2.58 -1.75 27.48
N LYS D 413 3.75 -1.24 27.87
CA LYS D 413 4.93 -2.06 28.12
C LYS D 413 4.79 -2.93 29.36
N VAL D 414 3.90 -2.53 30.29
CA VAL D 414 3.65 -3.24 31.54
C VAL D 414 2.27 -3.88 31.49
N ARG D 415 1.78 -4.15 30.28
CA ARG D 415 0.59 -4.96 30.08
C ARG D 415 -0.66 -4.29 30.66
N VAL D 416 -0.76 -2.96 30.59
CA VAL D 416 -2.03 -2.32 30.86
C VAL D 416 -2.56 -1.67 29.59
N PRO D 417 -3.74 -2.12 29.07
CA PRO D 417 -4.36 -1.51 27.89
C PRO D 417 -4.78 -0.06 28.13
N TYR D 418 -4.86 0.74 27.04
CA TYR D 418 -5.32 2.11 27.15
C TYR D 418 -6.33 2.42 26.04
N LEU D 419 -7.23 3.37 26.36
CA LEU D 419 -7.87 4.18 25.34
C LEU D 419 -7.31 5.60 25.50
N ASN D 420 -7.36 6.33 24.40
CA ASN D 420 -6.90 7.69 24.33
C ASN D 420 -8.05 8.56 24.81
N ALA D 421 -7.99 8.99 26.07
CA ALA D 421 -9.06 9.79 26.68
C ALA D 421 -9.15 11.17 26.02
N HIS D 422 -8.06 11.58 25.39
CA HIS D 422 -7.91 12.92 24.85
C HIS D 422 -8.49 12.99 23.44
N ALA D 423 -7.95 12.16 22.54
CA ALA D 423 -8.24 12.19 21.12
C ALA D 423 -9.27 11.14 20.75
N TYR D 424 -9.62 10.30 21.74
CA TYR D 424 -10.53 9.17 21.61
C TYR D 424 -9.91 8.07 20.73
N HIS D 425 -10.48 6.86 20.82
CA HIS D 425 -10.19 5.80 19.85
C HIS D 425 -11.20 5.93 18.71
N ASN D 426 -12.34 5.24 18.83
CA ASN D 426 -13.40 5.30 17.84
C ASN D 426 -14.46 6.29 18.34
N GLY D 427 -14.05 7.56 18.35
CA GLY D 427 -14.88 8.63 18.86
C GLY D 427 -15.86 9.08 17.78
N PRO D 428 -16.66 10.13 18.04
CA PRO D 428 -16.64 10.89 19.30
C PRO D 428 -17.38 10.19 20.44
N TYR D 429 -17.05 10.54 21.69
CA TYR D 429 -17.56 9.86 22.87
C TYR D 429 -18.70 10.60 23.59
N LYS D 430 -18.96 11.88 23.26
CA LYS D 430 -20.15 12.58 23.73
C LYS D 430 -21.41 12.07 23.03
N GLY D 431 -22.56 12.33 23.66
CA GLY D 431 -23.84 11.85 23.17
C GLY D 431 -24.18 10.42 23.63
N PHE D 432 -25.36 9.96 23.22
CA PHE D 432 -25.83 8.64 23.61
C PHE D 432 -25.04 7.58 22.84
N GLU D 433 -24.98 7.75 21.52
CA GLU D 433 -24.28 6.82 20.67
C GLU D 433 -22.81 6.77 21.09
N GLY D 434 -22.20 7.96 21.25
CA GLY D 434 -20.80 8.09 21.65
C GLY D 434 -20.43 7.27 22.89
N TRP D 435 -21.38 7.18 23.84
CA TRP D 435 -21.16 6.51 25.12
C TRP D 435 -21.08 4.99 24.88
N VAL D 436 -21.84 4.49 23.91
CA VAL D 436 -21.79 3.09 23.50
C VAL D 436 -20.46 2.83 22.77
N ARG D 437 -20.09 3.73 21.84
CA ARG D 437 -18.80 3.65 21.15
C ARG D 437 -17.67 3.55 22.17
N PHE D 438 -17.75 4.43 23.17
CA PHE D 438 -16.81 4.46 24.27
C PHE D 438 -16.74 3.10 24.98
N ALA D 439 -17.91 2.56 25.34
CA ALA D 439 -17.95 1.32 26.10
C ALA D 439 -17.35 0.17 25.29
N ARG D 440 -17.64 0.19 23.98
CA ARG D 440 -17.17 -0.85 23.08
C ARG D 440 -15.65 -0.84 23.01
N ASP D 441 -15.05 0.36 22.89
CA ASP D 441 -13.60 0.50 22.83
C ASP D 441 -13.00 -0.05 24.13
N ILE D 442 -13.67 0.20 25.26
CA ILE D 442 -13.16 -0.30 26.51
C ILE D 442 -13.18 -1.83 26.51
N TYR D 443 -14.33 -2.39 26.10
CA TYR D 443 -14.49 -3.84 25.96
C TYR D 443 -13.37 -4.42 25.07
N ASN D 444 -13.18 -3.83 23.88
CA ASN D 444 -12.22 -4.32 22.90
C ASN D 444 -10.80 -4.22 23.43
N ALA D 445 -10.50 -3.19 24.23
CA ALA D 445 -9.16 -3.08 24.82
C ALA D 445 -8.94 -4.18 25.87
N ILE D 446 -9.88 -4.31 26.80
CA ILE D 446 -9.79 -5.21 27.96
C ILE D 446 -9.75 -6.68 27.50
N TYR D 447 -10.62 -7.01 26.53
CA TYR D 447 -10.84 -8.38 26.13
C TYR D 447 -10.13 -8.67 24.80
N SER D 448 -9.01 -7.98 24.56
CA SER D 448 -8.21 -8.22 23.37
C SER D 448 -7.57 -9.60 23.51
N PRO D 449 -7.75 -10.51 22.52
CA PRO D 449 -7.06 -11.81 22.56
C PRO D 449 -5.56 -11.65 22.47
N ILE D 450 -5.11 -10.56 21.83
CA ILE D 450 -3.68 -10.26 21.76
C ILE D 450 -3.14 -9.90 23.14
N HIS D 451 -3.93 -9.13 23.91
CA HIS D 451 -3.62 -8.85 25.30
C HIS D 451 -3.53 -10.16 26.11
N GLN D 452 -4.47 -11.09 25.89
CA GLN D 452 -4.42 -12.34 26.65
C GLN D 452 -3.16 -13.11 26.24
N LEU D 453 -2.80 -13.11 24.95
CA LEU D 453 -1.59 -13.77 24.45
C LEU D 453 -0.32 -13.21 25.09
N SER D 454 -0.30 -11.90 25.33
CA SER D 454 0.94 -11.24 25.76
C SER D 454 1.32 -11.69 27.17
N GLY D 455 0.32 -12.13 27.96
CA GLY D 455 0.52 -12.61 29.31
C GLY D 455 1.13 -14.01 29.40
N ILE D 456 1.12 -14.76 28.29
CA ILE D 456 1.60 -16.13 28.27
C ILE D 456 3.10 -16.13 28.04
N ASP D 457 3.81 -16.84 28.93
CA ASP D 457 5.24 -17.10 28.82
C ASP D 457 5.44 -18.44 28.10
N ILE D 458 5.92 -18.37 26.84
CA ILE D 458 6.01 -19.54 25.99
C ILE D 458 7.20 -20.42 26.41
N THR D 459 8.17 -19.86 27.16
CA THR D 459 9.33 -20.64 27.58
C THR D 459 8.92 -21.58 28.72
N LYS D 460 7.85 -21.25 29.44
CA LYS D 460 7.51 -21.96 30.65
C LYS D 460 7.24 -23.41 30.31
N ASP D 461 7.99 -24.26 31.02
CA ASP D 461 7.97 -25.70 30.89
C ASP D 461 6.61 -26.25 31.32
N ASN D 462 5.89 -25.47 32.14
CA ASN D 462 4.63 -25.89 32.73
C ASN D 462 3.44 -25.50 31.87
N ALA D 463 3.60 -24.55 30.94
CA ALA D 463 2.48 -23.96 30.21
C ALA D 463 1.60 -25.06 29.62
N PRO D 464 0.24 -25.01 29.75
CA PRO D 464 -0.64 -26.02 29.17
C PRO D 464 -0.84 -25.88 27.65
N GLU D 465 -1.53 -26.87 27.07
CA GLU D 465 -1.81 -26.91 25.64
C GLU D 465 -2.64 -25.68 25.26
N TRP D 466 -2.91 -25.54 23.95
CA TRP D 466 -3.80 -24.51 23.43
C TRP D 466 -4.81 -25.14 22.48
N GLY D 467 -4.29 -26.01 21.61
CA GLY D 467 -5.09 -26.73 20.63
C GLY D 467 -6.24 -25.88 20.10
N ASN D 468 -5.93 -24.65 19.72
CA ASN D 468 -6.90 -23.77 19.09
C ASN D 468 -6.16 -22.51 18.66
N GLY D 469 -6.41 -22.11 17.41
CA GLY D 469 -5.66 -21.06 16.75
C GLY D 469 -6.23 -19.66 16.99
N PHE D 470 -7.39 -19.58 17.67
CA PHE D 470 -7.94 -18.29 18.06
C PHE D 470 -8.68 -18.40 19.39
N ARG D 471 -8.92 -17.23 20.01
CA ARG D 471 -9.95 -17.05 21.03
C ARG D 471 -10.64 -15.71 20.80
N THR D 472 -11.97 -15.71 20.67
CA THR D 472 -12.70 -14.50 20.39
C THR D 472 -12.88 -13.71 21.69
N ARG D 473 -13.11 -12.41 21.53
CA ARG D 473 -13.42 -11.51 22.64
C ARG D 473 -14.48 -12.15 23.55
N GLN D 474 -15.54 -12.66 22.92
CA GLN D 474 -16.71 -13.15 23.63
C GLN D 474 -16.42 -14.47 24.32
N MET D 475 -15.47 -15.24 23.79
CA MET D 475 -14.95 -16.40 24.50
C MET D 475 -14.31 -15.95 25.81
N LEU D 476 -13.53 -14.87 25.78
CA LEU D 476 -12.80 -14.41 26.95
C LEU D 476 -13.71 -13.60 27.87
N SER D 477 -14.85 -13.10 27.35
CA SER D 477 -15.67 -12.18 28.11
C SER D 477 -16.96 -12.82 28.65
N ASP D 478 -17.52 -13.82 27.95
CA ASP D 478 -18.87 -14.29 28.27
C ASP D 478 -18.87 -15.57 29.13
N GLY D 479 -17.70 -16.07 29.54
CA GLY D 479 -17.58 -17.35 30.24
C GLY D 479 -18.49 -17.50 31.46
N ASN D 480 -18.68 -16.42 32.23
CA ASN D 480 -19.42 -16.49 33.49
C ASN D 480 -20.60 -15.54 33.53
N LEU D 481 -21.37 -15.45 32.46
CA LEU D 481 -22.55 -14.59 32.48
C LEU D 481 -23.79 -15.44 32.79
N SER D 482 -24.74 -14.84 33.49
CA SER D 482 -26.02 -15.47 33.73
C SER D 482 -26.59 -15.94 32.40
N ASP D 483 -27.36 -17.03 32.43
CA ASP D 483 -28.02 -17.55 31.25
C ASP D 483 -28.97 -16.47 30.71
N ALA D 484 -29.58 -15.72 31.62
CA ALA D 484 -30.50 -14.66 31.26
C ALA D 484 -29.80 -13.58 30.42
N VAL D 485 -28.60 -13.17 30.89
CA VAL D 485 -27.79 -12.20 30.18
C VAL D 485 -27.41 -12.76 28.82
N ARG D 486 -26.69 -13.87 28.86
CA ARG D 486 -26.06 -14.45 27.69
C ARG D 486 -27.11 -14.76 26.62
N ASN D 487 -28.37 -15.02 27.01
CA ASN D 487 -29.38 -15.41 26.04
C ASN D 487 -30.41 -14.30 25.85
N SER D 488 -30.05 -13.05 26.16
CA SER D 488 -31.01 -11.96 26.13
C SER D 488 -31.54 -11.76 24.71
N GLU D 489 -32.76 -11.21 24.60
CA GLU D 489 -33.37 -10.89 23.33
C GLU D 489 -33.25 -9.40 23.04
N THR D 490 -32.84 -8.61 24.05
CA THR D 490 -32.73 -7.16 23.87
C THR D 490 -31.26 -6.75 23.70
N LEU D 491 -30.40 -7.27 24.59
CA LEU D 491 -29.00 -6.89 24.62
C LEU D 491 -28.34 -7.25 23.29
N ARG D 492 -27.56 -6.28 22.76
CA ARG D 492 -26.79 -6.51 21.54
C ARG D 492 -25.56 -5.59 21.52
N GLN D 493 -24.57 -5.96 20.69
CA GLN D 493 -23.36 -5.16 20.51
C GLN D 493 -23.69 -3.96 19.63
N TYR D 494 -22.74 -3.00 19.61
CA TYR D 494 -22.93 -1.73 18.92
C TYR D 494 -23.26 -2.00 17.46
N THR D 495 -24.30 -1.34 16.95
CA THR D 495 -24.79 -1.54 15.60
C THR D 495 -24.51 -0.32 14.74
N GLY D 496 -23.86 0.70 15.30
CA GLY D 496 -23.57 1.88 14.51
C GLY D 496 -22.38 1.67 13.57
N GLY D 497 -22.23 2.59 12.60
CA GLY D 497 -21.18 2.53 11.59
C GLY D 497 -19.87 3.11 12.10
N TYR D 498 -18.83 3.02 11.27
CA TYR D 498 -17.49 3.47 11.61
C TYR D 498 -17.48 4.95 11.97
N ASP D 499 -18.21 5.77 11.18
CA ASP D 499 -18.19 7.21 11.35
C ASP D 499 -19.59 7.63 11.74
N SER D 500 -19.75 8.11 12.99
CA SER D 500 -21.07 8.35 13.55
C SER D 500 -21.49 9.83 13.37
N VAL D 501 -20.63 10.63 12.74
CA VAL D 501 -20.79 12.08 12.68
C VAL D 501 -21.13 12.57 11.26
N SER D 502 -20.68 11.88 10.21
CA SER D 502 -20.88 12.37 8.86
C SER D 502 -22.36 12.50 8.50
N LYS D 503 -23.17 11.56 8.99
CA LYS D 503 -24.62 11.62 8.79
C LYS D 503 -25.21 12.94 9.28
N LEU D 504 -24.68 13.48 10.39
CA LEU D 504 -25.21 14.69 11.00
C LEU D 504 -24.95 15.91 10.12
N ARG D 505 -23.88 15.89 9.31
CA ARG D 505 -23.56 17.04 8.47
C ARG D 505 -24.54 17.16 7.30
N GLU D 506 -25.26 16.07 7.00
CA GLU D 506 -26.26 16.06 5.96
C GLU D 506 -27.63 16.36 6.54
N ARG D 507 -27.84 15.97 7.81
CA ARG D 507 -29.14 16.01 8.48
C ARG D 507 -29.83 17.36 8.24
N GLU D 508 -31.16 17.30 8.10
CA GLU D 508 -31.98 18.49 7.94
C GLU D 508 -32.83 18.66 9.20
N TYR D 509 -32.96 19.91 9.64
CA TYR D 509 -33.58 20.20 10.92
C TYR D 509 -34.82 21.06 10.69
N PRO D 510 -36.02 20.55 11.06
CA PRO D 510 -37.26 21.30 10.83
C PRO D 510 -37.33 22.48 11.80
N ALA D 511 -37.72 23.65 11.30
CA ALA D 511 -37.99 24.82 12.12
C ALA D 511 -39.23 24.54 12.96
N PHE D 512 -39.16 24.89 14.26
CA PHE D 512 -40.32 24.82 15.13
C PHE D 512 -41.05 26.17 15.11
N GLU D 513 -40.59 27.08 14.24
CA GLU D 513 -41.28 28.34 13.94
C GLU D 513 -40.53 29.48 14.63
N THR E 1 16.36 22.34 -17.10
CA THR E 1 17.59 22.22 -16.26
C THR E 1 17.21 22.22 -14.78
N CYS E 2 18.19 21.86 -13.94
CA CYS E 2 18.02 21.80 -12.50
C CYS E 2 18.40 23.13 -11.83
N GLU E 3 17.39 23.92 -11.44
CA GLU E 3 17.60 25.21 -10.80
C GLU E 3 17.40 25.13 -9.29
N VAL E 4 18.44 25.53 -8.55
CA VAL E 4 18.39 25.70 -7.11
C VAL E 4 17.93 27.12 -6.80
N LYS E 5 16.89 27.27 -5.98
CA LYS E 5 16.44 28.60 -5.62
C LYS E 5 15.94 28.56 -4.17
N GLU E 6 16.02 29.72 -3.51
CA GLU E 6 15.52 29.89 -2.16
C GLU E 6 14.03 30.20 -2.22
N LYS E 7 13.28 29.66 -1.28
CA LYS E 7 11.89 30.03 -1.12
C LYS E 7 11.76 31.55 -1.13
N GLY E 8 10.74 32.06 -1.83
CA GLY E 8 10.53 33.50 -1.93
C GLY E 8 9.94 34.13 -0.66
N ARG E 9 8.89 33.52 -0.10
CA ARG E 9 8.21 34.08 1.07
C ARG E 9 9.16 34.08 2.26
N VAL E 10 9.03 35.07 3.17
CA VAL E 10 9.88 35.11 4.36
C VAL E 10 9.32 34.19 5.44
N GLY E 11 8.00 33.99 5.43
CA GLY E 11 7.32 33.20 6.45
C GLY E 11 7.19 31.72 6.10
N THR E 12 6.72 30.95 7.09
CA THR E 12 6.56 29.52 6.98
C THR E 12 5.07 29.20 6.90
N ILE E 13 4.64 28.47 5.85
CA ILE E 13 3.30 27.89 5.81
C ILE E 13 3.48 26.36 5.73
N ASN E 14 3.02 25.66 6.79
CA ASN E 14 3.10 24.20 6.89
C ASN E 14 4.55 23.73 6.93
N PRO E 15 5.18 23.65 8.13
CA PRO E 15 6.61 23.36 8.21
C PRO E 15 6.97 21.89 7.98
N ILE E 16 8.16 21.66 7.39
CA ILE E 16 8.67 20.34 7.08
C ILE E 16 9.42 19.72 8.26
N PHE E 17 10.07 20.57 9.07
CA PHE E 17 10.86 20.15 10.24
C PHE E 17 10.46 20.97 11.46
N THR E 18 10.89 20.51 12.65
CA THR E 18 10.85 21.31 13.87
C THR E 18 12.27 21.85 14.14
N CYS E 19 12.50 22.33 15.39
CA CYS E 19 13.67 23.12 15.71
C CYS E 19 14.84 22.27 16.24
N GLN E 20 16.01 22.90 16.36
CA GLN E 20 17.24 22.18 16.74
C GLN E 20 17.10 21.33 18.00
N PRO E 21 16.46 21.79 19.09
CA PRO E 21 16.38 20.98 20.31
C PRO E 21 15.77 19.59 20.07
N ALA E 22 14.88 19.47 19.09
CA ALA E 22 14.23 18.17 18.82
C ALA E 22 15.27 17.19 18.30
N GLY E 23 16.22 17.68 17.51
CA GLY E 23 17.30 16.85 17.02
C GLY E 23 18.26 16.40 18.12
N ALA E 24 18.46 17.25 19.13
CA ALA E 24 19.37 16.88 20.19
C ALA E 24 18.70 15.84 21.08
N GLN E 25 17.40 16.01 21.29
CA GLN E 25 16.65 15.03 22.05
C GLN E 25 16.68 13.68 21.33
N PHE E 26 16.70 13.69 19.99
CA PHE E 26 16.68 12.42 19.27
C PHE E 26 18.01 11.71 19.44
N VAL E 27 19.11 12.47 19.33
CA VAL E 27 20.41 11.90 19.60
C VAL E 27 20.38 11.22 20.97
N SER E 28 19.84 11.92 21.99
CA SER E 28 19.99 11.52 23.37
C SER E 28 19.20 10.25 23.69
N ILE E 29 18.06 10.04 23.03
CA ILE E 29 17.26 8.85 23.32
C ILE E 29 17.94 7.59 22.77
N GLY E 30 18.98 7.75 21.95
CA GLY E 30 19.70 6.65 21.34
C GLY E 30 20.87 6.11 22.19
N ILE E 31 21.11 6.72 23.36
CA ILE E 31 22.24 6.37 24.23
C ILE E 31 21.73 5.61 25.45
N LYS E 32 22.41 4.50 25.77
CA LYS E 32 22.04 3.70 26.94
C LYS E 32 22.24 4.55 28.21
N ASP E 33 21.27 4.46 29.12
CA ASP E 33 21.33 5.09 30.44
C ASP E 33 21.39 6.62 30.33
N CYS E 34 20.78 7.18 29.26
CA CYS E 34 20.76 8.61 29.00
C CYS E 34 19.35 9.15 29.20
N ILE E 35 19.23 10.32 29.86
CA ILE E 35 17.99 11.07 29.94
C ILE E 35 18.34 12.55 29.85
N GLY E 36 18.01 13.18 28.73
CA GLY E 36 18.33 14.58 28.56
C GLY E 36 17.39 15.43 29.41
N ILE E 37 17.85 16.64 29.80
CA ILE E 37 16.96 17.65 30.35
C ILE E 37 16.86 18.77 29.32
N VAL E 38 15.62 19.17 29.01
CA VAL E 38 15.43 20.21 28.03
C VAL E 38 15.19 21.51 28.79
N HIS E 39 16.14 22.44 28.63
CA HIS E 39 16.18 23.61 29.46
C HIS E 39 15.35 24.70 28.78
N GLY E 40 14.12 24.85 29.27
CA GLY E 40 13.16 25.74 28.63
C GLY E 40 11.77 25.40 29.13
N GLY E 41 10.74 25.90 28.41
CA GLY E 41 9.35 25.66 28.74
C GLY E 41 8.99 24.20 28.49
N GLN E 42 7.88 23.77 29.09
CA GLN E 42 7.59 22.35 29.20
C GLN E 42 7.29 21.77 27.82
N GLY E 43 6.68 22.58 26.95
CA GLY E 43 6.29 22.12 25.64
C GLY E 43 7.48 21.72 24.77
N CYS E 44 8.64 22.33 25.00
CA CYS E 44 9.81 22.07 24.20
C CYS E 44 10.25 20.61 24.29
N VAL E 45 9.84 19.92 25.35
CA VAL E 45 10.19 18.52 25.53
C VAL E 45 8.94 17.67 25.33
N MET E 46 7.79 18.09 25.86
CA MET E 46 6.66 17.18 25.88
C MET E 46 6.15 16.97 24.46
N PHE E 47 6.16 18.05 23.67
CA PHE E 47 5.73 17.97 22.28
C PHE E 47 6.66 17.09 21.46
N VAL E 48 7.96 17.16 21.75
CA VAL E 48 8.94 16.35 21.07
C VAL E 48 8.82 14.87 21.45
N ARG E 49 8.52 14.56 22.72
CA ARG E 49 8.30 13.18 23.11
C ARG E 49 7.11 12.60 22.32
N LEU E 50 6.11 13.43 22.02
CA LEU E 50 4.96 13.04 21.21
C LEU E 50 5.40 12.78 19.77
N ILE E 51 6.25 13.64 19.22
CA ILE E 51 6.74 13.38 17.88
C ILE E 51 7.28 11.95 17.85
N PHE E 52 8.19 11.63 18.78
CA PHE E 52 8.86 10.34 18.78
C PHE E 52 7.83 9.22 18.98
N SER E 53 6.81 9.48 19.78
CA SER E 53 5.70 8.55 19.97
C SER E 53 4.98 8.34 18.63
N GLN E 54 4.77 9.42 17.86
CA GLN E 54 4.05 9.34 16.60
C GLN E 54 4.77 8.42 15.62
N HIS E 55 6.09 8.50 15.59
CA HIS E 55 6.87 7.67 14.68
C HIS E 55 6.92 6.22 15.16
N TYR E 56 7.16 6.00 16.45
CA TYR E 56 7.54 4.67 16.98
C TYR E 56 6.40 4.01 17.76
N LYS E 57 5.39 4.78 18.18
CA LYS E 57 4.38 4.32 19.13
C LYS E 57 5.03 3.78 20.41
N GLU E 58 6.14 4.42 20.83
CA GLU E 58 6.76 4.16 22.13
C GLU E 58 7.06 5.45 22.89
N SER E 59 7.20 5.33 24.23
CA SER E 59 7.55 6.45 25.08
C SER E 59 9.04 6.41 25.39
N PHE E 60 9.73 7.55 25.26
CA PHE E 60 11.13 7.66 25.62
C PHE E 60 11.27 8.70 26.73
N GLU E 61 12.30 8.52 27.57
CA GLU E 61 12.47 9.33 28.77
C GLU E 61 13.25 10.59 28.43
N LEU E 62 12.62 11.73 28.71
CA LEU E 62 13.23 13.06 28.57
C LEU E 62 12.55 13.96 29.58
N ALA E 63 13.33 14.89 30.18
CA ALA E 63 12.86 15.73 31.27
C ALA E 63 12.88 17.20 30.90
N SER E 64 12.11 18.02 31.65
CA SER E 64 12.07 19.46 31.50
C SER E 64 12.74 20.13 32.71
N SER E 65 13.33 21.32 32.50
CA SER E 65 13.71 22.21 33.61
C SER E 65 12.51 23.03 34.07
N SER E 66 11.40 22.99 33.30
CA SER E 66 10.17 23.66 33.68
C SER E 66 10.42 25.15 33.93
N LEU E 67 10.79 25.89 32.87
CA LEU E 67 10.87 27.34 32.94
C LEU E 67 9.49 27.96 33.15
N HIS E 68 9.38 28.88 34.13
CA HIS E 68 8.17 29.66 34.37
C HIS E 68 8.52 31.15 34.29
N GLU E 69 7.64 32.03 34.80
CA GLU E 69 7.73 33.47 34.58
C GLU E 69 8.98 34.07 35.23
N ASP E 70 9.31 33.63 36.46
CA ASP E 70 10.41 34.21 37.22
C ASP E 70 11.74 33.97 36.52
N GLY E 71 11.96 32.73 36.06
CA GLY E 71 13.20 32.37 35.38
C GLY E 71 13.40 33.13 34.08
N ALA E 72 12.29 33.45 33.39
CA ALA E 72 12.31 34.19 32.15
C ALA E 72 12.68 35.65 32.40
N VAL E 73 12.33 36.20 33.58
CA VAL E 73 12.76 37.56 33.94
C VAL E 73 14.20 37.55 34.47
N PHE E 74 14.57 36.61 35.36
CA PHE E 74 15.79 36.75 36.15
C PHE E 74 16.91 35.78 35.76
N GLY E 75 16.65 34.83 34.84
CA GLY E 75 17.59 33.76 34.55
C GLY E 75 17.12 32.47 35.22
N ALA E 76 17.48 31.31 34.67
CA ALA E 76 16.85 30.06 35.10
C ALA E 76 17.87 28.95 35.34
N CYS E 77 19.14 29.31 35.62
CA CYS E 77 20.16 28.33 35.92
C CYS E 77 19.80 27.49 37.14
N GLY E 78 18.99 28.04 38.04
CA GLY E 78 18.57 27.31 39.22
C GLY E 78 17.60 26.19 38.86
N ARG E 79 16.82 26.42 37.80
CA ARG E 79 15.83 25.45 37.37
C ARG E 79 16.57 24.22 36.85
N VAL E 80 17.71 24.43 36.18
CA VAL E 80 18.57 23.33 35.76
C VAL E 80 19.08 22.57 36.98
N GLU E 81 19.69 23.30 37.95
CA GLU E 81 20.27 22.67 39.12
C GLU E 81 19.25 21.77 39.83
N GLU E 82 18.04 22.26 39.99
CA GLU E 82 17.00 21.49 40.67
C GLU E 82 16.65 20.25 39.84
N ALA E 83 16.57 20.45 38.52
CA ALA E 83 16.23 19.38 37.59
C ALA E 83 17.23 18.24 37.68
N VAL E 84 18.52 18.58 37.59
CA VAL E 84 19.54 17.55 37.67
C VAL E 84 19.39 16.80 38.99
N ASP E 85 19.09 17.51 40.08
CA ASP E 85 19.06 16.90 41.40
C ASP E 85 17.88 15.94 41.46
N VAL E 86 16.72 16.42 40.99
CA VAL E 86 15.49 15.68 41.05
C VAL E 86 15.56 14.45 40.12
N LEU E 87 16.25 14.60 38.98
CA LEU E 87 16.35 13.51 38.03
C LEU E 87 17.21 12.41 38.62
N LEU E 88 18.45 12.77 39.01
CA LEU E 88 19.40 11.83 39.58
C LEU E 88 18.84 11.16 40.84
N SER E 89 18.09 11.91 41.65
CA SER E 89 17.57 11.42 42.91
C SER E 89 16.48 10.37 42.74
N ARG E 90 15.91 10.26 41.53
CA ARG E 90 14.75 9.40 41.33
C ARG E 90 15.01 8.36 40.25
N TYR E 91 16.09 8.53 39.50
CA TYR E 91 16.45 7.61 38.43
C TYR E 91 17.88 7.11 38.72
N PRO E 92 18.06 6.07 39.55
CA PRO E 92 19.39 5.61 39.91
C PRO E 92 20.32 5.13 38.79
N ASP E 93 19.77 4.71 37.65
CA ASP E 93 20.61 4.09 36.63
C ASP E 93 21.15 5.09 35.61
N VAL E 94 20.61 6.32 35.61
CA VAL E 94 20.98 7.33 34.64
C VAL E 94 22.47 7.63 34.76
N LYS E 95 23.20 7.68 33.64
CA LYS E 95 24.60 8.03 33.66
C LYS E 95 24.92 9.18 32.71
N VAL E 96 24.01 9.51 31.79
CA VAL E 96 24.27 10.55 30.80
C VAL E 96 23.08 11.49 30.84
N VAL E 97 23.37 12.80 30.95
CA VAL E 97 22.34 13.81 31.09
C VAL E 97 22.78 15.01 30.26
N PRO E 98 22.41 15.02 28.96
CA PRO E 98 22.50 16.22 28.14
C PRO E 98 21.66 17.36 28.73
N ILE E 99 22.18 18.59 28.60
CA ILE E 99 21.44 19.78 28.96
C ILE E 99 21.22 20.56 27.67
N ILE E 100 19.96 20.55 27.22
CA ILE E 100 19.62 20.94 25.86
C ILE E 100 18.90 22.28 25.95
N THR E 101 19.44 23.31 25.29
CA THR E 101 18.87 24.64 25.41
C THR E 101 17.79 24.80 24.36
N THR E 102 16.94 25.81 24.61
CA THR E 102 15.80 26.15 23.79
C THR E 102 15.92 27.62 23.39
N CYS E 103 14.97 28.11 22.60
CA CYS E 103 14.95 29.53 22.27
C CYS E 103 14.99 30.39 23.54
N SER E 104 14.27 29.98 24.59
CA SER E 104 14.11 30.81 25.79
C SER E 104 15.44 30.96 26.52
N THR E 105 16.13 29.84 26.80
CA THR E 105 17.28 29.86 27.67
C THR E 105 18.50 30.38 26.91
N GLU E 106 18.43 30.35 25.57
CA GLU E 106 19.44 30.97 24.73
C GLU E 106 19.26 32.49 24.76
N ILE E 107 18.01 32.96 24.63
CA ILE E 107 17.75 34.38 24.60
C ILE E 107 18.10 34.97 25.97
N ILE E 108 17.58 34.40 27.06
CA ILE E 108 17.82 35.01 28.37
C ILE E 108 19.27 34.81 28.79
N GLY E 109 20.01 33.94 28.07
CA GLY E 109 21.46 33.90 28.16
C GLY E 109 21.99 33.10 29.33
N ASP E 110 21.28 32.03 29.74
CA ASP E 110 21.69 31.21 30.88
C ASP E 110 23.05 30.57 30.59
N ASP E 111 23.96 30.59 31.58
CA ASP E 111 25.32 30.07 31.38
C ASP E 111 25.34 28.58 31.69
N VAL E 112 25.16 27.75 30.64
CA VAL E 112 24.92 26.34 30.84
C VAL E 112 26.22 25.62 31.16
N ASP E 113 27.29 25.97 30.45
CA ASP E 113 28.60 25.41 30.71
C ASP E 113 28.99 25.74 32.15
N GLY E 114 28.61 26.96 32.57
CA GLY E 114 28.89 27.43 33.92
C GLY E 114 28.20 26.56 34.96
N VAL E 115 26.92 26.35 34.77
CA VAL E 115 26.13 25.68 35.78
C VAL E 115 26.45 24.18 35.78
N ILE E 116 27.04 23.65 34.71
CA ILE E 116 27.44 22.25 34.67
C ILE E 116 28.71 22.08 35.50
N LYS E 117 29.73 22.87 35.22
CA LYS E 117 30.94 22.92 36.01
C LYS E 117 30.61 23.02 37.51
N LYS E 118 29.67 23.90 37.88
CA LYS E 118 29.24 24.01 39.26
C LYS E 118 28.72 22.67 39.79
N LEU E 119 27.89 21.97 39.01
CA LEU E 119 27.25 20.75 39.49
C LEU E 119 28.28 19.63 39.59
N ASN E 120 29.29 19.63 38.70
CA ASN E 120 30.32 18.61 38.72
C ASN E 120 31.17 18.72 39.99
N GLU E 121 31.56 19.95 40.33
CA GLU E 121 32.36 20.23 41.51
C GLU E 121 31.48 20.14 42.76
N GLY E 122 30.23 20.60 42.65
CA GLY E 122 29.31 20.68 43.78
C GLY E 122 28.49 19.41 43.95
N LEU E 123 27.20 19.51 43.60
CA LEU E 123 26.18 18.49 43.84
C LEU E 123 26.69 17.06 43.59
N LEU E 124 27.38 16.85 42.47
CA LEU E 124 27.72 15.50 42.05
C LEU E 124 28.76 14.90 43.00
N LYS E 125 29.71 15.71 43.48
CA LYS E 125 30.71 15.27 44.44
C LYS E 125 30.09 15.06 45.82
N GLU E 126 29.22 15.99 46.27
CA GLU E 126 28.65 15.90 47.60
C GLU E 126 27.66 14.75 47.65
N LYS E 127 26.59 14.84 46.85
CA LYS E 127 25.42 14.00 47.03
C LYS E 127 25.55 12.67 46.27
N PHE E 128 26.34 12.65 45.19
CA PHE E 128 26.34 11.51 44.28
C PHE E 128 27.76 11.04 43.99
N PRO E 129 28.61 10.81 45.03
CA PRO E 129 30.04 10.59 44.80
C PRO E 129 30.36 9.19 44.26
N ASP E 130 29.45 8.23 44.47
CA ASP E 130 29.68 6.85 44.03
C ASP E 130 29.16 6.61 42.60
N ARG E 131 28.59 7.63 41.94
CA ARG E 131 27.90 7.47 40.66
C ARG E 131 28.69 8.08 39.51
N GLU E 132 28.66 7.40 38.37
CA GLU E 132 29.07 7.94 37.08
C GLU E 132 27.95 8.80 36.49
N VAL E 133 28.22 10.09 36.23
CA VAL E 133 27.23 11.00 35.69
C VAL E 133 27.90 12.01 34.76
N HIS E 134 27.55 11.95 33.47
CA HIS E 134 28.11 12.84 32.48
C HIS E 134 27.06 13.87 32.06
N LEU E 135 27.25 15.12 32.52
CA LEU E 135 26.42 16.24 32.12
C LEU E 135 27.01 16.83 30.84
N ILE E 136 26.17 17.08 29.82
CA ILE E 136 26.67 17.54 28.53
C ILE E 136 25.83 18.71 28.03
N ALA E 137 26.48 19.87 27.83
CA ALA E 137 25.83 21.04 27.24
C ALA E 137 25.50 20.78 25.78
N MET E 138 24.28 21.14 25.38
CA MET E 138 23.95 21.17 23.97
C MET E 138 23.27 22.52 23.70
N HIS E 139 24.02 23.40 23.02
CA HIS E 139 23.52 24.72 22.67
C HIS E 139 22.77 24.63 21.35
N THR E 140 21.42 24.63 21.45
CA THR E 140 20.55 24.33 20.32
C THR E 140 19.46 25.41 20.24
N PRO E 141 19.83 26.69 19.95
CA PRO E 141 18.82 27.74 19.76
C PRO E 141 17.88 27.37 18.60
N SER E 142 16.57 27.59 18.78
CA SER E 142 15.57 27.16 17.82
C SER E 142 15.49 28.10 16.61
N PHE E 143 16.14 29.27 16.70
CA PHE E 143 15.96 30.33 15.71
C PHE E 143 17.12 30.35 14.72
N VAL E 144 17.87 29.24 14.67
CA VAL E 144 18.78 28.92 13.59
C VAL E 144 18.57 27.46 13.22
N GLY E 145 18.90 27.09 11.98
CA GLY E 145 18.82 25.72 11.51
C GLY E 145 17.45 25.07 11.75
N SER E 146 17.51 23.80 12.18
CA SER E 146 16.34 22.95 12.33
C SER E 146 16.73 21.74 13.17
N MET E 147 15.78 20.82 13.37
CA MET E 147 16.09 19.58 14.08
C MET E 147 17.28 18.89 13.42
N ILE E 148 17.48 19.10 12.11
CA ILE E 148 18.53 18.39 11.38
C ILE E 148 19.88 18.88 11.87
N SER E 149 20.08 20.20 11.90
CA SER E 149 21.30 20.82 12.42
C SER E 149 21.46 20.55 13.92
N GLY E 150 20.34 20.48 14.66
CA GLY E 150 20.39 20.12 16.07
C GLY E 150 21.00 18.74 16.30
N TYR E 151 20.65 17.82 15.40
CA TYR E 151 21.17 16.47 15.44
C TYR E 151 22.68 16.49 15.24
N ASP E 152 23.13 17.21 14.19
CA ASP E 152 24.54 17.35 13.86
C ASP E 152 25.32 17.84 15.09
N VAL E 153 24.82 18.93 15.71
CA VAL E 153 25.40 19.55 16.89
C VAL E 153 25.51 18.55 18.04
N ALA E 154 24.39 17.90 18.38
CA ALA E 154 24.34 16.98 19.49
C ALA E 154 25.30 15.80 19.31
N VAL E 155 25.46 15.30 18.08
CA VAL E 155 26.34 14.16 17.88
C VAL E 155 27.77 14.61 18.17
N ARG E 156 28.09 15.83 17.73
CA ARG E 156 29.40 16.41 17.98
C ARG E 156 29.61 16.54 19.49
N ASP E 157 28.61 17.04 20.21
CA ASP E 157 28.75 17.36 21.62
C ASP E 157 28.96 16.10 22.45
N VAL E 158 28.39 14.98 22.02
CA VAL E 158 28.48 13.74 22.76
C VAL E 158 29.84 13.08 22.51
N VAL E 159 30.27 13.11 21.25
CA VAL E 159 31.58 12.60 20.90
C VAL E 159 32.66 13.49 21.54
N ARG E 160 32.47 14.81 21.47
CA ARG E 160 33.41 15.77 22.06
C ARG E 160 33.57 15.48 23.55
N HIS E 161 32.46 15.34 24.26
CA HIS E 161 32.47 14.94 25.67
C HIS E 161 33.32 13.70 25.93
N PHE E 162 33.10 12.62 25.20
CA PHE E 162 33.53 11.30 25.63
C PHE E 162 34.80 10.83 24.94
N ALA E 163 35.03 11.22 23.69
CA ALA E 163 36.05 10.59 22.85
C ALA E 163 37.46 10.84 23.39
N LYS E 164 38.20 9.74 23.62
CA LYS E 164 39.61 9.71 24.02
C LYS E 164 40.33 8.66 23.18
N ARG E 165 41.60 8.93 22.84
CA ARG E 165 42.38 8.02 22.01
C ARG E 165 43.46 7.30 22.82
N GLU E 166 43.02 6.56 23.86
CA GLU E 166 43.91 5.74 24.67
C GLU E 166 44.47 4.55 23.88
N ALA E 167 43.58 3.75 23.26
CA ALA E 167 43.97 2.46 22.74
C ALA E 167 43.56 2.33 21.28
N PRO E 168 44.27 2.98 20.34
CA PRO E 168 43.95 2.87 18.91
C PRO E 168 43.57 1.44 18.51
N ASN E 169 42.63 1.30 17.57
CA ASN E 169 42.16 0.00 17.11
C ASN E 169 41.71 0.13 15.65
N ASP E 170 41.10 -0.93 15.13
CA ASP E 170 40.81 -1.00 13.71
C ASP E 170 39.34 -0.77 13.42
N LYS E 171 38.54 -0.51 14.45
CA LYS E 171 37.12 -0.23 14.28
C LYS E 171 36.94 1.08 13.50
N ILE E 172 35.78 1.20 12.84
CA ILE E 172 35.36 2.48 12.31
C ILE E 172 34.29 3.06 13.21
N ASN E 173 34.10 4.38 13.12
CA ASN E 173 32.93 5.03 13.65
C ASN E 173 31.93 5.14 12.50
N LEU E 174 30.77 4.49 12.65
CA LEU E 174 29.69 4.61 11.68
C LEU E 174 28.63 5.52 12.29
N LEU E 175 28.58 6.75 11.81
CA LEU E 175 27.51 7.68 12.13
C LEU E 175 26.38 7.48 11.11
N THR E 176 25.36 6.71 11.52
CA THR E 176 24.30 6.24 10.61
C THR E 176 23.58 7.44 10.01
N GLY E 177 23.48 8.51 10.82
CA GLY E 177 22.54 9.57 10.59
C GLY E 177 21.24 9.23 11.31
N TRP E 178 20.26 10.12 11.16
CA TRP E 178 18.95 9.98 11.73
C TRP E 178 18.13 9.06 10.82
N VAL E 179 18.15 7.77 11.19
CA VAL E 179 17.60 6.70 10.36
C VAL E 179 16.74 5.81 11.24
N ASN E 180 16.11 4.80 10.60
CA ASN E 180 15.21 3.88 11.24
C ASN E 180 16.00 2.67 11.76
N PRO E 181 15.45 1.92 12.75
CA PRO E 181 15.99 0.62 13.12
C PRO E 181 16.31 -0.32 11.96
N GLY E 182 15.45 -0.35 10.93
CA GLY E 182 15.69 -1.18 9.77
C GLY E 182 16.94 -0.75 9.02
N ASP E 183 17.28 0.53 9.08
CA ASP E 183 18.53 1.02 8.49
C ASP E 183 19.74 0.56 9.31
N VAL E 184 19.62 0.60 10.65
CA VAL E 184 20.71 0.21 11.52
C VAL E 184 21.00 -1.27 11.26
N LYS E 185 19.92 -2.07 11.20
CA LYS E 185 20.04 -3.49 10.91
C LYS E 185 20.77 -3.73 9.58
N GLU E 186 20.38 -2.99 8.54
CA GLU E 186 20.93 -3.15 7.21
C GLU E 186 22.42 -2.79 7.21
N LEU E 187 22.74 -1.66 7.82
CA LEU E 187 24.12 -1.19 7.88
C LEU E 187 24.97 -2.19 8.65
N LYS E 188 24.44 -2.73 9.76
CA LYS E 188 25.17 -3.71 10.55
C LYS E 188 25.41 -4.99 9.76
N HIS E 189 24.44 -5.37 8.90
CA HIS E 189 24.58 -6.52 8.03
C HIS E 189 25.72 -6.29 7.01
N LEU E 190 25.76 -5.12 6.40
CA LEU E 190 26.81 -4.80 5.46
C LEU E 190 28.19 -4.85 6.15
N LEU E 191 28.31 -4.19 7.31
CA LEU E 191 29.56 -4.25 8.07
C LEU E 191 29.96 -5.67 8.40
N GLY E 192 29.03 -6.49 8.89
CA GLY E 192 29.31 -7.90 9.18
C GLY E 192 29.88 -8.65 7.97
N GLU E 193 29.34 -8.40 6.78
CA GLU E 193 29.76 -9.13 5.60
C GLU E 193 31.15 -8.67 5.15
N MET E 194 31.45 -7.39 5.40
CA MET E 194 32.77 -6.84 5.12
C MET E 194 33.77 -7.27 6.21
N ASP E 195 33.25 -7.80 7.34
CA ASP E 195 34.05 -8.14 8.50
C ASP E 195 34.74 -6.87 9.00
N ILE E 196 33.95 -5.82 9.28
CA ILE E 196 34.43 -4.55 9.79
C ILE E 196 33.66 -4.25 11.06
N GLU E 197 34.37 -4.09 12.19
CA GLU E 197 33.76 -3.73 13.46
C GLU E 197 33.62 -2.23 13.51
N ALA E 198 32.63 -1.76 14.25
CA ALA E 198 32.33 -0.35 14.23
C ALA E 198 31.73 0.07 15.56
N ASN E 199 31.94 1.35 15.88
CA ASN E 199 31.08 2.03 16.84
C ASN E 199 29.91 2.63 16.07
N VAL E 200 28.71 2.11 16.33
CA VAL E 200 27.54 2.48 15.55
C VAL E 200 26.75 3.51 16.34
N LEU E 201 26.81 4.75 15.85
CA LEU E 201 26.06 5.84 16.43
C LEU E 201 24.85 6.16 15.55
N PHE E 202 23.66 5.66 15.92
CA PHE E 202 23.32 5.07 17.21
C PHE E 202 22.64 3.71 17.06
N GLU E 203 22.73 2.92 18.16
CA GLU E 203 22.18 1.57 18.21
C GLU E 203 20.75 1.65 18.70
N ILE E 204 19.84 1.95 17.78
CA ILE E 204 18.46 2.22 18.17
C ILE E 204 17.53 1.06 17.80
N GLU E 205 18.10 -0.11 17.48
CA GLU E 205 17.26 -1.24 17.15
C GLU E 205 16.34 -1.58 18.32
N SER E 206 16.76 -1.28 19.54
CA SER E 206 16.01 -1.64 20.73
C SER E 206 14.88 -0.65 21.02
N PHE E 207 14.69 0.35 20.14
CA PHE E 207 13.48 1.15 20.14
C PHE E 207 12.22 0.30 19.88
N ASP E 208 12.37 -0.77 19.09
CA ASP E 208 11.31 -1.72 18.80
C ASP E 208 11.21 -2.69 19.98
N SER E 209 10.47 -2.30 21.03
CA SER E 209 10.57 -2.97 22.32
C SER E 209 9.42 -3.96 22.43
N PRO E 210 9.56 -5.09 23.16
CA PRO E 210 8.45 -6.03 23.31
C PRO E 210 7.47 -5.71 24.44
N ILE E 211 6.31 -6.32 24.35
CA ILE E 211 5.48 -6.53 25.53
C ILE E 211 5.81 -7.93 26.03
N LEU E 212 6.56 -8.02 27.13
CA LEU E 212 6.93 -9.31 27.70
C LEU E 212 5.82 -9.70 28.67
N PRO E 213 5.68 -11.01 29.01
CA PRO E 213 4.66 -11.46 29.97
C PRO E 213 4.80 -10.85 31.37
N ASP E 214 6.05 -10.47 31.73
CA ASP E 214 6.38 -9.86 33.01
C ASP E 214 6.53 -8.34 32.88
N GLY E 215 5.98 -7.76 31.81
CA GLY E 215 5.92 -6.31 31.64
C GLY E 215 7.23 -5.59 31.93
N SER E 216 8.38 -6.19 31.54
CA SER E 216 9.68 -5.73 32.01
C SER E 216 10.46 -4.92 30.98
N ALA E 217 9.97 -4.82 29.74
CA ALA E 217 10.77 -4.18 28.69
C ALA E 217 10.36 -2.72 28.51
N VAL E 218 11.26 -1.97 27.88
CA VAL E 218 11.10 -0.57 27.62
C VAL E 218 11.88 -0.24 26.34
N SER E 219 11.42 0.76 25.55
CA SER E 219 12.23 1.23 24.43
C SER E 219 13.43 2.02 24.94
N HIS E 220 14.61 1.80 24.34
CA HIS E 220 15.81 2.48 24.80
C HIS E 220 16.86 2.36 23.70
N GLY E 221 17.88 3.22 23.75
CA GLY E 221 19.04 3.09 22.88
C GLY E 221 20.11 2.23 23.54
N ASN E 222 21.04 1.70 22.74
CA ASN E 222 22.09 0.82 23.21
C ASN E 222 23.48 1.32 22.83
N THR E 223 23.59 2.59 22.39
CA THR E 223 24.90 3.21 22.30
C THR E 223 25.36 3.52 23.74
N THR E 224 26.52 2.99 24.13
CA THR E 224 27.01 3.05 25.50
C THR E 224 28.15 4.06 25.64
N ILE E 225 28.41 4.43 26.91
CA ILE E 225 29.53 5.28 27.24
C ILE E 225 30.81 4.69 26.63
N GLU E 226 31.00 3.37 26.76
CA GLU E 226 32.22 2.75 26.27
C GLU E 226 32.36 3.01 24.77
N ASP E 227 31.25 2.85 24.01
CA ASP E 227 31.27 3.00 22.57
C ASP E 227 31.64 4.43 22.20
N LEU E 228 31.05 5.39 22.90
CA LEU E 228 31.28 6.82 22.68
C LEU E 228 32.73 7.22 22.96
N ILE E 229 33.31 6.70 24.07
CA ILE E 229 34.71 6.92 24.38
C ILE E 229 35.56 6.30 23.27
N ASP E 230 35.19 5.10 22.83
CA ASP E 230 35.96 4.36 21.85
C ASP E 230 35.98 5.05 20.48
N THR E 231 35.13 6.07 20.27
CA THR E 231 35.13 6.79 19.01
C THR E 231 36.49 7.45 18.75
N GLY E 232 37.24 7.76 19.83
CA GLY E 232 38.56 8.35 19.67
C GLY E 232 39.60 7.38 19.10
N ASN E 233 39.35 6.07 19.18
CA ASN E 233 40.35 5.05 18.85
C ASN E 233 40.20 4.49 17.43
N ALA E 234 39.21 4.98 16.67
CA ALA E 234 38.85 4.38 15.39
C ALA E 234 39.87 4.81 14.33
N ARG E 235 39.91 4.04 13.23
CA ARG E 235 40.82 4.35 12.13
C ARG E 235 40.11 5.21 11.08
N ALA E 236 38.78 5.37 11.19
CA ALA E 236 38.07 6.34 10.36
C ALA E 236 36.66 6.55 10.89
N THR E 237 36.10 7.70 10.50
CA THR E 237 34.72 8.03 10.79
C THR E 237 33.96 8.15 9.48
N PHE E 238 32.96 7.25 9.35
CA PHE E 238 32.03 7.25 8.23
C PHE E 238 30.77 7.97 8.68
N ALA E 239 30.62 9.20 8.19
CA ALA E 239 29.44 9.98 8.43
C ALA E 239 28.60 9.94 7.16
N LEU E 240 27.54 9.11 7.19
CA LEU E 240 26.78 8.76 6.00
C LEU E 240 26.02 9.98 5.51
N ASN E 241 25.48 10.70 6.51
CA ASN E 241 24.63 11.87 6.32
C ASN E 241 25.39 13.14 6.70
N ARG E 242 25.79 13.89 5.66
CA ARG E 242 26.58 15.11 5.72
C ARG E 242 25.93 16.15 6.64
N TYR E 243 24.60 16.22 6.66
CA TYR E 243 23.93 17.26 7.41
C TYR E 243 23.63 16.83 8.84
N GLU E 244 24.04 15.62 9.21
CA GLU E 244 23.72 15.04 10.51
C GLU E 244 24.97 14.50 11.22
N GLY E 245 26.10 14.37 10.53
CA GLY E 245 27.31 13.87 11.16
C GLY E 245 28.59 14.56 10.70
N THR E 246 28.49 15.66 9.95
CA THR E 246 29.71 16.35 9.54
C THR E 246 30.47 16.90 10.76
N LYS E 247 29.76 17.53 11.70
CA LYS E 247 30.42 18.21 12.81
C LYS E 247 31.18 17.21 13.67
N ALA E 248 30.56 16.06 13.98
CA ALA E 248 31.22 15.08 14.84
C ALA E 248 32.39 14.42 14.11
N ALA E 249 32.21 14.16 12.81
CA ALA E 249 33.26 13.53 12.00
C ALA E 249 34.48 14.44 11.90
N GLU E 250 34.25 15.74 11.66
CA GLU E 250 35.33 16.69 11.51
C GLU E 250 35.98 17.01 12.85
N TYR E 251 35.21 16.90 13.93
CA TYR E 251 35.73 17.14 15.26
C TYR E 251 36.78 16.08 15.55
N LEU E 252 36.46 14.81 15.25
CA LEU E 252 37.39 13.72 15.51
C LEU E 252 38.59 13.85 14.56
N GLN E 253 38.36 14.33 13.34
CA GLN E 253 39.45 14.55 12.41
C GLN E 253 40.40 15.61 12.98
N LYS E 254 39.85 16.76 13.39
CA LYS E 254 40.62 17.91 13.85
C LYS E 254 41.30 17.61 15.19
N LYS E 255 40.67 16.81 16.05
CA LYS E 255 41.16 16.56 17.40
C LYS E 255 42.10 15.35 17.48
N PHE E 256 41.80 14.29 16.71
CA PHE E 256 42.57 13.05 16.81
C PHE E 256 43.10 12.58 15.47
N GLU E 257 42.84 13.34 14.39
CA GLU E 257 43.30 13.01 13.04
C GLU E 257 42.66 11.74 12.50
N ILE E 258 41.45 11.43 12.97
CA ILE E 258 40.72 10.29 12.44
C ILE E 258 40.10 10.74 11.12
N PRO E 259 40.50 10.17 9.95
CA PRO E 259 39.93 10.59 8.67
C PRO E 259 38.40 10.46 8.64
N ALA E 260 37.75 11.50 8.09
CA ALA E 260 36.30 11.58 7.98
C ALA E 260 35.91 11.31 6.52
N ILE E 261 35.14 10.23 6.33
CA ILE E 261 34.49 10.00 5.04
C ILE E 261 33.02 10.42 5.21
N ILE E 262 32.69 11.57 4.60
CA ILE E 262 31.39 12.20 4.72
C ILE E 262 30.55 11.84 3.49
N GLY E 263 29.56 10.98 3.65
CA GLY E 263 28.66 10.68 2.54
C GLY E 263 29.34 9.80 1.51
N PRO E 264 28.66 9.45 0.38
CA PRO E 264 27.28 9.87 0.15
C PRO E 264 26.36 8.97 0.98
N THR E 265 25.17 9.48 1.29
CA THR E 265 24.11 8.71 1.89
C THR E 265 23.88 7.45 1.04
N PRO E 266 24.02 6.23 1.59
CA PRO E 266 23.92 5.02 0.79
C PRO E 266 22.47 4.66 0.43
N ILE E 267 21.85 5.52 -0.37
CA ILE E 267 20.51 5.25 -0.87
C ILE E 267 20.61 4.89 -2.34
N GLY E 268 20.11 3.71 -2.66
CA GLY E 268 20.13 3.20 -4.02
C GLY E 268 21.29 2.23 -4.21
N ILE E 269 21.34 1.60 -5.38
CA ILE E 269 22.41 0.65 -5.66
C ILE E 269 23.74 1.39 -5.69
N ARG E 270 23.79 2.51 -6.42
CA ARG E 270 25.05 3.11 -6.81
C ARG E 270 25.72 3.71 -5.57
N ASN E 271 24.93 4.41 -4.75
CA ASN E 271 25.43 4.98 -3.50
C ASN E 271 25.84 3.90 -2.50
N THR E 272 25.15 2.74 -2.50
CA THR E 272 25.59 1.64 -1.64
C THR E 272 26.94 1.11 -2.15
N ASP E 273 27.13 1.06 -3.47
CA ASP E 273 28.38 0.63 -4.06
C ASP E 273 29.56 1.51 -3.58
N ILE E 274 29.32 2.83 -3.56
CA ILE E 274 30.32 3.81 -3.15
C ILE E 274 30.67 3.62 -1.68
N PHE E 275 29.68 3.35 -0.82
CA PHE E 275 29.91 3.04 0.58
C PHE E 275 30.88 1.86 0.73
N LEU E 276 30.60 0.78 0.02
CA LEU E 276 31.38 -0.44 0.17
C LEU E 276 32.81 -0.23 -0.34
N GLN E 277 32.93 0.50 -1.46
CA GLN E 277 34.20 0.91 -2.01
C GLN E 277 34.99 1.72 -0.98
N ASN E 278 34.31 2.65 -0.31
CA ASN E 278 34.95 3.55 0.66
C ASN E 278 35.38 2.77 1.91
N LEU E 279 34.61 1.75 2.32
CA LEU E 279 34.99 0.86 3.41
C LEU E 279 36.24 0.07 3.06
N LYS E 280 36.28 -0.49 1.83
CA LYS E 280 37.46 -1.20 1.38
C LYS E 280 38.69 -0.28 1.49
N LYS E 281 38.62 0.89 0.82
CA LYS E 281 39.67 1.90 0.83
C LYS E 281 40.13 2.21 2.25
N ALA E 282 39.19 2.37 3.18
CA ALA E 282 39.51 2.84 4.52
C ALA E 282 40.15 1.74 5.35
N THR E 283 39.74 0.48 5.12
CA THR E 283 40.08 -0.61 6.01
C THR E 283 40.99 -1.65 5.35
N GLY E 284 41.04 -1.66 4.00
CA GLY E 284 41.78 -2.68 3.27
C GLY E 284 41.04 -4.01 3.07
N LYS E 285 39.83 -4.14 3.63
CA LYS E 285 39.07 -5.39 3.56
C LYS E 285 38.43 -5.53 2.16
N PRO E 286 38.44 -6.73 1.55
CA PRO E 286 37.81 -6.92 0.25
C PRO E 286 36.27 -6.97 0.34
N ILE E 287 35.60 -6.56 -0.75
CA ILE E 287 34.17 -6.71 -0.90
C ILE E 287 33.87 -8.18 -1.26
N PRO E 288 33.13 -8.94 -0.42
CA PRO E 288 32.93 -10.36 -0.67
C PRO E 288 31.84 -10.65 -1.71
N GLN E 289 31.98 -11.82 -2.34
CA GLN E 289 31.02 -12.34 -3.30
C GLN E 289 29.59 -12.24 -2.76
N SER E 290 29.42 -12.55 -1.48
CA SER E 290 28.10 -12.59 -0.85
C SER E 290 27.34 -11.27 -1.03
N LEU E 291 28.05 -10.15 -1.10
CA LEU E 291 27.38 -8.86 -1.21
C LEU E 291 27.08 -8.55 -2.67
N ALA E 292 27.91 -9.07 -3.59
CA ALA E 292 27.64 -8.98 -5.02
C ALA E 292 26.38 -9.78 -5.39
N HIS E 293 26.14 -10.89 -4.67
CA HIS E 293 24.96 -11.71 -4.82
C HIS E 293 23.73 -10.96 -4.36
N GLU E 294 23.80 -10.36 -3.18
CA GLU E 294 22.67 -9.65 -2.60
C GLU E 294 22.36 -8.42 -3.41
N ARG E 295 23.42 -7.78 -3.91
CA ARG E 295 23.27 -6.65 -4.82
C ARG E 295 22.49 -7.06 -6.07
N GLY E 296 22.81 -8.24 -6.62
CA GLY E 296 22.21 -8.70 -7.86
C GLY E 296 20.75 -9.13 -7.67
N VAL E 297 20.44 -9.62 -6.48
CA VAL E 297 19.10 -9.94 -6.06
C VAL E 297 18.28 -8.64 -6.00
N ALA E 298 18.92 -7.57 -5.53
CA ALA E 298 18.29 -6.25 -5.48
C ALA E 298 18.06 -5.68 -6.87
N ILE E 299 19.07 -5.81 -7.73
CA ILE E 299 18.99 -5.35 -9.10
C ILE E 299 17.88 -6.10 -9.84
N ASP E 300 17.72 -7.39 -9.54
CA ASP E 300 16.68 -8.18 -10.18
C ASP E 300 15.33 -7.56 -9.90
N ALA E 301 15.06 -7.26 -8.63
CA ALA E 301 13.81 -6.65 -8.22
C ALA E 301 13.57 -5.36 -9.00
N LEU E 302 14.64 -4.57 -9.20
CA LEU E 302 14.57 -3.26 -9.85
C LEU E 302 14.29 -3.40 -11.35
N ALA E 303 14.84 -4.47 -11.93
CA ALA E 303 14.73 -4.75 -13.37
C ALA E 303 13.29 -5.01 -13.77
N ASP E 304 12.53 -5.68 -12.89
CA ASP E 304 11.12 -5.98 -13.09
C ASP E 304 10.26 -4.71 -13.15
N LEU E 305 10.76 -3.56 -12.68
CA LEU E 305 9.96 -2.37 -12.42
C LEU E 305 10.38 -1.17 -13.28
N THR E 306 11.67 -1.06 -13.60
CA THR E 306 12.22 0.21 -14.04
C THR E 306 11.64 0.71 -15.38
N HIS E 307 11.82 -0.03 -16.49
CA HIS E 307 11.40 0.51 -17.78
C HIS E 307 9.91 0.30 -18.00
N MET E 308 9.28 -0.63 -17.24
CA MET E 308 7.85 -0.85 -17.34
C MET E 308 7.06 0.24 -16.61
N PHE E 309 7.41 0.53 -15.35
CA PHE E 309 6.58 1.38 -14.48
C PHE E 309 7.26 2.65 -13.97
N LEU E 310 8.56 2.68 -13.70
CA LEU E 310 9.12 3.82 -12.97
C LEU E 310 9.59 4.90 -13.94
N ALA E 311 10.02 4.49 -15.13
CA ALA E 311 10.55 5.43 -16.12
C ALA E 311 9.61 6.60 -16.33
N GLU E 312 10.18 7.79 -16.20
CA GLU E 312 9.58 9.08 -16.49
C GLU E 312 8.50 9.48 -15.51
N LYS E 313 8.33 8.76 -14.40
CA LYS E 313 7.44 9.22 -13.34
C LYS E 313 7.95 10.54 -12.76
N ARG E 314 7.01 11.48 -12.54
CA ARG E 314 7.31 12.81 -12.04
C ARG E 314 7.14 12.81 -10.52
N VAL E 315 8.25 13.10 -9.83
CA VAL E 315 8.37 12.90 -8.39
C VAL E 315 8.74 14.21 -7.70
N ALA E 316 8.05 14.48 -6.58
CA ALA E 316 8.45 15.45 -5.59
C ALA E 316 8.95 14.73 -4.34
N ILE E 317 9.99 15.29 -3.71
CA ILE E 317 10.64 14.69 -2.55
C ILE E 317 10.93 15.78 -1.51
N TYR E 318 10.69 15.46 -0.24
CA TYR E 318 10.96 16.35 0.89
C TYR E 318 11.42 15.50 2.08
N GLY E 319 11.87 16.20 3.16
CA GLY E 319 12.36 15.56 4.37
C GLY E 319 13.83 15.90 4.57
N ALA E 320 14.51 15.06 5.37
CA ALA E 320 15.87 15.35 5.77
C ALA E 320 16.67 15.52 4.50
N PRO E 321 17.56 16.54 4.40
CA PRO E 321 18.24 16.84 3.14
C PRO E 321 19.03 15.66 2.56
N ASP E 322 19.61 14.83 3.42
CA ASP E 322 20.40 13.70 2.95
C ASP E 322 19.52 12.64 2.27
N LEU E 323 18.35 12.40 2.88
CA LEU E 323 17.32 11.56 2.33
C LEU E 323 16.83 12.13 0.99
N VAL E 324 16.44 13.41 1.00
CA VAL E 324 15.93 14.03 -0.22
C VAL E 324 16.92 13.81 -1.37
N ILE E 325 18.18 14.15 -1.15
CA ILE E 325 19.18 14.08 -2.20
C ILE E 325 19.44 12.63 -2.62
N GLY E 326 19.61 11.75 -1.63
CA GLY E 326 19.86 10.34 -1.88
C GLY E 326 18.76 9.73 -2.75
N LEU E 327 17.51 10.06 -2.40
CA LEU E 327 16.34 9.57 -3.12
C LEU E 327 16.33 10.08 -4.54
N ALA E 328 16.56 11.39 -4.72
CA ALA E 328 16.62 12.00 -6.04
C ALA E 328 17.60 11.23 -6.90
N GLU E 329 18.79 10.95 -6.36
CA GLU E 329 19.82 10.23 -7.09
C GLU E 329 19.32 8.85 -7.53
N PHE E 330 18.79 8.06 -6.57
CA PHE E 330 18.31 6.71 -6.86
C PHE E 330 17.18 6.78 -7.90
N CYS E 331 16.28 7.75 -7.75
CA CYS E 331 15.20 7.92 -8.72
C CYS E 331 15.72 8.08 -10.15
N LEU E 332 16.84 8.80 -10.33
CA LEU E 332 17.38 9.01 -11.67
C LEU E 332 17.93 7.72 -12.24
N ASP E 333 18.52 6.88 -11.40
CA ASP E 333 18.99 5.57 -11.80
C ASP E 333 17.79 4.67 -12.13
N LEU E 334 16.61 4.97 -11.58
CA LEU E 334 15.40 4.21 -11.83
C LEU E 334 14.62 4.82 -13.00
N GLU E 335 15.25 5.75 -13.73
CA GLU E 335 14.72 6.35 -14.95
C GLU E 335 13.59 7.34 -14.65
N MET E 336 13.45 7.71 -13.38
CA MET E 336 12.34 8.54 -12.97
C MET E 336 12.73 9.99 -13.15
N LYS E 337 11.78 10.92 -13.01
CA LYS E 337 12.09 12.33 -13.10
C LYS E 337 11.68 13.04 -11.81
N PRO E 338 12.57 13.09 -10.80
CA PRO E 338 12.30 13.96 -9.65
C PRO E 338 12.27 15.41 -10.12
N VAL E 339 11.11 16.09 -10.01
CA VAL E 339 11.00 17.42 -10.58
C VAL E 339 11.03 18.52 -9.51
N LEU E 340 10.69 18.21 -8.24
CA LEU E 340 10.74 19.18 -7.15
C LEU E 340 11.32 18.51 -5.91
N LEU E 341 12.44 19.08 -5.42
CA LEU E 341 13.03 18.71 -4.15
C LEU E 341 12.90 19.90 -3.20
N LEU E 342 12.33 19.64 -2.02
CA LEU E 342 12.24 20.60 -0.94
C LEU E 342 13.29 20.28 0.13
N LEU E 343 14.05 21.33 0.49
CA LEU E 343 15.05 21.32 1.54
C LEU E 343 14.60 22.34 2.57
N GLY E 344 13.99 21.86 3.65
CA GLY E 344 13.11 22.67 4.50
C GLY E 344 13.80 23.38 5.67
N ASP E 345 15.03 23.91 5.48
CA ASP E 345 15.63 24.79 6.46
C ASP E 345 16.65 25.75 5.80
N ASP E 346 17.33 26.54 6.64
CA ASP E 346 18.13 27.69 6.22
C ASP E 346 19.58 27.31 5.94
N ASN E 347 19.92 26.02 5.81
CA ASN E 347 21.32 25.66 5.66
C ASN E 347 21.83 26.32 4.39
N SER E 348 22.91 27.12 4.56
CA SER E 348 23.55 27.82 3.46
C SER E 348 24.52 26.92 2.68
N LYS E 349 24.67 25.63 3.08
CA LYS E 349 25.72 24.78 2.54
C LYS E 349 25.18 23.82 1.47
N TYR E 350 23.86 23.86 1.22
CA TYR E 350 23.27 22.97 0.22
C TYR E 350 23.85 23.28 -1.16
N VAL E 351 24.00 24.57 -1.48
CA VAL E 351 24.49 24.98 -2.79
C VAL E 351 25.91 24.47 -3.00
N ASP E 352 26.63 24.14 -1.92
CA ASP E 352 27.99 23.63 -2.01
C ASP E 352 28.04 22.11 -2.03
N ASP E 353 26.88 21.42 -1.89
CA ASP E 353 26.86 19.96 -1.83
C ASP E 353 27.31 19.39 -3.17
N PRO E 354 28.34 18.52 -3.26
CA PRO E 354 28.77 17.99 -4.55
C PRO E 354 27.66 17.24 -5.31
N ARG E 355 26.79 16.55 -4.55
CA ARG E 355 25.68 15.80 -5.15
C ARG E 355 24.71 16.75 -5.84
N ILE E 356 24.56 17.96 -5.31
CA ILE E 356 23.67 18.95 -5.91
C ILE E 356 24.34 19.60 -7.12
N LYS E 357 25.67 19.81 -7.06
CA LYS E 357 26.42 20.23 -8.23
C LYS E 357 26.24 19.25 -9.39
N ALA E 358 26.34 17.94 -9.08
CA ALA E 358 26.17 16.90 -10.09
C ALA E 358 24.77 16.95 -10.71
N LEU E 359 23.75 17.22 -9.88
CA LEU E 359 22.39 17.34 -10.41
C LEU E 359 22.33 18.54 -11.34
N GLN E 360 22.97 19.65 -10.95
CA GLN E 360 22.98 20.82 -11.82
C GLN E 360 23.76 20.52 -13.11
N GLU E 361 24.87 19.78 -13.04
CA GLU E 361 25.62 19.49 -14.27
C GLU E 361 24.82 18.59 -15.20
N ASN E 362 23.98 17.69 -14.66
CA ASN E 362 23.61 16.48 -15.38
C ASN E 362 22.12 16.40 -15.70
N VAL E 363 21.26 17.07 -14.93
CA VAL E 363 19.83 16.96 -15.17
C VAL E 363 19.45 17.85 -16.36
N ASP E 364 18.60 17.29 -17.22
CA ASP E 364 18.37 17.84 -18.54
C ASP E 364 16.89 18.07 -18.79
N TYR E 365 16.07 18.08 -17.74
CA TYR E 365 14.65 18.41 -17.84
C TYR E 365 14.36 19.47 -16.78
N GLY E 366 13.14 19.97 -16.74
CA GLY E 366 12.80 20.98 -15.75
C GLY E 366 12.75 20.41 -14.33
N MET E 367 13.70 20.83 -13.48
CA MET E 367 13.73 20.47 -12.07
C MET E 367 13.99 21.70 -11.21
N GLU E 368 13.34 21.73 -10.04
CA GLU E 368 13.55 22.75 -9.03
C GLU E 368 14.01 22.12 -7.71
N ILE E 369 15.04 22.72 -7.10
CA ILE E 369 15.43 22.43 -5.74
C ILE E 369 15.23 23.70 -4.93
N VAL E 370 14.28 23.67 -3.98
CA VAL E 370 13.91 24.85 -3.19
C VAL E 370 14.49 24.72 -1.80
N THR E 371 15.32 25.70 -1.44
CA THR E 371 15.93 25.82 -0.13
C THR E 371 15.07 26.72 0.76
N ASN E 372 15.23 26.55 2.07
CA ASN E 372 14.37 27.17 3.08
C ASN E 372 12.90 26.87 2.81
N ALA E 373 12.60 25.66 2.33
CA ALA E 373 11.25 25.36 1.85
C ALA E 373 10.29 25.04 3.00
N ASP E 374 9.01 25.18 2.68
CA ASP E 374 7.91 24.66 3.47
C ASP E 374 6.97 23.92 2.52
N PHE E 375 5.90 23.32 3.08
CA PHE E 375 5.01 22.49 2.27
C PHE E 375 4.19 23.32 1.30
N TRP E 376 3.99 24.62 1.59
CA TRP E 376 3.27 25.47 0.66
C TRP E 376 4.05 25.63 -0.65
N GLU E 377 5.39 25.52 -0.61
CA GLU E 377 6.18 25.52 -1.83
C GLU E 377 5.79 24.39 -2.80
N LEU E 378 5.35 23.24 -2.26
CA LEU E 378 4.84 22.15 -3.08
C LEU E 378 3.35 22.36 -3.39
N GLU E 379 2.55 22.75 -2.40
CA GLU E 379 1.11 22.81 -2.63
C GLU E 379 0.74 23.97 -3.57
N ASN E 380 1.39 25.11 -3.40
CA ASN E 380 1.14 26.27 -4.23
C ASN E 380 1.44 25.95 -5.70
N ARG E 381 2.51 25.18 -5.92
CA ARG E 381 2.91 24.80 -7.27
C ARG E 381 1.88 23.88 -7.90
N ILE E 382 1.34 22.92 -7.13
CA ILE E 382 0.30 22.03 -7.64
C ILE E 382 -0.95 22.84 -7.93
N LYS E 383 -1.38 23.65 -6.97
CA LYS E 383 -2.69 24.29 -7.00
C LYS E 383 -2.73 25.45 -8.00
N ASN E 384 -1.64 26.19 -8.16
CA ASN E 384 -1.68 27.48 -8.83
C ASN E 384 -0.67 27.58 -9.97
N GLU E 385 0.26 26.63 -10.11
CA GLU E 385 1.28 26.74 -11.13
C GLU E 385 1.37 25.47 -11.96
N GLY E 386 0.36 24.61 -11.88
CA GLY E 386 0.17 23.51 -12.82
C GLY E 386 1.21 22.40 -12.73
N LEU E 387 1.91 22.28 -11.59
CA LEU E 387 2.89 21.21 -11.43
C LEU E 387 2.15 19.87 -11.48
N GLU E 388 2.61 18.96 -12.35
CA GLU E 388 2.03 17.65 -12.51
C GLU E 388 2.95 16.61 -11.89
N LEU E 389 2.44 15.75 -11.00
CA LEU E 389 3.29 14.78 -10.33
C LEU E 389 2.62 13.43 -10.35
N ASP E 390 3.43 12.36 -10.45
CA ASP E 390 2.91 11.01 -10.40
C ASP E 390 3.06 10.41 -9.00
N LEU E 391 4.00 10.95 -8.20
CA LEU E 391 4.35 10.36 -6.92
C LEU E 391 5.00 11.41 -6.02
N ILE E 392 4.68 11.36 -4.72
CA ILE E 392 5.44 12.07 -3.71
C ILE E 392 6.21 11.07 -2.83
N LEU E 393 7.41 11.49 -2.38
CA LEU E 393 8.16 10.76 -1.38
C LEU E 393 8.46 11.69 -0.21
N GLY E 394 7.96 11.35 0.98
CA GLY E 394 8.21 12.16 2.15
C GLY E 394 7.47 11.66 3.37
N HIS E 395 7.66 12.37 4.48
CA HIS E 395 7.13 11.97 5.78
C HIS E 395 5.66 12.38 5.88
N SER E 396 5.00 11.96 6.96
CA SER E 396 3.55 11.99 7.07
C SER E 396 2.99 13.40 7.17
N LYS E 397 3.80 14.42 7.54
CA LYS E 397 3.25 15.75 7.75
C LYS E 397 2.78 16.35 6.42
N GLY E 398 3.31 15.87 5.30
CA GLY E 398 2.88 16.31 3.97
C GLY E 398 1.60 15.62 3.46
N ARG E 399 0.97 14.79 4.31
CA ARG E 399 0.00 13.83 3.83
C ARG E 399 -1.22 14.50 3.19
N PHE E 400 -1.68 15.66 3.70
CA PHE E 400 -2.93 16.23 3.18
C PHE E 400 -2.76 16.69 1.73
N ILE E 401 -1.55 16.97 1.28
CA ILE E 401 -1.30 17.28 -0.12
C ILE E 401 -1.59 16.07 -1.01
N SER E 402 -1.03 14.91 -0.63
CA SER E 402 -1.32 13.64 -1.26
C SER E 402 -2.83 13.38 -1.29
N ILE E 403 -3.48 13.48 -0.12
CA ILE E 403 -4.88 13.08 0.04
C ILE E 403 -5.80 13.96 -0.78
N ASP E 404 -5.56 15.29 -0.72
CA ASP E 404 -6.50 16.25 -1.24
C ASP E 404 -6.22 16.58 -2.71
N TYR E 405 -4.98 16.40 -3.21
CA TYR E 405 -4.72 16.60 -4.64
C TYR E 405 -4.48 15.29 -5.38
N ASN E 406 -4.82 14.13 -4.80
CA ASN E 406 -4.87 12.88 -5.54
C ASN E 406 -3.52 12.59 -6.21
N ILE E 407 -2.46 12.75 -5.44
CA ILE E 407 -1.16 12.29 -5.85
C ILE E 407 -0.73 11.26 -4.83
N PRO E 408 -0.39 10.02 -5.22
CA PRO E 408 -0.07 8.98 -4.25
C PRO E 408 1.27 9.29 -3.62
N MET E 409 1.52 8.75 -2.42
CA MET E 409 2.72 9.09 -1.67
C MET E 409 3.29 7.88 -0.92
N LEU E 410 4.61 7.66 -1.08
CA LEU E 410 5.37 6.71 -0.28
C LEU E 410 5.92 7.43 0.94
N ARG E 411 5.68 6.86 2.13
CA ARG E 411 6.16 7.41 3.38
C ARG E 411 7.61 6.99 3.61
N VAL E 412 8.46 8.02 3.65
CA VAL E 412 9.88 7.92 3.92
C VAL E 412 10.26 9.05 4.87
N GLY E 413 11.37 8.85 5.58
CA GLY E 413 11.89 9.86 6.48
C GLY E 413 11.18 9.81 7.82
N PHE E 414 11.07 10.99 8.44
CA PHE E 414 10.67 11.11 9.83
C PHE E 414 9.84 12.36 10.03
N PRO E 415 8.68 12.31 10.71
CA PRO E 415 8.08 11.07 11.21
C PRO E 415 7.11 10.43 10.21
N THR E 416 7.00 9.09 10.28
CA THR E 416 6.03 8.37 9.49
C THR E 416 5.00 7.75 10.42
N TYR E 417 3.95 8.54 10.76
CA TYR E 417 2.94 8.17 11.75
C TYR E 417 1.61 7.71 11.15
N ASP E 418 1.39 7.94 9.84
CA ASP E 418 0.10 7.60 9.25
C ASP E 418 0.14 6.27 8.49
N ARG E 419 1.20 5.48 8.74
CA ARG E 419 1.33 4.10 8.32
C ARG E 419 1.96 3.29 9.46
N ALA E 420 1.81 1.95 9.41
CA ALA E 420 2.23 1.06 10.50
C ALA E 420 3.54 0.38 10.13
N GLY E 421 4.50 0.36 11.05
CA GLY E 421 5.64 -0.56 10.96
C GLY E 421 6.78 -0.07 10.08
N LEU E 422 6.71 1.13 9.51
CA LEU E 422 7.68 1.50 8.48
C LEU E 422 9.11 1.55 9.06
N PHE E 423 9.26 1.82 10.36
CA PHE E 423 10.56 1.96 10.99
C PHE E 423 11.32 0.64 10.94
N ARG E 424 10.64 -0.49 10.73
CA ARG E 424 11.35 -1.77 10.73
C ARG E 424 11.97 -2.08 9.37
N TYR E 425 11.69 -1.29 8.32
CA TYR E 425 12.20 -1.58 6.98
C TYR E 425 13.34 -0.64 6.60
N PRO E 426 14.32 -1.09 5.79
CA PRO E 426 15.42 -0.24 5.35
C PRO E 426 15.12 0.70 4.20
N THR E 427 15.74 1.90 4.20
CA THR E 427 15.76 2.74 3.02
C THR E 427 17.17 2.81 2.45
N VAL E 428 18.18 2.49 3.28
CA VAL E 428 19.57 2.42 2.83
C VAL E 428 19.93 1.01 2.38
N GLY E 429 21.03 0.95 1.63
CA GLY E 429 21.63 -0.32 1.31
C GLY E 429 20.90 -0.98 0.14
N TYR E 430 21.31 -2.22 -0.12
CA TYR E 430 20.70 -3.02 -1.17
C TYR E 430 19.31 -3.46 -0.73
N GLY E 431 19.15 -3.77 0.55
CA GLY E 431 17.84 -4.13 1.09
C GLY E 431 16.87 -2.96 0.98
N GLY E 432 17.39 -1.75 1.15
CA GLY E 432 16.57 -0.55 1.11
C GLY E 432 16.22 -0.15 -0.32
N ALA E 433 17.11 -0.47 -1.26
CA ALA E 433 16.86 -0.21 -2.66
C ALA E 433 15.66 -1.04 -3.14
N ILE E 434 15.63 -2.31 -2.70
CA ILE E 434 14.51 -3.21 -2.94
C ILE E 434 13.25 -2.58 -2.32
N TRP E 435 13.30 -2.22 -1.04
CA TRP E 435 12.13 -1.72 -0.35
C TRP E 435 11.58 -0.45 -1.01
N LEU E 436 12.45 0.54 -1.26
CA LEU E 436 12.04 1.77 -1.93
C LEU E 436 11.39 1.49 -3.29
N ALA E 437 12.03 0.72 -4.17
CA ALA E 437 11.54 0.55 -5.53
C ALA E 437 10.22 -0.21 -5.52
N GLU E 438 10.18 -1.32 -4.76
CA GLU E 438 8.98 -2.14 -4.72
C GLU E 438 7.84 -1.36 -4.08
N GLN E 439 8.11 -0.53 -3.07
CA GLN E 439 7.03 0.17 -2.38
C GLN E 439 6.57 1.39 -3.20
N MET E 440 7.47 1.99 -3.98
CA MET E 440 7.04 3.03 -4.92
C MET E 440 6.11 2.38 -5.94
N ALA E 441 6.51 1.24 -6.49
CA ALA E 441 5.70 0.52 -7.45
C ALA E 441 4.34 0.21 -6.84
N ASN E 442 4.34 -0.34 -5.63
CA ASN E 442 3.11 -0.82 -5.02
C ASN E 442 2.15 0.34 -4.77
N THR E 443 2.74 1.51 -4.47
CA THR E 443 2.02 2.74 -4.26
C THR E 443 1.38 3.21 -5.57
N LEU E 444 2.15 3.18 -6.67
CA LEU E 444 1.67 3.54 -7.99
C LEU E 444 0.54 2.62 -8.43
N PHE E 445 0.73 1.31 -8.18
CA PHE E 445 -0.22 0.27 -8.52
C PHE E 445 -1.55 0.52 -7.84
N ALA E 446 -1.55 0.73 -6.53
CA ALA E 446 -2.78 1.02 -5.81
C ALA E 446 -3.45 2.26 -6.40
N ASP E 447 -2.66 3.23 -6.83
CA ASP E 447 -3.22 4.46 -7.38
C ASP E 447 -3.86 4.17 -8.74
N MET E 448 -3.23 3.30 -9.54
CA MET E 448 -3.73 2.97 -10.86
C MET E 448 -5.07 2.26 -10.70
N GLU E 449 -5.22 1.45 -9.66
CA GLU E 449 -6.49 0.79 -9.40
C GLU E 449 -7.56 1.77 -8.91
N HIS E 450 -7.16 2.71 -8.04
N HIS E 450 -7.15 2.75 -8.09
CA HIS E 450 -8.04 3.74 -7.54
CA HIS E 450 -8.04 3.73 -7.52
C HIS E 450 -8.66 4.52 -8.69
C HIS E 450 -8.62 4.63 -8.61
N LYS E 451 -7.79 4.98 -9.62
CA LYS E 451 -8.19 5.87 -10.69
C LYS E 451 -8.63 5.14 -11.95
N LYS E 452 -8.57 3.80 -11.97
CA LYS E 452 -8.82 3.01 -13.17
C LYS E 452 -7.90 3.47 -14.30
N ASN E 453 -6.62 3.62 -14.01
CA ASN E 453 -5.66 4.09 -14.99
C ASN E 453 -4.83 2.91 -15.50
N LYS E 454 -5.34 2.24 -16.53
CA LYS E 454 -4.73 1.05 -17.08
C LYS E 454 -4.51 -0.01 -15.99
N GLU E 455 -5.44 -0.15 -15.05
CA GLU E 455 -5.22 -1.05 -13.91
C GLU E 455 -5.09 -2.50 -14.42
N TRP E 456 -5.65 -2.74 -15.60
CA TRP E 456 -5.69 -4.07 -16.21
C TRP E 456 -4.30 -4.50 -16.71
N VAL E 457 -3.31 -3.59 -16.68
CA VAL E 457 -1.97 -3.88 -17.20
C VAL E 457 -1.11 -4.59 -16.14
N LEU E 458 -1.63 -4.78 -14.93
CA LEU E 458 -0.80 -5.28 -13.83
C LEU E 458 -0.82 -6.81 -13.74
N ASN E 459 -0.99 -7.48 -14.88
CA ASN E 459 -1.18 -8.91 -14.94
C ASN E 459 0.08 -9.66 -15.43
N VAL E 460 0.73 -9.18 -16.50
CA VAL E 460 1.83 -9.92 -17.10
C VAL E 460 3.03 -9.01 -17.36
N TRP E 461 3.28 -8.10 -16.42
CA TRP E 461 4.58 -7.44 -16.27
C TRP E 461 5.59 -8.43 -15.64
N VAL F 1 -13.08 26.40 61.06
CA VAL F 1 -14.57 26.28 60.99
C VAL F 1 -14.96 24.84 61.35
N GLU F 2 -16.06 24.71 62.10
CA GLU F 2 -16.56 23.42 62.56
C GLU F 2 -17.66 22.94 61.64
N ALA F 3 -17.70 21.63 61.39
CA ALA F 3 -18.75 21.03 60.59
C ALA F 3 -20.10 21.30 61.25
N PRO F 4 -21.13 21.80 60.53
CA PRO F 4 -22.44 22.03 61.15
C PRO F 4 -23.06 20.72 61.62
N VAL F 5 -24.07 20.82 62.48
CA VAL F 5 -24.77 19.65 62.99
C VAL F 5 -26.27 19.89 62.82
N HIS F 6 -27.05 18.81 62.89
CA HIS F 6 -28.49 18.92 62.65
C HIS F 6 -29.17 17.65 63.15
N PRO F 7 -30.42 17.73 63.69
CA PRO F 7 -31.14 16.52 64.08
C PRO F 7 -31.18 15.52 62.94
N MET F 8 -31.44 16.01 61.72
CA MET F 8 -31.71 15.18 60.55
C MET F 8 -30.45 14.95 59.72
N ASP F 9 -29.29 14.79 60.38
CA ASP F 9 -28.02 14.59 59.70
C ASP F 9 -28.00 13.30 58.90
N ALA F 10 -28.75 12.28 59.36
CA ALA F 10 -28.85 11.02 58.67
C ALA F 10 -29.35 11.24 57.25
N ARG F 11 -30.43 12.03 57.14
CA ARG F 11 -31.13 12.21 55.89
C ARG F 11 -30.40 13.23 55.02
N ILE F 12 -29.61 14.09 55.66
CA ILE F 12 -28.79 15.08 54.96
C ILE F 12 -27.51 14.42 54.46
N ASP F 13 -27.09 13.32 55.10
CA ASP F 13 -26.00 12.52 54.59
C ASP F 13 -26.40 11.99 53.21
N GLU F 14 -27.67 11.61 53.04
CA GLU F 14 -28.13 11.00 51.81
C GLU F 14 -28.27 12.05 50.71
N LEU F 15 -28.85 13.21 51.06
CA LEU F 15 -29.14 14.23 50.06
C LEU F 15 -27.86 14.92 49.59
N THR F 16 -26.84 14.96 50.47
CA THR F 16 -25.57 15.60 50.19
C THR F 16 -24.76 14.72 49.24
N ASP F 17 -24.67 13.43 49.58
CA ASP F 17 -24.12 12.40 48.71
C ASP F 17 -24.67 12.58 47.29
N TYR F 18 -26.00 12.64 47.14
CA TYR F 18 -26.59 12.77 45.81
C TYR F 18 -26.02 13.96 45.04
N ILE F 19 -25.93 15.12 45.70
CA ILE F 19 -25.55 16.35 45.02
C ILE F 19 -24.06 16.28 44.61
N MET F 20 -23.25 15.68 45.48
CA MET F 20 -21.83 15.52 45.23
C MET F 20 -21.59 14.59 44.04
N LYS F 21 -22.49 13.62 43.83
CA LYS F 21 -22.29 12.57 42.83
C LYS F 21 -22.93 12.96 41.49
N ASN F 22 -23.85 13.93 41.48
CA ASN F 22 -24.66 14.18 40.30
C ASN F 22 -24.63 15.64 39.85
N CYS F 23 -24.42 16.61 40.76
CA CYS F 23 -24.67 18.01 40.40
C CYS F 23 -23.34 18.75 40.24
N LEU F 24 -23.36 19.84 39.45
CA LEU F 24 -22.18 20.67 39.24
C LEU F 24 -22.42 22.12 39.69
N TRP F 25 -23.68 22.49 39.95
CA TRP F 25 -24.03 23.88 40.21
C TRP F 25 -23.40 24.37 41.52
N GLN F 26 -22.92 23.42 42.36
CA GLN F 26 -22.38 23.73 43.68
C GLN F 26 -20.88 24.03 43.63
N PHE F 27 -20.27 24.04 42.43
CA PHE F 27 -18.81 24.11 42.32
C PHE F 27 -18.40 25.26 41.41
N HIS F 28 -19.17 26.37 41.41
CA HIS F 28 -18.78 27.54 40.62
C HIS F 28 -17.48 28.12 41.19
N SER F 29 -16.99 29.21 40.57
CA SER F 29 -15.55 29.50 40.54
C SER F 29 -15.05 30.23 41.78
N ARG F 30 -15.93 30.96 42.49
CA ARG F 30 -15.52 31.88 43.56
C ARG F 30 -16.57 31.86 44.68
N SER F 31 -16.11 32.19 45.90
CA SER F 31 -16.91 32.06 47.12
C SER F 31 -18.27 32.75 46.99
N TRP F 32 -18.26 33.99 46.49
CA TRP F 32 -19.47 34.77 46.36
C TRP F 32 -20.45 34.14 45.37
N ASP F 33 -19.93 33.55 44.29
CA ASP F 33 -20.74 32.84 43.33
C ASP F 33 -21.36 31.62 44.01
N ARG F 34 -20.54 30.87 44.76
CA ARG F 34 -20.98 29.68 45.49
C ARG F 34 -22.06 30.01 46.52
N GLU F 35 -21.91 31.14 47.22
CA GLU F 35 -22.90 31.59 48.19
C GLU F 35 -24.24 31.75 47.49
N ARG F 36 -24.20 32.50 46.38
CA ARG F 36 -25.36 32.80 45.55
C ARG F 36 -26.03 31.51 45.07
N GLN F 37 -25.22 30.61 44.46
CA GLN F 37 -25.72 29.38 43.86
C GLN F 37 -26.36 28.50 44.93
N ASN F 38 -25.60 28.22 46.00
CA ASN F 38 -26.10 27.39 47.09
C ASN F 38 -27.45 27.92 47.59
N ALA F 39 -27.53 29.24 47.80
CA ALA F 39 -28.71 29.84 48.42
C ALA F 39 -29.90 29.76 47.47
N GLU F 40 -29.69 30.20 46.22
CA GLU F 40 -30.78 30.39 45.25
C GLU F 40 -31.42 29.07 44.79
N ILE F 41 -30.60 28.02 44.64
CA ILE F 41 -31.06 26.76 44.07
C ILE F 41 -31.69 25.91 45.17
N LEU F 42 -31.10 25.91 46.37
CA LEU F 42 -31.69 25.21 47.50
C LEU F 42 -32.97 25.91 47.96
N LYS F 43 -33.06 27.22 47.73
CA LYS F 43 -34.29 27.96 47.96
C LYS F 43 -35.39 27.32 47.11
N LYS F 44 -35.18 27.28 45.78
CA LYS F 44 -36.23 26.85 44.87
C LYS F 44 -36.53 25.35 45.03
N THR F 45 -35.53 24.59 45.50
CA THR F 45 -35.74 23.17 45.77
C THR F 45 -36.73 23.00 46.92
N LYS F 46 -36.52 23.75 48.01
CA LYS F 46 -37.47 23.79 49.12
C LYS F 46 -38.85 24.20 48.58
N GLU F 47 -38.90 25.34 47.90
CA GLU F 47 -40.16 25.88 47.38
C GLU F 47 -40.94 24.78 46.66
N LEU F 48 -40.26 24.07 45.74
CA LEU F 48 -40.90 23.05 44.90
C LEU F 48 -41.31 21.85 45.74
N LEU F 49 -40.40 21.36 46.58
CA LEU F 49 -40.67 20.31 47.54
C LEU F 49 -41.86 20.64 48.46
N CYS F 50 -42.15 21.94 48.67
CA CYS F 50 -43.14 22.35 49.66
C CYS F 50 -44.41 22.88 48.98
N GLY F 51 -44.61 22.56 47.69
CA GLY F 51 -45.80 22.99 46.97
C GLY F 51 -45.87 24.50 46.80
N GLU F 52 -44.87 25.22 47.32
CA GLU F 52 -44.86 26.67 47.30
C GLU F 52 -44.50 27.14 45.90
N PRO F 53 -44.97 28.33 45.47
CA PRO F 53 -44.65 28.86 44.15
C PRO F 53 -43.18 29.27 44.07
N VAL F 54 -42.68 29.51 42.85
CA VAL F 54 -41.30 29.93 42.63
C VAL F 54 -41.31 31.15 41.71
N ASP F 55 -40.28 31.97 41.86
CA ASP F 55 -40.16 33.22 41.15
C ASP F 55 -39.29 32.99 39.91
N LEU F 56 -39.87 33.16 38.72
CA LEU F 56 -39.15 32.91 37.48
C LEU F 56 -39.02 34.20 36.66
N SER F 57 -38.73 35.34 37.32
CA SER F 57 -38.90 36.65 36.71
C SER F 57 -37.63 37.19 36.07
N THR F 58 -36.47 36.58 36.37
CA THR F 58 -35.23 36.83 35.62
C THR F 58 -34.74 35.53 34.98
N SER F 59 -33.83 35.69 34.00
CA SER F 59 -33.25 34.51 33.37
C SER F 59 -32.39 33.76 34.40
N HIS F 60 -31.79 34.49 35.36
CA HIS F 60 -31.02 33.86 36.42
C HIS F 60 -31.91 32.92 37.24
N ASP F 61 -33.17 33.32 37.46
CA ASP F 61 -34.10 32.54 38.26
C ASP F 61 -34.39 31.22 37.55
N ARG F 62 -34.67 31.30 36.24
CA ARG F 62 -34.95 30.14 35.42
C ARG F 62 -33.77 29.15 35.45
N CYS F 63 -32.53 29.67 35.43
CA CYS F 63 -31.32 28.87 35.47
C CYS F 63 -31.20 28.14 36.80
N TYR F 64 -31.55 28.81 37.90
CA TYR F 64 -31.53 28.17 39.21
C TYR F 64 -32.65 27.13 39.24
N TRP F 65 -33.79 27.51 38.68
CA TRP F 65 -35.01 26.71 38.71
C TRP F 65 -34.79 25.34 38.06
N VAL F 66 -34.04 25.32 36.94
CA VAL F 66 -33.91 24.10 36.15
C VAL F 66 -33.11 23.06 36.95
N ASP F 67 -32.03 23.50 37.61
CA ASP F 67 -31.28 22.62 38.49
C ASP F 67 -32.14 22.25 39.68
N ALA F 68 -32.99 23.17 40.13
CA ALA F 68 -33.85 22.93 41.28
C ALA F 68 -34.86 21.83 40.94
N VAL F 69 -35.54 21.98 39.80
CA VAL F 69 -36.55 21.02 39.37
C VAL F 69 -35.97 19.61 39.33
N CYS F 70 -34.80 19.44 38.69
CA CYS F 70 -34.21 18.12 38.52
C CYS F 70 -33.84 17.51 39.87
N LEU F 71 -33.33 18.36 40.77
CA LEU F 71 -32.88 17.88 42.08
C LEU F 71 -34.10 17.46 42.92
N ALA F 72 -35.16 18.25 42.88
CA ALA F 72 -36.39 17.95 43.60
C ALA F 72 -36.89 16.57 43.15
N ASP F 73 -37.06 16.42 41.83
CA ASP F 73 -37.62 15.21 41.21
C ASP F 73 -36.82 13.97 41.61
N ASP F 74 -35.49 14.07 41.64
CA ASP F 74 -34.67 12.90 41.93
C ASP F 74 -34.81 12.53 43.41
N TYR F 75 -35.06 13.54 44.24
CA TYR F 75 -35.26 13.35 45.67
C TYR F 75 -36.55 12.56 45.89
N ARG F 76 -37.62 12.96 45.21
CA ARG F 76 -38.92 12.29 45.33
C ARG F 76 -38.87 10.86 44.79
N GLU F 77 -38.07 10.62 43.74
CA GLU F 77 -37.97 9.30 43.13
C GLU F 77 -37.03 8.42 43.95
N HIS F 78 -35.78 8.89 44.12
CA HIS F 78 -34.70 8.04 44.63
C HIS F 78 -34.68 8.02 46.16
N TYR F 79 -35.28 9.03 46.81
CA TYR F 79 -35.32 9.11 48.26
C TYR F 79 -36.77 9.28 48.69
N PRO F 80 -37.65 8.28 48.46
CA PRO F 80 -39.09 8.50 48.49
C PRO F 80 -39.62 8.71 49.91
N TRP F 81 -38.81 8.39 50.93
CA TRP F 81 -39.14 8.75 52.31
C TRP F 81 -39.51 10.23 52.42
N ILE F 82 -38.80 11.09 51.70
CA ILE F 82 -39.02 12.53 51.77
C ILE F 82 -40.49 12.85 51.52
N ASN F 83 -41.18 12.01 50.76
CA ASN F 83 -42.54 12.28 50.29
C ASN F 83 -43.54 12.23 51.44
N SER F 84 -43.22 11.51 52.52
CA SER F 84 -44.06 11.43 53.72
C SER F 84 -43.45 12.25 54.86
N MET F 85 -43.26 13.55 54.60
CA MET F 85 -42.71 14.50 55.56
C MET F 85 -43.45 15.82 55.36
N SER F 86 -43.76 16.52 56.46
CA SER F 86 -44.53 17.75 56.39
C SER F 86 -43.65 18.91 55.93
N LYS F 87 -44.29 19.97 55.43
CA LYS F 87 -43.60 21.17 54.99
C LYS F 87 -42.73 21.73 56.11
N GLU F 88 -43.17 21.50 57.37
CA GLU F 88 -42.39 21.89 58.54
C GLU F 88 -41.06 21.15 58.55
N GLU F 89 -41.08 19.83 58.38
CA GLU F 89 -39.88 18.99 58.49
C GLU F 89 -38.98 19.19 57.27
N ILE F 90 -39.60 19.46 56.11
CA ILE F 90 -38.90 19.62 54.84
C ILE F 90 -38.09 20.91 54.86
N GLY F 91 -38.70 22.01 55.31
CA GLY F 91 -38.01 23.28 55.47
C GLY F 91 -36.82 23.17 56.43
N SER F 92 -36.98 22.33 57.46
CA SER F 92 -35.93 22.05 58.41
C SER F 92 -34.81 21.23 57.76
N LEU F 93 -35.20 20.25 56.93
CA LEU F 93 -34.27 19.40 56.21
C LEU F 93 -33.43 20.24 55.25
N MET F 94 -34.07 21.19 54.56
CA MET F 94 -33.42 22.00 53.54
C MET F 94 -32.43 22.99 54.15
N GLN F 95 -32.77 23.54 55.33
CA GLN F 95 -31.88 24.46 56.03
C GLN F 95 -30.63 23.73 56.51
N GLY F 96 -30.81 22.50 57.02
CA GLY F 96 -29.70 21.62 57.36
C GLY F 96 -28.82 21.30 56.15
N LEU F 97 -29.44 21.13 54.99
CA LEU F 97 -28.73 20.79 53.77
C LEU F 97 -27.88 21.97 53.32
N LYS F 98 -28.51 23.15 53.16
CA LYS F 98 -27.83 24.36 52.73
C LYS F 98 -26.61 24.63 53.59
N ASP F 99 -26.73 24.36 54.90
CA ASP F 99 -25.64 24.63 55.83
C ASP F 99 -24.50 23.66 55.57
N ARG F 100 -24.83 22.39 55.31
CA ARG F 100 -23.78 21.43 55.01
C ARG F 100 -23.15 21.79 53.67
N MET F 101 -23.98 22.14 52.68
CA MET F 101 -23.49 22.47 51.36
C MET F 101 -22.59 23.70 51.42
N ASP F 102 -23.01 24.74 52.17
CA ASP F 102 -22.22 25.95 52.36
C ASP F 102 -20.92 25.63 53.09
N TYR F 103 -20.97 24.67 54.02
CA TYR F 103 -19.77 24.27 54.72
C TYR F 103 -18.77 23.59 53.78
N LEU F 104 -19.29 22.59 53.04
CA LEU F 104 -18.46 21.69 52.24
C LEU F 104 -17.83 22.44 51.07
N THR F 105 -18.57 23.40 50.50
CA THR F 105 -18.18 24.10 49.29
C THR F 105 -17.65 25.52 49.55
N ILE F 106 -17.92 26.09 50.73
CA ILE F 106 -17.55 27.48 50.98
C ILE F 106 -16.69 27.60 52.24
N THR F 107 -17.30 27.43 53.42
CA THR F 107 -16.68 27.88 54.66
C THR F 107 -15.69 26.82 55.16
N GLY F 108 -15.92 25.56 54.78
CA GLY F 108 -15.04 24.45 55.11
C GLY F 108 -14.12 24.05 53.96
N SER F 109 -14.24 24.74 52.81
CA SER F 109 -13.57 24.34 51.58
C SER F 109 -12.06 24.49 51.68
N LEU F 110 -11.33 23.48 51.19
CA LEU F 110 -9.87 23.52 51.10
C LEU F 110 -9.42 24.12 49.77
N ASN F 111 -10.38 24.54 48.92
CA ASN F 111 -10.08 25.16 47.64
C ASN F 111 -9.63 26.60 47.88
N GLU F 112 -8.32 26.85 47.77
CA GLU F 112 -7.74 28.11 48.20
C GLU F 112 -8.06 29.23 47.20
N GLU F 113 -8.55 28.88 46.00
CA GLU F 113 -8.64 29.82 44.91
C GLU F 113 -9.93 30.64 45.01
N LEU F 114 -10.83 30.22 45.91
CA LEU F 114 -12.20 30.73 45.95
C LEU F 114 -12.28 32.22 46.29
N SER F 115 -11.15 32.81 46.74
CA SER F 115 -11.07 34.19 47.17
C SER F 115 -10.33 35.08 46.18
N ASP F 116 -9.79 34.53 45.08
CA ASP F 116 -9.22 35.37 44.04
C ASP F 116 -10.28 36.36 43.59
N LYS F 117 -9.96 37.65 43.64
CA LYS F 117 -10.91 38.69 43.33
C LYS F 117 -11.09 38.77 41.81
N HIS F 118 -10.11 38.28 41.05
CA HIS F 118 -10.17 38.32 39.60
C HIS F 118 -10.52 36.94 39.06
N TYR F 119 -11.43 36.92 38.07
CA TYR F 119 -11.82 35.72 37.35
C TYR F 119 -10.69 35.28 36.39
S4B S5Q G . 1.23 -11.60 -29.32
FE8 S5Q G . 1.26 -13.69 -28.24
FE5 S5Q G . 1.62 -12.97 -31.00
S3A S5Q G . 2.74 -12.18 -32.81
FE7 S5Q G . -0.73 -12.46 -29.89
S5A S5Q G . -2.46 -11.11 -30.42
S3B S5Q G . -0.99 -14.32 -28.62
FE6 S5Q G . -0.10 -14.92 -30.55
S2B S5Q G . -1.09 -16.44 -31.76
S1B S5Q G . 2.07 -14.93 -30.03
CX S5Q G . -0.24 -13.27 -31.70
FE4 S5Q G . 0.64 -12.65 -33.36
S1A S5Q G . 0.14 -14.32 -34.87
S4A S5Q G . -0.63 -10.79 -33.92
FE1 S5Q G . -1.51 -12.68 -34.83
FE3 S5Q G . -1.68 -12.01 -32.31
S2A S5Q G . -3.01 -13.53 -33.39
FE2 S5Q G . -1.04 -14.57 -32.96
C1 HCA H . 0.10 -17.66 -25.63
C2 HCA H . -0.28 -16.20 -25.46
C3 HCA H . 0.89 -15.22 -25.61
C4 HCA H . 1.90 -15.49 -24.48
C5 HCA H . 3.05 -14.50 -24.41
C6 HCA H . 4.11 -14.82 -23.36
C7 HCA H . 0.36 -13.78 -25.42
O1 HCA H . -0.34 -18.51 -24.79
O2 HCA H . 0.89 -17.90 -26.56
O3 HCA H . 4.75 -15.88 -23.48
O4 HCA H . 4.26 -14.02 -22.41
O5 HCA H . -0.26 -13.53 -24.35
O6 HCA H . 0.61 -13.00 -26.39
O7 HCA H . 1.46 -15.30 -26.92
FE1 CLF I . -5.56 -29.39 -23.00
FE2 CLF I . -3.87 -28.34 -21.53
FE3 CLF I . -4.69 -26.74 -23.68
FE4 CLF I . -6.28 -27.37 -21.64
S1 CLF I . -5.81 -29.57 -20.62
S2A CLF I . -3.50 -28.69 -23.76
S4A CLF I . -4.44 -26.07 -21.56
S3A CLF I . -6.83 -27.62 -23.85
FE5 CLF I . -6.54 -28.04 -18.81
FE6 CLF I . -6.35 -30.61 -18.35
FE7 CLF I . -5.49 -28.83 -16.49
FE8 CLF I . -4.30 -29.33 -18.83
S2B CLF I . -7.77 -29.06 -17.05
S3B CLF I . -4.44 -30.76 -17.09
S4B CLF I . -4.63 -27.26 -17.87
O O J . -1.01 -16.14 -31.78
S H2S K . 2.21 -22.23 -30.12
MG MG L . 13.47 -11.91 -9.14
MG MG M . 6.41 -0.80 19.22
S4B S5Q N . -8.26 16.09 25.99
FE8 S5Q N . -6.08 16.70 26.15
FE5 S5Q N . -8.05 17.11 27.98
S3A S5Q N . -9.47 16.51 29.60
FE7 S5Q N . -8.36 18.30 25.61
S5A S5Q N . -10.02 19.19 24.41
S3B S5Q N . -6.21 18.90 25.26
FE6 S5Q N . -6.69 19.26 27.39
S2B S5Q N . -6.48 21.27 28.23
S1B S5Q N . -5.86 17.43 28.40
CX S5Q N . -8.70 18.96 27.46
FE4 S5Q N . -10.02 18.57 28.91
S1A S5Q N . -9.69 20.32 30.33
S4A S5Q N . -11.94 18.98 27.84
FE1 S5Q N . -11.19 20.94 28.69
FE3 S5Q N . -10.28 19.79 26.56
S2A S5Q N . -9.98 22.01 27.09
FE2 S5Q N . -8.62 20.75 28.34
C1 HCA O . -1.59 18.54 25.23
C2 HCA O . -2.65 18.08 24.24
C3 HCA O . -3.33 16.76 24.59
C4 HCA O . -2.21 15.70 24.49
C5 HCA O . -2.69 14.29 24.84
C6 HCA O . -1.61 13.22 24.77
C7 HCA O . -4.40 16.40 23.52
O1 HCA O . -1.89 18.53 26.45
O2 HCA O . -0.47 18.88 24.79
O3 HCA O . -0.68 13.28 25.60
O4 HCA O . -1.68 12.36 23.87
O5 HCA O . -5.57 16.20 23.90
O6 HCA O . -3.97 16.32 22.31
O7 HCA O . -3.92 16.85 25.89
O O P . -6.84 21.10 28.40
S H2S Q . -0.05 21.02 31.13
FE1 CLF R . 7.92 27.80 24.41
FE2 CLF R . 8.39 25.45 23.94
FE3 CLF R . 5.82 26.10 24.39
FE4 CLF R . 7.14 26.91 22.22
S1 CLF R . 9.50 27.23 22.65
S2A CLF R . 7.51 26.15 25.95
S4A CLF R . 6.50 24.75 22.76
S3A CLF R . 5.85 28.30 23.52
FE5 CLF R . 9.22 26.38 20.30
FE6 CLF R . 11.58 27.27 21.12
FE7 CLF R . 11.45 25.05 19.62
FE8 CLF R . 10.69 25.23 22.19
S2B CLF R . 10.85 27.11 18.75
S3B CLF R . 12.82 25.41 21.47
S4B CLF R . 9.60 24.16 20.51
#